data_1T6J
#
_entry.id   1T6J
#
_cell.length_a   107.86
_cell.length_b   107.86
_cell.length_c   204.38
_cell.angle_alpha   90.00
_cell.angle_beta   90.00
_cell.angle_gamma   120.00
#
_symmetry.space_group_name_H-M   'P 32 2 1'
#
loop_
_entity.id
_entity.type
_entity.pdbx_description
1 polymer 'phenylalanine ammonia-lyase'
2 non-polymer '4-CARBOXYCINNAMIC ACID'
3 water water
#
_entity_poly.entity_id   1
_entity_poly.type   'polypeptide(L)'
_entity_poly.pdbx_seq_one_letter_code
;(MSE)APSLDSISHSFANGVASAKQAVNGASTNLAVAGSHLPTTQVTQVDIVEK(MSE)LAAPTDSTLELDGYSLNLGDV
VSAARKGRPVRVKDSDEIRSKIDKSVEFLRSQLS(MSE)SVYGVTTGFGGSADTRTEDAISLQKALLEHQLCGVLPSSFD
SFRLGRGLENSLPLEVVRGA(MSE)TIRVNSLTRGHSAVRLVVLEALTNFLNHGITPIVPLRGTIS(175)DLSPLSYIA
AAISGHPDSKVHVVHEGKEKILYAREA(MSE)ALFNLEPVVLGPKEGLGLVNGTAVSAS(MSE)ATLALHDAH(MSE)LS
LLSQSLTA(MSE)TVEA(MSE)VGHAGSFHPFLHDVTRPHPTQIEVAGNIRKLLEGSRFAVHHEEEVKVKDDEGILRQDR
YPLRTSPQWLGPLVSDLIHAHAVLTIEAGQSTTDNPLIDVENKTSHHGGNFQAAAVANT(MSE)EKTRLGLAQIGKLNFT
QLTE(MSE)LNAG(MSE)NRGLPSCLAAEDPSLSYHCKGLDIAAAAYTSELGHLANPVTTHVQPAE(MSE)ANQAVNSLA
LISARRTTESNDVLSLLLATHLYCVLQAIDLRAIEFEFKKQFGPAIVSLIDQHFGSA(MSE)TGSNLRDELVEKVNKTLA
KRLEQTNSYDLVPRWHDAFSFAAGTVVEVLSSTSLSLAAVNAWKVAAAESAISLTRQVRETFWSAASTSSPALSYLSPRT
QILYAFVREELGVKARRGDVFLGKQEVTIGSNVSKIYEAIKSGRINNVLLK(MSE)LA
;
_entity_poly.pdbx_strand_id   A,B
#
loop_
_chem_comp.id
_chem_comp.type
_chem_comp.name
_chem_comp.formula
CIN non-polymer '4-CARBOXYCINNAMIC ACID' 'C10 H8 O4'
#
# COMPACT_ATOMS: atom_id res chain seq x y z
N THR A 39 23.09 -6.48 -18.76
CA THR A 39 24.13 -7.16 -19.58
C THR A 39 24.19 -8.64 -19.18
N THR A 40 24.13 -9.53 -20.16
CA THR A 40 24.19 -10.96 -19.87
C THR A 40 25.61 -11.41 -19.54
N GLN A 41 26.33 -10.57 -18.81
CA GLN A 41 27.69 -10.87 -18.38
C GLN A 41 27.92 -10.16 -17.06
N VAL A 42 27.74 -10.93 -16.01
CA VAL A 42 27.88 -10.52 -14.61
C VAL A 42 26.48 -10.49 -14.00
N THR A 43 26.25 -11.47 -13.14
CA THR A 43 25.00 -11.61 -12.46
C THR A 43 25.21 -11.25 -11.00
N GLN A 44 24.11 -11.14 -10.27
CA GLN A 44 24.19 -10.81 -8.87
C GLN A 44 24.95 -11.90 -8.14
N VAL A 45 24.78 -13.14 -8.58
CA VAL A 45 25.49 -14.25 -7.96
C VAL A 45 26.99 -14.08 -8.15
N ASP A 46 27.44 -13.76 -9.37
CA ASP A 46 28.87 -13.56 -9.59
C ASP A 46 29.40 -12.59 -8.55
N ILE A 47 28.66 -11.49 -8.38
CA ILE A 47 28.99 -10.44 -7.43
C ILE A 47 29.03 -10.93 -5.99
N VAL A 48 28.05 -11.72 -5.58
CA VAL A 48 28.01 -12.23 -4.23
C VAL A 48 29.18 -13.19 -3.94
N GLU A 49 29.52 -14.03 -4.91
CA GLU A 49 30.63 -14.96 -4.73
C GLU A 49 31.94 -14.20 -4.57
N LYS A 50 32.09 -13.13 -5.35
CA LYS A 50 33.28 -12.29 -5.31
C LYS A 50 33.36 -11.67 -3.91
N MSE A 51 32.27 -11.05 -3.46
CA MSE A 51 32.25 -10.44 -2.14
C MSE A 51 32.55 -11.44 -1.03
O MSE A 51 33.31 -11.14 -0.12
CB MSE A 51 30.89 -9.80 -1.82
CG MSE A 51 30.56 -8.54 -2.58
SE MSE A 51 29.06 -7.65 -1.71
CE MSE A 51 27.89 -9.16 -1.42
N LEU A 52 31.92 -12.62 -1.11
CA LEU A 52 32.11 -13.64 -0.09
C LEU A 52 33.52 -14.22 -0.11
N ALA A 53 34.26 -14.02 -1.19
CA ALA A 53 35.61 -14.54 -1.26
C ALA A 53 36.59 -13.64 -0.50
N ALA A 54 36.19 -12.39 -0.25
CA ALA A 54 37.04 -11.44 0.47
C ALA A 54 37.65 -12.06 1.72
N PRO A 55 39.00 -12.01 1.84
CA PRO A 55 39.72 -12.57 2.99
C PRO A 55 39.46 -11.79 4.28
N THR A 56 39.45 -12.49 5.40
CA THR A 56 39.23 -11.86 6.70
C THR A 56 40.50 -11.95 7.52
N ASP A 57 41.42 -12.78 7.05
CA ASP A 57 42.68 -13.01 7.72
C ASP A 57 43.81 -12.19 7.08
N SER A 58 44.03 -12.40 5.79
CA SER A 58 45.09 -11.69 5.10
C SER A 58 44.85 -10.18 5.24
N THR A 59 45.94 -9.42 5.30
CA THR A 59 45.83 -7.98 5.44
C THR A 59 45.34 -7.34 4.15
N LEU A 60 44.46 -6.35 4.30
CA LEU A 60 43.92 -5.63 3.17
C LEU A 60 44.84 -4.46 2.83
N GLU A 61 45.25 -4.34 1.58
CA GLU A 61 46.13 -3.24 1.19
C GLU A 61 45.40 -2.18 0.37
N LEU A 62 45.36 -0.97 0.90
CA LEU A 62 44.70 0.15 0.26
C LEU A 62 45.64 0.89 -0.68
N ASP A 63 45.32 0.90 -1.98
CA ASP A 63 46.15 1.55 -2.97
C ASP A 63 45.44 2.67 -3.73
N GLY A 64 44.25 3.03 -3.26
CA GLY A 64 43.46 4.08 -3.89
C GLY A 64 42.67 3.73 -5.14
N TYR A 65 42.79 2.49 -5.62
CA TYR A 65 42.07 2.08 -6.83
C TYR A 65 41.47 0.68 -6.84
N SER A 66 42.03 -0.27 -6.11
CA SER A 66 41.49 -1.63 -6.16
C SER A 66 40.57 -2.06 -5.02
N LEU A 67 40.32 -1.17 -4.06
CA LEU A 67 39.46 -1.51 -2.95
C LEU A 67 38.07 -1.85 -3.46
N ASN A 68 37.58 -3.06 -3.20
CA ASN A 68 36.22 -3.43 -3.65
C ASN A 68 35.23 -3.52 -2.50
N LEU A 69 33.95 -3.73 -2.83
CA LEU A 69 32.92 -3.79 -1.82
C LEU A 69 33.09 -4.92 -0.82
N GLY A 70 33.48 -6.10 -1.30
CA GLY A 70 33.69 -7.21 -0.39
C GLY A 70 34.79 -6.84 0.59
N ASP A 71 35.80 -6.12 0.10
CA ASP A 71 36.91 -5.70 0.95
C ASP A 71 36.45 -4.77 2.07
N VAL A 72 35.75 -3.68 1.75
CA VAL A 72 35.33 -2.79 2.83
C VAL A 72 34.45 -3.52 3.84
N VAL A 73 33.57 -4.41 3.38
CA VAL A 73 32.73 -5.14 4.30
C VAL A 73 33.56 -6.06 5.20
N SER A 74 34.63 -6.67 4.69
CA SER A 74 35.44 -7.56 5.52
C SER A 74 36.18 -6.78 6.60
N ALA A 75 36.56 -5.56 6.29
CA ALA A 75 37.27 -4.67 7.20
C ALA A 75 36.35 -4.07 8.27
N ALA A 76 35.12 -3.74 7.87
CA ALA A 76 34.17 -3.15 8.80
C ALA A 76 33.54 -4.14 9.78
N ARG A 77 33.19 -5.33 9.30
CA ARG A 77 32.55 -6.35 10.13
C ARG A 77 33.38 -7.52 10.60
N LYS A 78 34.37 -7.92 9.82
CA LYS A 78 35.17 -9.08 10.18
C LYS A 78 36.54 -8.78 10.79
N GLY A 79 36.76 -7.53 11.20
CA GLY A 79 38.02 -7.16 11.81
C GLY A 79 39.25 -7.49 10.98
N ARG A 80 39.12 -7.40 9.66
CA ARG A 80 40.25 -7.69 8.80
C ARG A 80 41.33 -6.63 8.99
N PRO A 81 42.61 -7.04 9.01
CA PRO A 81 43.69 -6.07 9.17
C PRO A 81 43.71 -5.14 7.98
N VAL A 82 44.03 -3.87 8.19
CA VAL A 82 44.06 -2.92 7.10
C VAL A 82 45.33 -2.06 7.13
N ARG A 83 45.89 -1.82 5.95
CA ARG A 83 47.08 -1.01 5.85
C ARG A 83 47.23 -0.36 4.48
N VAL A 84 47.82 0.82 4.46
CA VAL A 84 48.07 1.51 3.22
C VAL A 84 49.16 0.66 2.55
N LYS A 85 48.87 0.21 1.34
CA LYS A 85 49.78 -0.65 0.59
C LYS A 85 51.25 -0.23 0.62
N ASP A 86 52.10 -1.20 0.95
CA ASP A 86 53.54 -1.02 1.00
C ASP A 86 54.02 -0.87 -0.44
N SER A 87 53.96 0.35 -0.98
CA SER A 87 54.32 0.60 -2.36
C SER A 87 55.57 1.41 -2.70
N ASP A 88 55.54 2.72 -2.43
CA ASP A 88 56.64 3.64 -2.73
C ASP A 88 56.03 4.64 -3.70
N GLU A 89 55.29 4.13 -4.67
CA GLU A 89 54.60 4.96 -5.63
C GLU A 89 53.53 5.68 -4.82
N ILE A 90 52.87 4.94 -3.96
CA ILE A 90 51.82 5.49 -3.10
C ILE A 90 52.42 6.50 -2.14
N ARG A 91 53.55 6.13 -1.54
CA ARG A 91 54.23 7.01 -0.60
C ARG A 91 54.69 8.29 -1.27
N SER A 92 55.31 8.15 -2.44
CA SER A 92 55.81 9.29 -3.18
C SER A 92 54.73 10.31 -3.52
N LYS A 93 53.64 9.87 -4.13
CA LYS A 93 52.57 10.79 -4.50
C LYS A 93 51.97 11.43 -3.24
N ILE A 94 51.95 10.69 -2.14
CA ILE A 94 51.43 11.23 -0.90
C ILE A 94 52.37 12.33 -0.44
N ASP A 95 53.65 11.98 -0.29
CA ASP A 95 54.66 12.92 0.14
C ASP A 95 54.74 14.12 -0.80
N LYS A 96 54.54 13.89 -2.10
CA LYS A 96 54.59 14.97 -3.09
C LYS A 96 53.44 15.94 -2.90
N SER A 97 52.29 15.41 -2.51
CA SER A 97 51.10 16.23 -2.31
C SER A 97 51.36 17.20 -1.16
N VAL A 98 51.92 16.67 -0.09
CA VAL A 98 52.24 17.45 1.10
C VAL A 98 53.27 18.53 0.78
N GLU A 99 54.34 18.15 0.11
CA GLU A 99 55.40 19.09 -0.26
C GLU A 99 54.86 20.23 -1.10
N PHE A 100 54.10 19.91 -2.14
CA PHE A 100 53.53 20.93 -3.01
C PHE A 100 52.73 21.95 -2.21
N LEU A 101 52.19 21.52 -1.08
CA LEU A 101 51.42 22.42 -0.24
C LEU A 101 52.32 23.21 0.70
N ARG A 102 53.34 22.57 1.24
CA ARG A 102 54.26 23.24 2.15
C ARG A 102 54.84 24.48 1.46
N SER A 103 55.04 24.39 0.15
CA SER A 103 55.59 25.51 -0.61
C SER A 103 54.50 26.44 -1.10
N GLN A 104 53.26 26.18 -0.71
CA GLN A 104 52.13 27.01 -1.11
C GLN A 104 52.06 27.13 -2.63
N THR A 124 53.62 29.30 8.66
CA THR A 124 53.51 28.52 9.88
C THR A 124 52.94 29.35 11.02
N GLU A 125 51.62 29.34 11.17
CA GLU A 125 50.95 30.10 12.21
C GLU A 125 49.54 29.58 12.48
N ASP A 126 48.57 30.33 11.96
CA ASP A 126 47.17 30.02 12.11
C ASP A 126 46.78 28.79 11.30
N ALA A 127 47.76 28.16 10.67
CA ALA A 127 47.52 26.97 9.86
C ALA A 127 46.92 25.88 10.75
N ILE A 128 47.49 25.69 11.93
CA ILE A 128 47.02 24.69 12.87
C ILE A 128 45.79 25.21 13.61
N SER A 129 45.81 26.50 13.94
CA SER A 129 44.70 27.14 14.63
C SER A 129 43.40 27.00 13.84
N LEU A 130 43.48 27.31 12.55
CA LEU A 130 42.32 27.21 11.67
C LEU A 130 41.72 25.82 11.76
N GLN A 131 42.58 24.81 11.73
CA GLN A 131 42.13 23.43 11.82
C GLN A 131 41.29 23.27 13.09
N LYS A 132 41.80 23.80 14.20
CA LYS A 132 41.09 23.71 15.47
C LYS A 132 39.71 24.36 15.36
N ALA A 133 39.60 25.41 14.55
CA ALA A 133 38.33 26.10 14.37
C ALA A 133 37.38 25.36 13.41
N LEU A 134 37.93 24.52 12.56
CA LEU A 134 37.14 23.75 11.62
C LEU A 134 36.65 22.47 12.27
N LEU A 135 37.33 22.05 13.32
CA LEU A 135 36.98 20.84 14.03
C LEU A 135 36.00 21.17 15.16
N GLU A 136 36.14 22.37 15.72
CA GLU A 136 35.31 22.83 16.81
C GLU A 136 33.82 22.87 16.44
N HIS A 137 33.46 23.63 15.43
CA HIS A 137 32.07 23.75 15.05
C HIS A 137 31.47 22.46 14.49
N GLN A 138 32.31 21.53 14.05
CA GLN A 138 31.82 20.28 13.52
C GLN A 138 31.50 19.24 14.60
N LEU A 139 32.15 19.35 15.77
CA LEU A 139 31.86 18.42 16.86
C LEU A 139 30.62 18.98 17.56
N CYS A 140 29.51 18.95 16.82
CA CYS A 140 28.22 19.49 17.23
C CYS A 140 27.07 18.48 17.29
N GLY A 141 27.37 17.19 17.28
CA GLY A 141 26.30 16.21 17.32
C GLY A 141 25.91 15.74 18.71
N VAL A 142 24.78 15.05 18.81
CA VAL A 142 24.32 14.57 20.10
C VAL A 142 24.76 13.15 20.41
N LEU A 143 25.16 12.97 21.66
CA LEU A 143 25.65 11.70 22.14
C LEU A 143 25.37 11.70 23.65
N PRO A 144 25.13 10.53 24.26
CA PRO A 144 24.85 10.48 25.70
C PRO A 144 25.94 11.18 26.50
N SER A 145 25.56 12.27 27.16
CA SER A 145 26.49 13.06 27.94
C SER A 145 27.19 12.24 29.03
N SER A 146 26.48 11.28 29.59
CA SER A 146 27.02 10.43 30.65
C SER A 146 26.69 8.96 30.45
N PHE A 147 27.30 8.13 31.27
CA PHE A 147 27.10 6.69 31.22
C PHE A 147 25.88 6.31 32.06
N ASP A 148 25.42 7.25 32.88
CA ASP A 148 24.26 7.05 33.75
C ASP A 148 23.00 6.75 32.94
N SER A 149 22.92 7.28 31.73
CA SER A 149 21.76 7.07 30.90
C SER A 149 21.70 5.67 30.31
N PHE A 150 22.83 4.99 30.21
CA PHE A 150 22.87 3.63 29.67
C PHE A 150 21.97 2.72 30.48
N ARG A 151 21.46 1.69 29.83
CA ARG A 151 20.60 0.71 30.47
C ARG A 151 20.87 -0.62 29.80
N LEU A 152 20.33 -1.69 30.35
CA LEU A 152 20.53 -3.01 29.77
C LEU A 152 20.01 -3.03 28.33
N GLY A 153 20.89 -3.36 27.39
CA GLY A 153 20.54 -3.41 25.97
C GLY A 153 20.17 -2.10 25.32
N ARG A 154 20.58 -0.99 25.94
CA ARG A 154 20.27 0.34 25.44
C ARG A 154 21.42 1.28 25.75
N GLY A 155 21.38 2.50 25.22
CA GLY A 155 22.44 3.44 25.55
C GLY A 155 23.16 4.13 24.42
N LEU A 156 23.43 3.41 23.33
CA LEU A 156 24.14 4.00 22.22
C LEU A 156 23.29 4.21 20.96
N GLU A 157 21.99 4.44 21.13
CA GLU A 157 21.09 4.66 19.99
C GLU A 157 21.48 5.88 19.18
N ASN A 158 22.01 6.90 19.84
CA ASN A 158 22.39 8.13 19.17
C ASN A 158 23.81 8.11 18.62
N SER A 159 24.33 6.92 18.37
CA SER A 159 25.67 6.78 17.82
C SER A 159 25.62 5.91 16.58
N LEU A 160 26.53 6.18 15.66
CA LEU A 160 26.65 5.44 14.41
C LEU A 160 27.15 4.04 14.73
N PRO A 161 26.66 3.01 14.01
CA PRO A 161 27.12 1.64 14.27
C PRO A 161 28.63 1.51 14.11
N LEU A 162 29.27 0.71 14.97
CA LEU A 162 30.71 0.53 14.90
C LEU A 162 31.21 0.12 13.52
N GLU A 163 30.51 -0.79 12.84
CA GLU A 163 30.95 -1.23 11.52
C GLU A 163 30.95 -0.10 10.49
N VAL A 164 30.05 0.86 10.65
CA VAL A 164 29.98 1.97 9.73
C VAL A 164 31.21 2.82 9.93
N VAL A 165 31.57 3.06 11.19
CA VAL A 165 32.74 3.86 11.52
C VAL A 165 34.01 3.15 11.05
N ARG A 166 34.11 1.85 11.24
CA ARG A 166 35.29 1.12 10.78
C ARG A 166 35.35 1.14 9.25
N GLY A 167 34.19 1.01 8.60
CA GLY A 167 34.17 1.05 7.16
C GLY A 167 34.50 2.43 6.65
N ALA A 168 34.09 3.44 7.39
CA ALA A 168 34.35 4.82 7.03
C ALA A 168 35.85 5.10 7.10
N MSE A 169 36.51 4.59 8.14
CA MSE A 169 37.94 4.83 8.27
C MSE A 169 38.70 4.12 7.15
O MSE A 169 39.66 4.67 6.62
CB MSE A 169 38.44 4.37 9.63
CG MSE A 169 37.99 5.26 10.79
SE MSE A 169 38.72 4.76 12.51
CE MSE A 169 39.50 6.44 13.00
N THR A 170 38.25 2.93 6.76
CA THR A 170 38.94 2.19 5.71
C THR A 170 38.83 2.95 4.40
N ILE A 171 37.64 3.46 4.09
CA ILE A 171 37.42 4.21 2.86
C ILE A 171 38.14 5.55 2.91
N ARG A 172 38.21 6.16 4.08
CA ARG A 172 38.89 7.43 4.26
C ARG A 172 40.36 7.28 3.88
N VAL A 173 40.99 6.22 4.38
CA VAL A 173 42.39 5.99 4.08
C VAL A 173 42.60 5.69 2.59
N ASN A 174 41.86 4.73 2.06
CA ASN A 174 41.99 4.36 0.66
C ASN A 174 41.99 5.56 -0.29
N SER A 175 41.10 6.52 -0.07
CA SER A 175 41.06 7.70 -0.93
C SER A 175 42.25 8.65 -0.67
N LEU A 176 42.72 8.74 0.57
CA LEU A 176 43.86 9.63 0.85
C LEU A 176 45.16 9.13 0.22
N THR A 177 45.17 7.89 -0.26
CA THR A 177 46.38 7.35 -0.88
C THR A 177 46.51 7.76 -2.35
N ARG A 178 45.52 8.49 -2.85
CA ARG A 178 45.51 8.91 -4.24
C ARG A 178 46.35 10.16 -4.50
N GLY A 179 46.96 10.70 -3.45
CA GLY A 179 47.79 11.89 -3.58
C GLY A 179 47.10 13.11 -4.16
N HIS A 180 45.89 13.37 -3.71
CA HIS A 180 45.11 14.52 -4.18
C HIS A 180 44.74 15.37 -2.96
N SER A 181 44.71 14.71 -1.80
CA SER A 181 44.33 15.35 -0.56
C SER A 181 45.42 16.14 0.17
N ALA A 182 46.68 15.71 0.05
CA ALA A 182 47.80 16.39 0.69
C ALA A 182 47.82 16.20 2.21
N VAL A 183 47.61 14.96 2.66
CA VAL A 183 47.65 14.67 4.08
C VAL A 183 48.74 13.64 4.38
N ARG A 184 49.63 14.00 5.30
CA ARG A 184 50.75 13.13 5.68
C ARG A 184 50.39 11.67 5.89
N LEU A 185 51.30 10.79 5.47
CA LEU A 185 51.13 9.36 5.60
C LEU A 185 51.00 8.92 7.06
N VAL A 186 51.57 9.69 7.97
CA VAL A 186 51.48 9.34 9.38
C VAL A 186 50.03 9.49 9.86
N VAL A 187 49.26 10.31 9.16
CA VAL A 187 47.86 10.52 9.51
C VAL A 187 47.01 9.35 9.04
N LEU A 188 47.30 8.83 7.85
CA LEU A 188 46.57 7.70 7.33
C LEU A 188 46.87 6.51 8.24
N GLU A 189 48.11 6.44 8.72
CA GLU A 189 48.55 5.37 9.61
C GLU A 189 47.87 5.44 10.95
N ALA A 190 47.53 6.65 11.39
CA ALA A 190 46.84 6.80 12.66
C ALA A 190 45.52 6.06 12.54
N LEU A 191 44.87 6.19 11.38
CA LEU A 191 43.60 5.54 11.11
C LEU A 191 43.69 4.02 11.00
N THR A 192 44.70 3.49 10.28
CA THR A 192 44.81 2.05 10.17
C THR A 192 45.18 1.41 11.50
N ASN A 193 45.94 2.12 12.33
CA ASN A 193 46.30 1.59 13.63
C ASN A 193 45.03 1.46 14.48
N PHE A 194 44.14 2.45 14.38
CA PHE A 194 42.90 2.39 15.13
C PHE A 194 42.12 1.17 14.68
N LEU A 195 42.06 0.96 13.38
CA LEU A 195 41.35 -0.19 12.83
C LEU A 195 42.00 -1.50 13.27
N ASN A 196 43.32 -1.58 13.16
CA ASN A 196 44.03 -2.80 13.54
C ASN A 196 44.06 -3.05 15.04
N HIS A 197 43.81 -2.03 15.86
CA HIS A 197 43.78 -2.20 17.31
C HIS A 197 42.38 -2.20 17.89
N GLY A 198 41.38 -2.38 17.02
CA GLY A 198 40.01 -2.42 17.46
C GLY A 198 39.52 -1.14 18.10
N ILE A 199 40.16 -0.01 17.76
CA ILE A 199 39.75 1.27 18.31
C ILE A 199 38.75 1.91 17.36
N THR A 200 37.53 2.14 17.83
CA THR A 200 36.50 2.74 16.99
C THR A 200 35.90 3.96 17.67
N PRO A 201 36.00 5.13 17.01
CA PRO A 201 35.48 6.37 17.54
C PRO A 201 33.95 6.36 17.63
N ILE A 202 33.42 6.87 18.72
CA ILE A 202 31.97 6.93 18.91
C ILE A 202 31.52 8.19 18.17
N VAL A 203 30.66 8.07 17.17
CA VAL A 203 30.22 9.24 16.44
C VAL A 203 28.69 9.36 16.40
N PRO A 204 28.17 10.59 16.54
CA PRO A 204 26.72 10.79 16.53
C PRO A 204 26.07 10.28 15.25
N LEU A 205 24.92 9.63 15.46
CA LEU A 205 24.14 9.05 14.38
C LEU A 205 23.67 10.10 13.39
N ARG A 206 23.24 11.26 13.88
CA ARG A 206 22.71 12.30 13.01
C ARG A 206 23.44 13.62 13.04
N GLY A 207 23.17 14.43 12.01
CA GLY A 207 23.78 15.74 11.93
C GLY A 207 24.35 16.11 10.58
N THR A 208 24.64 15.12 9.75
CA THR A 208 25.22 15.37 8.43
C THR A 208 24.18 15.41 7.28
N ILE A 209 24.42 16.27 6.30
CA ILE A 209 23.53 16.38 5.15
C ILE A 209 24.20 15.70 3.95
N SER A 210 25.38 15.15 4.22
CA SER A 210 26.17 14.43 3.24
C SER A 210 26.67 15.25 2.06
N 175 A 211 27.23 16.40 2.42
CA 175 A 211 27.82 17.33 1.48
C2 175 A 211 29.12 18.03 1.87
CB 175 A 211 26.75 18.33 1.04
N2 175 A 211 29.35 19.24 2.03
C3 175 A 211 30.74 19.48 2.49
C5 175 A 211 31.20 18.07 2.54
O6 175 A 211 32.37 17.75 2.88
C4 175 A 211 31.43 20.71 2.80
N0 175 A 211 30.26 17.20 2.16
C0 175 A 211 30.19 15.82 2.62
N5 175 A 211 32.89 20.56 2.49
C 175 A 211 29.74 15.51 4.05
O 175 A 211 28.99 16.26 4.67
N ASP A 212 30.20 14.37 4.55
CA ASP A 212 29.88 13.91 5.91
C ASP A 212 30.84 14.61 6.87
N LEU A 213 30.85 15.93 6.80
CA LEU A 213 31.74 16.76 7.62
C LEU A 213 31.75 16.48 9.12
N SER A 214 30.59 16.49 9.77
CA SER A 214 30.53 16.27 11.22
C SER A 214 30.96 14.87 11.67
N PRO A 215 30.37 13.81 11.11
CA PRO A 215 30.78 12.46 11.56
C PRO A 215 32.28 12.22 11.32
N LEU A 216 32.78 12.74 10.20
CA LEU A 216 34.19 12.59 9.85
C LEU A 216 35.07 13.36 10.84
N SER A 217 34.59 14.50 11.31
CA SER A 217 35.36 15.31 12.26
C SER A 217 35.54 14.58 13.59
N TYR A 218 34.54 13.84 14.04
CA TYR A 218 34.68 13.09 15.28
C TYR A 218 35.82 12.09 15.09
N ILE A 219 35.96 11.55 13.88
CA ILE A 219 37.03 10.59 13.62
C ILE A 219 38.39 11.30 13.71
N ALA A 220 38.47 12.47 13.10
CA ALA A 220 39.70 13.26 13.11
C ALA A 220 40.05 13.68 14.53
N ALA A 221 39.05 14.12 15.28
CA ALA A 221 39.26 14.54 16.65
C ALA A 221 39.85 13.41 17.48
N ALA A 222 39.33 12.20 17.31
CA ALA A 222 39.82 11.04 18.05
C ALA A 222 41.29 10.76 17.83
N ILE A 223 41.76 10.76 16.59
CA ILE A 223 43.17 10.47 16.34
C ILE A 223 44.05 11.63 16.81
N SER A 224 43.55 12.85 16.64
CA SER A 224 44.30 14.01 17.05
C SER A 224 44.19 14.25 18.56
N GLY A 225 43.70 13.23 19.27
CA GLY A 225 43.56 13.31 20.72
C GLY A 225 42.85 14.54 21.25
N HIS A 226 41.57 14.68 20.92
CA HIS A 226 40.82 15.82 21.42
C HIS A 226 40.39 15.50 22.85
N PRO A 227 40.45 16.49 23.74
CA PRO A 227 40.07 16.30 25.15
C PRO A 227 38.69 15.71 25.38
N ASP A 228 37.71 16.14 24.59
CA ASP A 228 36.34 15.65 24.74
C ASP A 228 36.03 14.44 23.86
N SER A 229 36.97 14.06 23.00
CA SER A 229 36.78 12.92 22.12
C SER A 229 36.78 11.60 22.91
N LYS A 230 35.80 10.75 22.61
CA LYS A 230 35.67 9.47 23.27
C LYS A 230 35.69 8.39 22.21
N VAL A 231 36.17 7.20 22.57
CA VAL A 231 36.25 6.11 21.63
C VAL A 231 35.82 4.79 22.27
N HIS A 232 35.61 3.80 21.42
CA HIS A 232 35.22 2.47 21.84
C HIS A 232 36.38 1.53 21.58
N VAL A 233 36.51 0.48 22.39
CA VAL A 233 37.59 -0.48 22.21
C VAL A 233 37.41 -1.65 23.18
N VAL A 234 37.82 -2.84 22.77
CA VAL A 234 37.70 -4.02 23.63
C VAL A 234 39.03 -4.26 24.32
N HIS A 235 39.04 -4.17 25.65
CA HIS A 235 40.27 -4.37 26.41
C HIS A 235 40.31 -5.74 27.09
N GLU A 236 40.67 -6.76 26.31
CA GLU A 236 40.77 -8.13 26.81
C GLU A 236 39.60 -8.53 27.69
N GLY A 237 38.62 -9.20 27.08
CA GLY A 237 37.45 -9.67 27.81
C GLY A 237 36.20 -8.84 27.60
N LYS A 238 36.27 -7.55 27.92
CA LYS A 238 35.12 -6.68 27.78
C LYS A 238 35.38 -5.43 26.93
N GLU A 239 34.29 -4.77 26.54
CA GLU A 239 34.37 -3.56 25.75
C GLU A 239 34.20 -2.34 26.66
N LYS A 240 34.93 -1.28 26.34
CA LYS A 240 34.88 -0.07 27.14
C LYS A 240 34.86 1.17 26.25
N ILE A 241 34.53 2.30 26.84
CA ILE A 241 34.51 3.56 26.13
C ILE A 241 35.41 4.51 26.90
N LEU A 242 36.61 4.72 26.37
CA LEU A 242 37.61 5.56 27.00
C LEU A 242 37.84 6.81 26.16
N TYR A 243 38.58 7.76 26.70
CA TYR A 243 38.89 8.97 25.95
C TYR A 243 39.93 8.62 24.90
N ALA A 244 40.05 9.47 23.87
CA ALA A 244 41.00 9.26 22.79
C ALA A 244 42.43 9.03 23.29
N ARG A 245 43.00 10.02 23.98
CA ARG A 245 44.36 9.89 24.48
C ARG A 245 44.49 8.80 25.53
N GLU A 246 43.36 8.35 26.07
CA GLU A 246 43.36 7.30 27.08
C GLU A 246 43.46 5.93 26.43
N ALA A 247 42.83 5.80 25.26
CA ALA A 247 42.87 4.52 24.55
C ALA A 247 44.21 4.36 23.84
N MSE A 248 44.67 5.44 23.21
CA MSE A 248 45.94 5.43 22.49
C MSE A 248 47.11 5.12 23.42
O MSE A 248 48.08 4.49 23.01
CB MSE A 248 46.18 6.77 21.81
CG MSE A 248 45.24 7.05 20.67
SE MSE A 248 45.64 8.71 19.77
CE MSE A 248 44.55 9.89 20.85
N ALA A 249 46.99 5.57 24.67
CA ALA A 249 48.03 5.32 25.65
C ALA A 249 48.17 3.83 25.87
N LEU A 250 47.04 3.14 25.99
CA LEU A 250 47.05 1.71 26.20
C LEU A 250 47.71 0.91 25.09
N PHE A 251 47.55 1.34 23.83
CA PHE A 251 48.16 0.60 22.72
C PHE A 251 49.44 1.22 22.19
N ASN A 252 50.03 2.13 22.97
CA ASN A 252 51.28 2.76 22.57
C ASN A 252 51.12 3.55 21.28
N LEU A 253 49.96 4.15 21.07
CA LEU A 253 49.74 4.94 19.86
C LEU A 253 49.84 6.41 20.20
N GLU A 254 50.52 7.19 19.37
CA GLU A 254 50.66 8.61 19.63
C GLU A 254 49.71 9.49 18.82
N PRO A 255 49.04 10.43 19.50
CA PRO A 255 48.10 11.36 18.86
C PRO A 255 48.77 12.16 17.76
N VAL A 256 48.09 12.33 16.64
CA VAL A 256 48.65 13.10 15.53
C VAL A 256 48.30 14.56 15.72
N VAL A 257 49.00 15.42 14.99
CA VAL A 257 48.76 16.85 15.07
C VAL A 257 48.49 17.33 13.66
N LEU A 258 47.24 17.70 13.39
CA LEU A 258 46.83 18.16 12.08
C LEU A 258 47.54 19.43 11.65
N GLY A 259 48.09 19.41 10.44
CA GLY A 259 48.79 20.58 9.91
C GLY A 259 48.00 21.27 8.81
N PRO A 260 48.64 22.20 8.08
CA PRO A 260 48.06 22.97 6.98
C PRO A 260 47.10 22.21 6.07
N LYS A 261 45.87 22.72 5.98
CA LYS A 261 44.83 22.13 5.14
C LYS A 261 44.62 20.63 5.36
N GLU A 262 45.40 20.03 6.27
CA GLU A 262 45.30 18.62 6.54
C GLU A 262 43.97 18.29 7.22
N GLY A 263 43.25 19.30 7.66
CA GLY A 263 41.97 19.09 8.31
C GLY A 263 40.83 18.93 7.31
N LEU A 264 40.82 19.74 6.26
CA LEU A 264 39.79 19.64 5.24
C LEU A 264 40.01 18.36 4.46
N GLY A 265 41.28 17.98 4.34
CA GLY A 265 41.61 16.76 3.62
C GLY A 265 41.07 15.55 4.34
N LEU A 266 40.75 15.74 5.63
CA LEU A 266 40.21 14.66 6.44
C LEU A 266 38.70 14.74 6.61
N VAL A 267 38.20 15.91 7.01
CA VAL A 267 36.77 16.07 7.23
C VAL A 267 35.94 16.16 5.95
N ASN A 268 36.57 16.44 4.82
CA ASN A 268 35.84 16.49 3.57
C ASN A 268 35.66 15.06 3.07
N GLY A 269 34.63 14.80 2.29
CA GLY A 269 34.44 13.45 1.78
C GLY A 269 33.12 12.78 2.09
N THR A 270 32.89 11.65 1.45
CA THR A 270 31.67 10.88 1.62
C THR A 270 31.94 9.49 2.21
N ALA A 271 33.11 9.30 2.83
CA ALA A 271 33.46 8.01 3.40
C ALA A 271 32.46 7.38 4.36
N VAL A 272 31.78 8.19 5.18
CA VAL A 272 30.83 7.65 6.13
C VAL A 272 29.57 7.14 5.43
N SER A 273 29.11 7.86 4.40
CA SER A 273 27.93 7.47 3.64
C SER A 273 28.23 6.25 2.79
N ALA A 274 29.35 6.35 2.07
CA ALA A 274 29.78 5.27 1.21
C ALA A 274 29.93 4.00 2.03
N SER A 275 30.38 4.14 3.28
CA SER A 275 30.56 2.97 4.13
C SER A 275 29.23 2.30 4.50
N MSE A 276 28.31 3.06 5.10
CA MSE A 276 27.03 2.48 5.46
C MSE A 276 26.29 1.97 4.22
O MSE A 276 25.66 0.92 4.28
CB MSE A 276 26.17 3.51 6.21
CG MSE A 276 24.91 2.93 6.81
SE MSE A 276 24.11 4.04 8.20
CE MSE A 276 23.51 2.63 9.39
N ALA A 277 26.40 2.69 3.11
CA ALA A 277 25.75 2.29 1.86
C ALA A 277 26.29 0.97 1.34
N THR A 278 27.60 0.77 1.47
CA THR A 278 28.26 -0.46 1.04
C THR A 278 27.79 -1.61 1.92
N LEU A 279 27.64 -1.36 3.22
CA LEU A 279 27.16 -2.41 4.10
C LEU A 279 25.71 -2.78 3.71
N ALA A 280 24.90 -1.77 3.41
CA ALA A 280 23.52 -1.98 3.05
C ALA A 280 23.34 -2.69 1.70
N LEU A 281 24.09 -2.29 0.69
CA LEU A 281 23.97 -2.97 -0.61
C LEU A 281 24.40 -4.42 -0.47
N HIS A 282 25.45 -4.64 0.32
CA HIS A 282 25.96 -5.97 0.55
C HIS A 282 24.88 -6.87 1.17
N ASP A 283 24.18 -6.32 2.17
CA ASP A 283 23.14 -7.07 2.82
C ASP A 283 21.95 -7.30 1.88
N ALA A 284 21.61 -6.28 1.08
CA ALA A 284 20.50 -6.37 0.13
C ALA A 284 20.70 -7.44 -0.96
N HIS A 285 21.93 -7.63 -1.41
CA HIS A 285 22.22 -8.65 -2.42
C HIS A 285 21.78 -9.99 -1.86
N MSE A 286 22.20 -10.24 -0.62
CA MSE A 286 21.88 -11.47 0.09
C MSE A 286 20.37 -11.67 0.17
O MSE A 286 19.82 -12.71 -0.18
CB MSE A 286 22.51 -11.39 1.49
CG MSE A 286 23.73 -12.30 1.70
SE MSE A 286 25.01 -12.39 0.25
CE MSE A 286 26.44 -11.33 0.97
N LEU A 287 19.67 -10.64 0.65
CA LEU A 287 18.22 -10.70 0.76
C LEU A 287 17.58 -10.96 -0.61
N SER A 288 18.18 -10.43 -1.67
CA SER A 288 17.68 -10.64 -3.04
C SER A 288 17.73 -12.13 -3.43
N LEU A 289 18.87 -12.75 -3.16
CA LEU A 289 19.06 -14.16 -3.48
C LEU A 289 18.22 -15.07 -2.58
N LEU A 290 17.97 -14.62 -1.35
CA LEU A 290 17.16 -15.39 -0.43
C LEU A 290 15.72 -15.37 -0.93
N SER A 291 15.30 -14.23 -1.44
CA SER A 291 13.94 -14.06 -1.98
C SER A 291 13.65 -15.07 -3.10
N GLN A 292 14.64 -15.24 -3.97
CA GLN A 292 14.57 -16.15 -5.09
C GLN A 292 14.55 -17.60 -4.62
N SER A 293 15.33 -17.89 -3.60
CA SER A 293 15.37 -19.22 -3.03
C SER A 293 14.00 -19.50 -2.40
N LEU A 294 13.46 -18.51 -1.70
CA LEU A 294 12.15 -18.66 -1.07
C LEU A 294 11.06 -18.87 -2.11
N THR A 295 11.25 -18.31 -3.29
CA THR A 295 10.27 -18.45 -4.36
C THR A 295 10.28 -19.90 -4.82
N ALA A 296 11.48 -20.41 -5.11
CA ALA A 296 11.60 -21.78 -5.56
C ALA A 296 10.97 -22.73 -4.53
N MSE A 297 11.27 -22.52 -3.26
CA MSE A 297 10.74 -23.38 -2.23
C MSE A 297 9.25 -23.22 -2.02
O MSE A 297 8.60 -24.13 -1.50
CB MSE A 297 11.49 -23.15 -0.91
CG MSE A 297 12.97 -23.53 -1.02
SE MSE A 297 13.97 -23.33 0.61
CE MSE A 297 13.63 -25.04 1.42
N THR A 298 8.70 -22.08 -2.43
CA THR A 298 7.27 -21.85 -2.31
C THR A 298 6.60 -22.52 -3.50
N VAL A 299 7.31 -22.58 -4.63
CA VAL A 299 6.76 -23.24 -5.79
C VAL A 299 6.64 -24.72 -5.41
N GLU A 300 7.63 -25.24 -4.70
CA GLU A 300 7.63 -26.63 -4.26
C GLU A 300 6.49 -26.94 -3.28
N ALA A 301 6.42 -26.20 -2.17
CA ALA A 301 5.39 -26.41 -1.17
C ALA A 301 3.98 -26.29 -1.73
N MSE A 302 3.83 -25.43 -2.73
CA MSE A 302 2.54 -25.21 -3.38
C MSE A 302 2.31 -26.22 -4.49
O MSE A 302 1.20 -26.32 -5.03
CB MSE A 302 2.51 -23.80 -3.97
CG MSE A 302 2.47 -22.67 -2.94
SE MSE A 302 0.73 -22.52 -2.12
CE MSE A 302 -0.31 -22.08 -3.68
N VAL A 303 3.35 -26.98 -4.83
CA VAL A 303 3.23 -27.95 -5.90
C VAL A 303 2.86 -27.16 -7.15
N GLY A 304 3.62 -26.09 -7.38
CA GLY A 304 3.41 -25.22 -8.52
C GLY A 304 4.17 -25.66 -9.76
N HIS A 305 4.21 -24.77 -10.75
CA HIS A 305 4.86 -25.08 -12.02
C HIS A 305 6.24 -24.44 -12.23
N ALA A 306 7.20 -25.27 -12.63
CA ALA A 306 8.55 -24.81 -12.91
C ALA A 306 8.59 -24.15 -14.27
N GLY A 307 7.56 -24.43 -15.07
CA GLY A 307 7.49 -23.89 -16.41
C GLY A 307 7.48 -22.39 -16.53
N SER A 308 7.13 -21.69 -15.46
CA SER A 308 7.10 -20.24 -15.51
C SER A 308 8.53 -19.71 -15.62
N PHE A 309 9.50 -20.56 -15.32
CA PHE A 309 10.91 -20.17 -15.38
C PHE A 309 11.63 -20.79 -16.59
N HIS A 310 10.88 -21.06 -17.66
CA HIS A 310 11.45 -21.66 -18.87
C HIS A 310 12.09 -20.59 -19.78
N PRO A 311 13.34 -20.82 -20.21
CA PRO A 311 14.13 -19.94 -21.08
C PRO A 311 13.34 -19.24 -22.18
N PHE A 312 12.34 -19.93 -22.72
CA PHE A 312 11.54 -19.35 -23.80
C PHE A 312 10.73 -18.17 -23.30
N LEU A 313 10.32 -18.21 -22.04
CA LEU A 313 9.54 -17.14 -21.43
C LEU A 313 10.38 -15.98 -20.94
N HIS A 314 11.67 -15.99 -21.25
CA HIS A 314 12.56 -14.92 -20.82
C HIS A 314 13.66 -14.68 -21.83
N ASP A 315 14.60 -15.62 -21.91
CA ASP A 315 15.72 -15.51 -22.85
C ASP A 315 15.24 -15.21 -24.26
N VAL A 316 14.14 -15.83 -24.65
CA VAL A 316 13.61 -15.64 -25.98
C VAL A 316 12.67 -14.44 -26.12
N THR A 317 11.49 -14.57 -25.52
CA THR A 317 10.43 -13.56 -25.59
C THR A 317 10.56 -12.18 -24.90
N ARG A 318 11.29 -12.07 -23.80
CA ARG A 318 11.43 -10.80 -23.06
C ARG A 318 12.84 -10.83 -22.47
N PRO A 319 13.87 -10.71 -23.33
CA PRO A 319 15.29 -10.72 -22.99
C PRO A 319 15.89 -9.68 -22.05
N HIS A 320 15.24 -9.37 -20.93
CA HIS A 320 15.84 -8.44 -20.00
C HIS A 320 16.88 -9.27 -19.29
N PRO A 321 18.17 -8.86 -19.38
CA PRO A 321 19.23 -9.63 -18.74
C PRO A 321 18.94 -10.09 -17.31
N THR A 322 18.32 -9.27 -16.48
CA THR A 322 18.06 -9.73 -15.12
C THR A 322 16.79 -10.58 -14.99
N GLN A 323 15.93 -10.57 -16.00
CA GLN A 323 14.74 -11.41 -15.94
C GLN A 323 15.26 -12.82 -16.23
N ILE A 324 16.21 -12.87 -17.15
CA ILE A 324 16.85 -14.10 -17.55
C ILE A 324 17.62 -14.63 -16.34
N GLU A 325 18.41 -13.75 -15.72
CA GLU A 325 19.20 -14.10 -14.57
C GLU A 325 18.35 -14.69 -13.44
N VAL A 326 17.26 -14.01 -13.09
CA VAL A 326 16.38 -14.47 -12.02
C VAL A 326 15.66 -15.78 -12.38
N ALA A 327 15.12 -15.88 -13.58
CA ALA A 327 14.45 -17.08 -14.01
C ALA A 327 15.45 -18.25 -14.03
N GLY A 328 16.67 -17.94 -14.45
CA GLY A 328 17.70 -18.95 -14.52
C GLY A 328 18.02 -19.48 -13.15
N ASN A 329 18.10 -18.59 -12.15
CA ASN A 329 18.40 -19.00 -10.79
C ASN A 329 17.32 -19.89 -10.22
N ILE A 330 16.06 -19.50 -10.38
CA ILE A 330 14.95 -20.28 -9.86
C ILE A 330 14.82 -21.61 -10.62
N ARG A 331 14.95 -21.54 -11.93
CA ARG A 331 14.87 -22.72 -12.77
C ARG A 331 15.85 -23.75 -12.19
N LYS A 332 17.08 -23.30 -11.97
CA LYS A 332 18.15 -24.10 -11.42
C LYS A 332 17.78 -24.74 -10.08
N LEU A 333 17.26 -23.93 -9.17
CA LEU A 333 16.88 -24.39 -7.84
C LEU A 333 15.81 -25.46 -7.90
N LEU A 334 14.88 -25.32 -8.84
CA LEU A 334 13.77 -26.24 -9.03
C LEU A 334 14.12 -27.53 -9.79
N GLU A 335 15.26 -27.53 -10.46
CA GLU A 335 15.67 -28.71 -11.20
C GLU A 335 15.78 -29.94 -10.32
N GLY A 336 15.14 -31.03 -10.72
CA GLY A 336 15.19 -32.25 -9.95
C GLY A 336 14.21 -32.29 -8.79
N SER A 337 13.33 -31.30 -8.73
CA SER A 337 12.33 -31.26 -7.66
C SER A 337 11.19 -32.21 -7.96
N ARG A 338 10.80 -33.00 -6.96
CA ARG A 338 9.69 -33.92 -7.13
C ARG A 338 8.42 -33.25 -6.61
N PHE A 339 8.57 -32.07 -6.02
CA PHE A 339 7.44 -31.31 -5.51
C PHE A 339 6.81 -30.50 -6.63
N ALA A 340 7.63 -29.66 -7.28
CA ALA A 340 7.16 -28.83 -8.38
C ALA A 340 6.77 -29.66 -9.59
N VAL A 341 5.90 -29.09 -10.41
CA VAL A 341 5.45 -29.76 -11.62
C VAL A 341 6.29 -29.28 -12.80
N HIS A 342 6.79 -30.22 -13.61
CA HIS A 342 7.60 -29.84 -14.76
C HIS A 342 6.89 -29.99 -16.11
N HIS A 343 5.80 -30.76 -16.15
CA HIS A 343 5.06 -30.97 -17.39
C HIS A 343 3.59 -31.31 -17.16
N GLU A 344 2.77 -31.09 -18.19
CA GLU A 344 1.35 -31.38 -18.11
C GLU A 344 0.84 -32.04 -19.40
N GLU A 345 -0.10 -32.96 -19.25
CA GLU A 345 -0.68 -33.66 -20.40
C GLU A 345 -2.20 -33.65 -20.37
N GLU A 346 -2.80 -32.88 -21.29
CA GLU A 346 -4.25 -32.76 -21.39
C GLU A 346 -4.66 -31.99 -22.66
N ARG A 357 -5.15 -25.87 -13.53
CA ARG A 357 -3.95 -25.26 -14.07
C ARG A 357 -4.06 -23.74 -14.10
N GLN A 358 -3.25 -23.06 -13.30
CA GLN A 358 -3.27 -21.61 -13.25
C GLN A 358 -1.94 -21.05 -12.72
N ASP A 359 -1.75 -21.15 -11.42
CA ASP A 359 -0.54 -20.66 -10.75
C ASP A 359 -0.52 -19.14 -10.79
N ARG A 360 -0.75 -18.53 -9.63
CA ARG A 360 -0.82 -17.08 -9.50
C ARG A 360 0.48 -16.29 -9.64
N TYR A 361 0.29 -15.00 -9.94
CA TYR A 361 1.36 -14.03 -10.15
C TYR A 361 2.50 -14.03 -9.15
N PRO A 362 2.21 -14.22 -7.85
CA PRO A 362 3.32 -14.22 -6.91
C PRO A 362 4.45 -15.14 -7.35
N LEU A 363 4.09 -16.33 -7.82
CA LEU A 363 5.08 -17.27 -8.27
C LEU A 363 5.41 -17.11 -9.75
N ARG A 364 4.39 -17.16 -10.59
CA ARG A 364 4.52 -17.07 -12.05
C ARG A 364 5.19 -15.82 -12.60
N THR A 365 4.98 -14.67 -11.97
CA THR A 365 5.60 -13.44 -12.46
C THR A 365 6.80 -13.03 -11.62
N SER A 366 7.31 -13.93 -10.78
CA SER A 366 8.46 -13.60 -9.93
C SER A 366 9.71 -13.07 -10.66
N PRO A 367 10.05 -13.61 -11.84
CA PRO A 367 11.24 -13.11 -12.53
C PRO A 367 11.01 -11.72 -13.08
N GLN A 368 9.82 -11.47 -13.61
CA GLN A 368 9.53 -10.15 -14.14
C GLN A 368 9.32 -9.14 -13.03
N TRP A 369 9.17 -9.63 -11.81
CA TRP A 369 8.97 -8.73 -10.68
C TRP A 369 10.31 -8.33 -10.07
N LEU A 370 11.12 -9.35 -9.80
CA LEU A 370 12.43 -9.18 -9.19
C LEU A 370 13.48 -8.69 -10.16
N GLY A 371 13.36 -9.07 -11.43
CA GLY A 371 14.33 -8.69 -12.44
C GLY A 371 14.70 -7.21 -12.46
N PRO A 372 13.72 -6.30 -12.55
CA PRO A 372 14.04 -4.87 -12.59
C PRO A 372 14.82 -4.44 -11.34
N LEU A 373 14.45 -5.00 -10.19
CA LEU A 373 15.08 -4.72 -8.91
C LEU A 373 16.54 -5.17 -8.88
N VAL A 374 16.79 -6.34 -9.44
CA VAL A 374 18.13 -6.89 -9.49
C VAL A 374 19.07 -6.02 -10.32
N SER A 375 18.63 -5.49 -11.47
CA SER A 375 19.51 -4.64 -12.26
C SER A 375 19.84 -3.36 -11.52
N ASP A 376 18.90 -2.89 -10.70
CA ASP A 376 19.16 -1.68 -9.92
C ASP A 376 20.24 -1.98 -8.90
N LEU A 377 20.19 -3.17 -8.30
CA LEU A 377 21.17 -3.57 -7.30
C LEU A 377 22.53 -3.79 -7.92
N ILE A 378 22.56 -4.27 -9.16
CA ILE A 378 23.82 -4.50 -9.86
C ILE A 378 24.39 -3.14 -10.24
N HIS A 379 23.50 -2.25 -10.65
CA HIS A 379 23.88 -0.89 -11.02
C HIS A 379 24.44 -0.20 -9.78
N ALA A 380 23.76 -0.34 -8.65
CA ALA A 380 24.21 0.28 -7.41
C ALA A 380 25.62 -0.17 -7.04
N HIS A 381 25.90 -1.43 -7.35
CA HIS A 381 27.19 -2.02 -7.07
C HIS A 381 28.27 -1.36 -7.93
N ALA A 382 27.95 -1.05 -9.17
CA ALA A 382 28.91 -0.40 -10.06
C ALA A 382 29.24 0.97 -9.49
N VAL A 383 28.19 1.71 -9.16
CA VAL A 383 28.32 3.05 -8.59
C VAL A 383 29.11 3.08 -7.28
N LEU A 384 28.75 2.21 -6.34
CA LEU A 384 29.44 2.17 -5.05
C LEU A 384 30.89 1.65 -5.10
N THR A 385 31.24 0.76 -6.02
CA THR A 385 32.61 0.30 -6.04
C THR A 385 33.46 1.48 -6.52
N ILE A 386 32.97 2.22 -7.51
CA ILE A 386 33.70 3.40 -7.99
C ILE A 386 33.77 4.46 -6.89
N GLU A 387 32.65 4.71 -6.21
CA GLU A 387 32.59 5.70 -5.16
C GLU A 387 33.49 5.38 -3.98
N ALA A 388 33.38 4.15 -3.47
CA ALA A 388 34.15 3.73 -2.31
C ALA A 388 35.59 3.28 -2.56
N GLY A 389 35.96 2.96 -3.79
CA GLY A 389 37.33 2.50 -3.99
C GLY A 389 38.17 3.19 -5.04
N GLN A 390 37.58 4.14 -5.76
CA GLN A 390 38.29 4.84 -6.82
C GLN A 390 38.00 6.33 -6.89
N SER A 391 37.57 6.94 -5.78
CA SER A 391 37.25 8.36 -5.82
C SER A 391 37.77 9.14 -4.63
N THR A 392 38.21 10.36 -4.91
CA THR A 392 38.65 11.24 -3.85
C THR A 392 37.50 12.22 -3.76
N THR A 393 36.84 12.22 -2.60
CA THR A 393 35.68 13.05 -2.36
C THR A 393 35.98 14.27 -1.50
N ASP A 394 37.25 14.68 -1.47
CA ASP A 394 37.67 15.85 -0.70
C ASP A 394 37.54 17.11 -1.53
N ASN A 395 38.02 18.22 -0.97
CA ASN A 395 38.00 19.51 -1.64
C ASN A 395 38.67 20.61 -0.80
N PRO A 396 39.55 21.41 -1.41
CA PRO A 396 39.93 21.34 -2.83
C PRO A 396 40.91 20.20 -3.10
N LEU A 397 41.05 19.82 -4.36
CA LEU A 397 41.94 18.74 -4.75
C LEU A 397 43.15 19.24 -5.52
N ILE A 398 44.31 18.63 -5.25
CA ILE A 398 45.56 19.02 -5.90
C ILE A 398 45.92 18.15 -7.09
N ASP A 399 46.41 18.77 -8.15
CA ASP A 399 46.80 18.05 -9.37
C ASP A 399 48.30 17.72 -9.35
N VAL A 400 49.03 18.33 -8.42
CA VAL A 400 50.48 18.13 -8.27
C VAL A 400 51.30 18.12 -9.57
N GLU A 401 51.22 17.08 -10.37
CA GLU A 401 52.00 17.03 -11.62
C GLU A 401 51.75 18.24 -12.52
N ASN A 402 50.62 18.91 -12.37
CA ASN A 402 50.32 20.08 -13.17
C ASN A 402 50.44 21.34 -12.33
N LYS A 403 50.89 21.18 -11.09
CA LYS A 403 51.08 22.29 -10.18
C LYS A 403 49.87 23.21 -10.11
N THR A 404 48.74 22.68 -9.63
CA THR A 404 47.54 23.48 -9.52
C THR A 404 46.49 22.85 -8.61
N SER A 405 45.72 23.70 -7.92
CA SER A 405 44.68 23.26 -7.01
C SER A 405 43.32 23.49 -7.64
N HIS A 406 42.42 22.51 -7.55
CA HIS A 406 41.09 22.64 -8.14
C HIS A 406 39.98 22.70 -7.10
N HIS A 407 39.00 23.56 -7.35
CA HIS A 407 37.87 23.73 -6.45
C HIS A 407 36.59 23.17 -7.06
N GLY A 408 36.14 22.01 -6.59
CA GLY A 408 34.94 21.40 -7.13
C GLY A 408 33.97 20.95 -6.05
N GLY A 409 33.18 19.93 -6.34
CA GLY A 409 32.22 19.44 -5.35
C GLY A 409 32.09 17.93 -5.23
N ASN A 410 33.22 17.21 -5.26
CA ASN A 410 33.18 15.76 -5.17
C ASN A 410 32.70 15.22 -3.82
N PHE A 411 32.30 16.13 -2.95
CA PHE A 411 31.79 15.77 -1.63
C PHE A 411 30.28 15.61 -1.66
N GLN A 412 29.66 15.95 -2.79
CA GLN A 412 28.21 15.83 -2.96
C GLN A 412 27.90 14.34 -3.20
N ALA A 413 27.59 13.62 -2.13
CA ALA A 413 27.32 12.18 -2.25
C ALA A 413 25.99 11.82 -2.89
N ALA A 414 25.63 12.48 -3.98
CA ALA A 414 24.37 12.18 -4.65
C ALA A 414 24.44 10.78 -5.25
N ALA A 415 25.66 10.31 -5.50
CA ALA A 415 25.84 8.99 -6.07
C ALA A 415 25.47 7.91 -5.08
N VAL A 416 25.94 8.02 -3.82
CA VAL A 416 25.57 6.99 -2.87
C VAL A 416 24.14 7.16 -2.39
N ALA A 417 23.60 8.37 -2.43
CA ALA A 417 22.24 8.60 -2.01
C ALA A 417 21.33 7.92 -3.01
N ASN A 418 21.61 8.16 -4.28
CA ASN A 418 20.86 7.58 -5.37
C ASN A 418 20.82 6.05 -5.25
N THR A 419 21.92 5.41 -4.87
CA THR A 419 21.93 3.95 -4.72
C THR A 419 21.05 3.52 -3.54
N MSE A 420 21.03 4.31 -2.48
CA MSE A 420 20.22 3.97 -1.32
C MSE A 420 18.73 4.15 -1.56
O MSE A 420 17.93 3.34 -1.09
CB MSE A 420 20.67 4.79 -0.11
CG MSE A 420 22.05 4.36 0.41
SE MSE A 420 22.08 2.50 0.93
CE MSE A 420 22.87 2.59 2.65
N GLU A 421 18.36 5.19 -2.30
CA GLU A 421 16.96 5.46 -2.62
C GLU A 421 16.40 4.31 -3.45
N LYS A 422 17.14 3.91 -4.47
CA LYS A 422 16.71 2.85 -5.37
C LYS A 422 16.65 1.50 -4.67
N THR A 423 17.63 1.20 -3.85
CA THR A 423 17.68 -0.05 -3.12
C THR A 423 16.51 -0.17 -2.14
N ARG A 424 16.19 0.90 -1.43
CA ARG A 424 15.10 0.86 -0.46
C ARG A 424 13.76 0.59 -1.12
N LEU A 425 13.54 1.12 -2.32
CA LEU A 425 12.28 0.87 -3.02
C LEU A 425 12.32 -0.60 -3.44
N GLY A 426 13.49 -1.06 -3.86
CA GLY A 426 13.65 -2.46 -4.24
C GLY A 426 13.42 -3.41 -3.07
N LEU A 427 13.85 -3.01 -1.88
CA LEU A 427 13.66 -3.85 -0.71
C LEU A 427 12.18 -3.97 -0.41
N ALA A 428 11.41 -2.91 -0.70
CA ALA A 428 9.98 -2.92 -0.46
C ALA A 428 9.25 -3.76 -1.50
N GLN A 429 9.81 -3.89 -2.70
CA GLN A 429 9.19 -4.66 -3.76
C GLN A 429 9.47 -6.15 -3.55
N ILE A 430 10.63 -6.46 -2.99
CA ILE A 430 11.00 -7.83 -2.72
C ILE A 430 10.13 -8.33 -1.57
N GLY A 431 9.90 -7.48 -0.58
CA GLY A 431 9.06 -7.87 0.54
C GLY A 431 7.60 -8.08 0.16
N LYS A 432 7.09 -7.24 -0.74
CA LYS A 432 5.71 -7.34 -1.18
C LYS A 432 5.53 -8.65 -1.94
N LEU A 433 6.49 -8.98 -2.79
CA LEU A 433 6.43 -10.21 -3.57
C LEU A 433 6.40 -11.42 -2.63
N ASN A 434 7.41 -11.55 -1.77
CA ASN A 434 7.48 -12.67 -0.85
C ASN A 434 6.30 -12.73 0.10
N PHE A 435 5.76 -11.57 0.48
CA PHE A 435 4.61 -11.57 1.36
C PHE A 435 3.41 -12.18 0.65
N THR A 436 3.19 -11.77 -0.60
CA THR A 436 2.08 -12.28 -1.36
C THR A 436 2.23 -13.80 -1.54
N GLN A 437 3.45 -14.28 -1.77
CA GLN A 437 3.68 -15.71 -1.94
C GLN A 437 3.38 -16.43 -0.62
N LEU A 438 3.95 -15.90 0.45
CA LEU A 438 3.75 -16.48 1.77
C LEU A 438 2.30 -16.44 2.24
N THR A 439 1.63 -15.31 2.07
CA THR A 439 0.25 -15.23 2.53
C THR A 439 -0.64 -16.16 1.71
N GLU A 440 -0.32 -16.33 0.44
CA GLU A 440 -1.09 -17.22 -0.41
C GLU A 440 -0.93 -18.65 0.12
N MSE A 441 0.31 -19.05 0.36
CA MSE A 441 0.62 -20.38 0.88
C MSE A 441 -0.04 -20.65 2.25
O MSE A 441 -0.27 -21.80 2.62
CB MSE A 441 2.14 -20.56 0.95
CG MSE A 441 2.62 -21.88 1.54
SE MSE A 441 4.57 -21.98 1.69
CE MSE A 441 4.83 -20.51 2.92
N LEU A 442 -0.34 -19.58 2.98
CA LEU A 442 -0.96 -19.70 4.29
C LEU A 442 -2.49 -19.60 4.22
N ASN A 443 -3.04 -19.45 3.02
CA ASN A 443 -4.49 -19.33 2.84
C ASN A 443 -5.08 -20.68 2.43
N ALA A 444 -5.77 -21.33 3.38
CA ALA A 444 -6.38 -22.64 3.15
C ALA A 444 -7.15 -22.73 1.83
N GLY A 445 -7.85 -21.68 1.45
CA GLY A 445 -8.60 -21.70 0.20
C GLY A 445 -7.77 -21.27 -0.99
N MSE A 446 -6.44 -21.33 -0.84
CA MSE A 446 -5.53 -20.94 -1.91
C MSE A 446 -4.28 -21.79 -1.98
O MSE A 446 -3.71 -21.92 -3.08
CB MSE A 446 -5.09 -19.49 -1.73
CG MSE A 446 -6.12 -18.43 -2.06
SE MSE A 446 -5.39 -16.65 -1.85
CE MSE A 446 -6.96 -15.77 -1.14
N ASN A 447 -3.85 -22.36 -0.86
CA ASN A 447 -2.62 -23.16 -0.82
C ASN A 447 -2.72 -24.59 -1.32
N ARG A 448 -3.72 -24.87 -2.14
CA ARG A 448 -3.89 -26.19 -2.73
C ARG A 448 -3.77 -27.38 -1.77
N GLY A 449 -4.57 -27.43 -0.72
CA GLY A 449 -4.52 -28.59 0.18
C GLY A 449 -3.79 -28.53 1.51
N LEU A 450 -2.76 -27.70 1.62
CA LEU A 450 -2.02 -27.61 2.88
C LEU A 450 -2.92 -27.32 4.08
N PRO A 451 -2.55 -27.80 5.28
CA PRO A 451 -3.33 -27.59 6.50
C PRO A 451 -3.56 -26.10 6.84
N SER A 452 -4.76 -25.80 7.30
CA SER A 452 -5.22 -24.47 7.67
C SER A 452 -4.17 -23.38 7.99
N CYS A 453 -3.39 -23.57 9.04
CA CYS A 453 -2.37 -22.58 9.39
C CYS A 453 -1.01 -23.25 9.41
N LEU A 454 -0.88 -24.34 8.65
CA LEU A 454 0.35 -25.11 8.58
C LEU A 454 0.50 -25.87 9.90
N ALA A 455 -0.65 -26.20 10.49
CA ALA A 455 -0.66 -26.94 11.75
C ALA A 455 -0.41 -28.42 11.47
N ALA A 456 0.41 -29.05 12.30
CA ALA A 456 0.73 -30.46 12.13
C ALA A 456 -0.48 -31.32 12.47
N GLU A 457 -1.18 -30.97 13.54
CA GLU A 457 -2.35 -31.71 13.99
C GLU A 457 -3.66 -30.98 13.70
N ASP A 458 -4.73 -31.38 14.41
CA ASP A 458 -6.04 -30.78 14.22
C ASP A 458 -6.06 -29.27 14.24
N PRO A 459 -6.58 -28.66 13.17
CA PRO A 459 -6.65 -27.20 13.11
C PRO A 459 -7.54 -26.60 14.19
N SER A 460 -8.53 -27.35 14.65
CA SER A 460 -9.45 -26.82 15.67
C SER A 460 -8.76 -26.31 16.92
N LEU A 461 -7.55 -26.79 17.21
CA LEU A 461 -6.82 -26.33 18.39
C LEU A 461 -5.36 -26.05 18.03
N SER A 462 -5.15 -25.56 16.81
CA SER A 462 -3.82 -25.24 16.32
C SER A 462 -3.90 -24.22 15.18
N TYR A 463 -3.30 -23.06 15.39
CA TYR A 463 -3.28 -22.00 14.39
C TYR A 463 -1.83 -21.60 14.15
N HIS A 464 -0.97 -22.60 14.20
CA HIS A 464 0.48 -22.46 14.03
C HIS A 464 1.03 -21.16 13.47
N CYS A 465 0.81 -20.89 12.18
CA CYS A 465 1.37 -19.70 11.56
C CYS A 465 0.48 -18.48 11.38
N LYS A 466 -0.74 -18.50 11.91
CA LYS A 466 -1.64 -17.36 11.76
C LYS A 466 -0.95 -16.05 12.16
N GLY A 467 -0.32 -16.04 13.33
CA GLY A 467 0.38 -14.86 13.81
C GLY A 467 1.49 -14.41 12.88
N LEU A 468 2.17 -15.38 12.25
CA LEU A 468 3.26 -15.06 11.34
C LEU A 468 2.71 -14.43 10.10
N ASP A 469 1.52 -14.89 9.71
CA ASP A 469 0.85 -14.37 8.55
C ASP A 469 0.56 -12.90 8.83
N ILE A 470 0.21 -12.61 10.08
CA ILE A 470 -0.08 -11.24 10.47
C ILE A 470 1.18 -10.40 10.53
N ALA A 471 2.22 -10.96 11.13
CA ALA A 471 3.50 -10.29 11.27
C ALA A 471 4.10 -9.97 9.90
N ALA A 472 3.89 -10.86 8.95
CA ALA A 472 4.40 -10.68 7.59
C ALA A 472 3.78 -9.45 6.96
N ALA A 473 2.49 -9.22 7.22
CA ALA A 473 1.81 -8.05 6.67
C ALA A 473 2.38 -6.81 7.34
N ALA A 474 2.63 -6.89 8.65
CA ALA A 474 3.18 -5.77 9.41
C ALA A 474 4.55 -5.32 8.89
N TYR A 475 5.39 -6.29 8.55
CA TYR A 475 6.72 -6.00 8.04
C TYR A 475 6.59 -5.36 6.66
N THR A 476 5.71 -5.92 5.84
CA THR A 476 5.50 -5.43 4.50
C THR A 476 4.98 -4.00 4.50
N SER A 477 4.05 -3.69 5.38
CA SER A 477 3.51 -2.35 5.47
C SER A 477 4.60 -1.35 5.84
N GLU A 478 5.46 -1.73 6.78
CA GLU A 478 6.53 -0.86 7.23
C GLU A 478 7.56 -0.57 6.13
N LEU A 479 7.81 -1.59 5.31
CA LEU A 479 8.75 -1.46 4.18
C LEU A 479 8.19 -0.44 3.19
N GLY A 480 6.86 -0.39 3.09
CA GLY A 480 6.23 0.53 2.16
C GLY A 480 6.52 1.97 2.52
N HIS A 481 6.21 2.33 3.76
CA HIS A 481 6.46 3.67 4.25
C HIS A 481 7.97 3.99 4.17
N LEU A 482 8.82 3.06 4.56
CA LEU A 482 10.27 3.29 4.50
C LEU A 482 10.78 3.61 3.11
N ALA A 483 10.09 3.08 2.10
CA ALA A 483 10.48 3.23 0.71
C ALA A 483 10.36 4.63 0.11
N ASN A 484 9.57 5.51 0.69
CA ASN A 484 9.48 6.86 0.14
C ASN A 484 10.87 7.50 0.09
N PRO A 485 11.12 8.35 -0.91
CA PRO A 485 12.42 9.01 -1.06
C PRO A 485 12.77 9.99 0.05
N VAL A 486 14.07 10.07 0.35
CA VAL A 486 14.61 10.96 1.35
C VAL A 486 15.15 12.22 0.65
N THR A 487 15.71 12.02 -0.52
CA THR A 487 16.31 13.08 -1.32
C THR A 487 15.39 14.24 -1.77
N THR A 488 14.08 14.11 -1.59
CA THR A 488 13.18 15.18 -1.97
C THR A 488 12.94 16.11 -0.81
N HIS A 489 13.68 15.89 0.28
CA HIS A 489 13.50 16.70 1.47
C HIS A 489 14.67 17.62 1.81
N VAL A 490 15.46 17.94 0.79
CA VAL A 490 16.61 18.82 0.91
C VAL A 490 16.21 20.22 1.36
N GLN A 491 16.93 20.76 2.33
CA GLN A 491 16.70 22.08 2.88
C GLN A 491 17.84 23.00 2.43
N PRO A 492 17.64 24.33 2.47
CA PRO A 492 18.68 25.29 2.08
C PRO A 492 19.69 25.43 3.23
N ALA A 493 20.54 24.43 3.38
CA ALA A 493 21.52 24.42 4.46
C ALA A 493 22.68 25.40 4.34
N GLU A 494 23.31 25.63 5.48
CA GLU A 494 24.45 26.52 5.64
C GLU A 494 24.35 27.88 4.98
N MSE A 495 23.52 28.75 5.55
CA MSE A 495 23.39 30.08 5.01
C MSE A 495 23.14 30.01 3.49
O MSE A 495 23.52 30.91 2.73
CB MSE A 495 24.66 30.87 5.35
CG MSE A 495 24.96 31.11 6.89
SE MSE A 495 25.51 29.62 8.18
CE MSE A 495 27.44 29.79 8.07
N ALA A 496 22.50 28.93 3.06
CA ALA A 496 22.16 28.69 1.65
C ALA A 496 23.31 28.31 0.73
N ASN A 497 24.53 28.26 1.23
CA ASN A 497 25.67 27.89 0.39
C ASN A 497 25.57 26.42 -0.01
N GLN A 498 24.96 25.63 0.88
CA GLN A 498 24.77 24.21 0.63
C GLN A 498 23.28 24.00 0.34
N ALA A 499 22.74 24.88 -0.51
CA ALA A 499 21.33 24.82 -0.91
C ALA A 499 20.92 23.43 -1.39
N VAL A 500 21.86 22.65 -1.93
CA VAL A 500 21.54 21.29 -2.35
C VAL A 500 22.50 20.33 -1.67
N ASN A 501 21.96 19.33 -0.97
CA ASN A 501 22.77 18.33 -0.29
C ASN A 501 22.18 16.95 -0.56
N SER A 502 23.02 15.92 -0.56
CA SER A 502 22.58 14.58 -0.87
C SER A 502 21.78 13.81 0.16
N LEU A 503 21.96 14.09 1.45
CA LEU A 503 21.23 13.38 2.48
C LEU A 503 21.55 11.88 2.39
N ALA A 504 22.71 11.57 1.81
CA ALA A 504 23.13 10.20 1.62
C ALA A 504 23.16 9.32 2.86
N LEU A 505 23.68 9.79 3.99
CA LEU A 505 23.73 8.95 5.19
C LEU A 505 22.34 8.72 5.77
N ILE A 506 21.46 9.72 5.69
CA ILE A 506 20.10 9.51 6.19
C ILE A 506 19.43 8.48 5.30
N SER A 507 19.61 8.57 3.98
CA SER A 507 19.01 7.58 3.07
C SER A 507 19.62 6.19 3.37
N ALA A 508 20.94 6.16 3.55
CA ALA A 508 21.65 4.93 3.85
C ALA A 508 21.09 4.29 5.13
N ARG A 509 20.79 5.11 6.13
CA ARG A 509 20.23 4.63 7.38
C ARG A 509 18.84 4.06 7.18
N ARG A 510 18.01 4.72 6.37
CA ARG A 510 16.67 4.20 6.12
C ARG A 510 16.73 2.87 5.37
N THR A 511 17.62 2.77 4.39
CA THR A 511 17.77 1.54 3.62
C THR A 511 18.24 0.40 4.51
N THR A 512 19.06 0.73 5.49
CA THR A 512 19.61 -0.24 6.44
C THR A 512 18.50 -0.79 7.35
N GLU A 513 17.50 0.04 7.66
CA GLU A 513 16.38 -0.42 8.48
C GLU A 513 15.51 -1.33 7.62
N SER A 514 15.37 -0.97 6.34
CA SER A 514 14.61 -1.78 5.41
C SER A 514 15.25 -3.17 5.26
N ASN A 515 16.57 -3.26 5.29
CA ASN A 515 17.25 -4.56 5.19
C ASN A 515 16.83 -5.41 6.39
N ASP A 516 16.82 -4.76 7.55
CA ASP A 516 16.45 -5.41 8.80
C ASP A 516 15.01 -5.94 8.79
N VAL A 517 14.09 -5.09 8.36
CA VAL A 517 12.69 -5.43 8.28
C VAL A 517 12.43 -6.53 7.24
N LEU A 518 13.13 -6.49 6.12
CA LEU A 518 12.95 -7.51 5.08
C LEU A 518 13.49 -8.83 5.63
N SER A 519 14.53 -8.74 6.47
CA SER A 519 15.14 -9.93 7.06
C SER A 519 14.13 -10.59 7.99
N LEU A 520 13.37 -9.80 8.75
CA LEU A 520 12.37 -10.37 9.62
C LEU A 520 11.30 -11.02 8.76
N LEU A 521 10.97 -10.40 7.63
CA LEU A 521 9.93 -10.95 6.76
C LEU A 521 10.45 -12.25 6.12
N LEU A 522 11.62 -12.21 5.51
CA LEU A 522 12.16 -13.40 4.88
C LEU A 522 12.47 -14.52 5.85
N ALA A 523 12.77 -14.20 7.11
CA ALA A 523 13.06 -15.23 8.12
C ALA A 523 11.74 -15.89 8.50
N THR A 524 10.67 -15.12 8.39
CA THR A 524 9.33 -15.59 8.70
C THR A 524 8.85 -16.48 7.55
N HIS A 525 9.19 -16.11 6.32
CA HIS A 525 8.78 -16.89 5.16
C HIS A 525 9.56 -18.20 5.14
N LEU A 526 10.86 -18.15 5.40
CA LEU A 526 11.66 -19.37 5.42
C LEU A 526 11.08 -20.35 6.44
N TYR A 527 10.88 -19.86 7.66
CA TYR A 527 10.33 -20.71 8.72
C TYR A 527 9.04 -21.39 8.25
N CYS A 528 8.15 -20.61 7.65
CA CYS A 528 6.88 -21.15 7.17
C CYS A 528 7.00 -22.15 6.02
N VAL A 529 7.78 -21.88 4.97
CA VAL A 529 7.87 -22.86 3.88
C VAL A 529 8.40 -24.18 4.34
N LEU A 530 9.42 -24.15 5.20
CA LEU A 530 10.00 -25.36 5.74
C LEU A 530 8.91 -26.25 6.29
N GLN A 531 8.10 -25.67 7.16
CA GLN A 531 7.01 -26.39 7.78
C GLN A 531 6.01 -26.86 6.74
N ALA A 532 5.76 -26.02 5.74
CA ALA A 532 4.81 -26.34 4.67
C ALA A 532 5.28 -27.49 3.77
N ILE A 533 6.58 -27.62 3.52
CA ILE A 533 7.06 -28.71 2.67
C ILE A 533 7.09 -30.01 3.46
N ASP A 534 7.27 -29.93 4.78
CA ASP A 534 7.27 -31.15 5.60
C ASP A 534 5.86 -31.72 5.54
N LEU A 535 4.89 -30.83 5.76
CA LEU A 535 3.50 -31.21 5.72
C LEU A 535 3.17 -31.79 4.35
N ARG A 536 3.68 -31.16 3.30
CA ARG A 536 3.44 -31.61 1.93
C ARG A 536 4.12 -32.95 1.69
N ALA A 537 5.24 -33.17 2.38
CA ALA A 537 5.96 -34.42 2.26
C ALA A 537 5.09 -35.50 2.91
N ILE A 538 4.40 -35.11 3.98
CA ILE A 538 3.54 -36.02 4.71
C ILE A 538 2.35 -36.38 3.83
N GLU A 539 1.81 -35.39 3.12
CA GLU A 539 0.68 -35.64 2.24
C GLU A 539 1.09 -36.63 1.17
N PHE A 540 2.31 -36.46 0.64
CA PHE A 540 2.81 -37.34 -0.40
C PHE A 540 3.02 -38.76 0.11
N GLU A 541 3.55 -38.91 1.31
CA GLU A 541 3.78 -40.24 1.89
C GLU A 541 2.44 -40.94 1.96
N PHE A 542 1.44 -40.23 2.48
CA PHE A 542 0.09 -40.74 2.62
C PHE A 542 -0.50 -41.14 1.28
N LYS A 543 -0.52 -40.22 0.33
CA LYS A 543 -1.05 -40.50 -0.99
C LYS A 543 -0.41 -41.74 -1.59
N LYS A 544 0.89 -41.89 -1.38
CA LYS A 544 1.63 -43.02 -1.90
C LYS A 544 1.03 -44.36 -1.49
N GLN A 545 0.60 -44.46 -0.24
CA GLN A 545 0.02 -45.70 0.28
C GLN A 545 -1.49 -45.76 0.16
N PHE A 546 -2.17 -44.63 0.25
CA PHE A 546 -3.62 -44.61 0.17
C PHE A 546 -4.10 -44.81 -1.27
N GLY A 547 -3.24 -44.51 -2.24
CA GLY A 547 -3.61 -44.68 -3.64
C GLY A 547 -4.04 -46.11 -3.93
N PRO A 548 -3.22 -47.10 -3.53
CA PRO A 548 -3.56 -48.50 -3.77
C PRO A 548 -4.66 -48.96 -2.81
N ALA A 549 -4.53 -48.55 -1.55
CA ALA A 549 -5.50 -48.91 -0.52
C ALA A 549 -6.92 -48.64 -1.00
N ILE A 550 -7.13 -47.50 -1.66
CA ILE A 550 -8.45 -47.17 -2.17
C ILE A 550 -8.90 -48.28 -3.11
N VAL A 551 -8.02 -48.63 -4.05
CA VAL A 551 -8.33 -49.68 -5.02
C VAL A 551 -8.68 -50.97 -4.30
N SER A 552 -7.91 -51.31 -3.28
CA SER A 552 -8.14 -52.51 -2.50
C SER A 552 -9.50 -52.51 -1.83
N LEU A 553 -9.70 -51.56 -0.91
CA LEU A 553 -10.96 -51.46 -0.19
C LEU A 553 -12.15 -51.37 -1.13
N ILE A 554 -11.91 -50.98 -2.38
CA ILE A 554 -12.98 -50.91 -3.36
C ILE A 554 -13.44 -52.33 -3.66
N ASP A 555 -12.54 -53.12 -4.24
CA ASP A 555 -12.84 -54.49 -4.60
C ASP A 555 -13.37 -55.33 -3.44
N GLN A 556 -12.77 -55.20 -2.27
CA GLN A 556 -13.22 -55.96 -1.09
C GLN A 556 -14.69 -55.65 -0.79
N HIS A 557 -15.18 -54.53 -1.33
CA HIS A 557 -16.55 -54.10 -1.11
C HIS A 557 -17.41 -54.03 -2.37
N PHE A 558 -16.79 -54.00 -3.55
CA PHE A 558 -17.58 -53.90 -4.78
C PHE A 558 -17.20 -54.83 -5.93
N GLY A 559 -16.04 -55.47 -5.87
CA GLY A 559 -15.65 -56.36 -6.95
C GLY A 559 -16.72 -57.41 -7.21
N SER A 560 -17.13 -58.09 -6.15
CA SER A 560 -18.14 -59.11 -6.24
C SER A 560 -19.49 -58.48 -6.61
N ALA A 561 -19.75 -57.33 -6.01
CA ALA A 561 -20.99 -56.60 -6.23
C ALA A 561 -21.30 -56.43 -7.72
N MSE A 562 -20.27 -56.47 -8.57
CA MSE A 562 -20.47 -56.33 -10.00
C MSE A 562 -19.27 -56.81 -10.80
O MSE A 562 -18.31 -56.06 -11.03
CB MSE A 562 -20.80 -54.88 -10.35
CG MSE A 562 -21.08 -54.64 -11.82
SE MSE A 562 -22.27 -55.83 -12.50
CE MSE A 562 -23.82 -55.19 -11.84
N THR A 563 -19.33 -58.06 -11.23
CA THR A 563 -18.27 -58.67 -12.01
C THR A 563 -18.70 -58.75 -13.48
N GLY A 564 -17.74 -58.88 -14.38
CA GLY A 564 -18.05 -58.96 -15.79
C GLY A 564 -18.59 -57.62 -16.28
N SER A 565 -17.97 -56.55 -15.80
CA SER A 565 -18.38 -55.21 -16.17
C SER A 565 -17.17 -54.28 -16.17
N ASN A 566 -17.38 -53.03 -16.55
CA ASN A 566 -16.30 -52.04 -16.59
C ASN A 566 -16.37 -51.16 -15.34
N LEU A 567 -17.10 -51.62 -14.33
CA LEU A 567 -17.25 -50.87 -13.09
C LEU A 567 -16.07 -51.05 -12.15
N ARG A 568 -14.89 -50.71 -12.66
CA ARG A 568 -13.65 -50.79 -11.88
C ARG A 568 -12.75 -49.62 -12.27
N ASP A 569 -12.14 -49.73 -13.44
CA ASP A 569 -11.24 -48.69 -13.95
C ASP A 569 -11.95 -47.34 -13.96
N GLU A 570 -13.28 -47.37 -14.03
CA GLU A 570 -14.07 -46.15 -14.03
C GLU A 570 -14.34 -45.67 -12.61
N LEU A 571 -14.89 -46.54 -11.77
CA LEU A 571 -15.19 -46.16 -10.40
C LEU A 571 -13.94 -45.70 -9.68
N VAL A 572 -12.81 -46.34 -9.97
CA VAL A 572 -11.55 -45.98 -9.35
C VAL A 572 -11.12 -44.58 -9.78
N GLU A 573 -11.32 -44.28 -11.06
CA GLU A 573 -10.94 -43.00 -11.62
C GLU A 573 -11.87 -41.85 -11.22
N LYS A 574 -13.15 -42.13 -11.01
CA LYS A 574 -14.08 -41.07 -10.64
C LYS A 574 -14.11 -40.84 -9.13
N VAL A 575 -14.03 -41.91 -8.35
CA VAL A 575 -14.02 -41.76 -6.91
C VAL A 575 -12.79 -40.94 -6.55
N ASN A 576 -11.65 -41.38 -7.07
CA ASN A 576 -10.38 -40.74 -6.83
C ASN A 576 -10.39 -39.29 -7.32
N LYS A 577 -11.13 -39.04 -8.39
CA LYS A 577 -11.22 -37.70 -8.95
C LYS A 577 -12.16 -36.83 -8.14
N THR A 578 -13.09 -37.46 -7.43
CA THR A 578 -14.04 -36.73 -6.62
C THR A 578 -13.42 -36.47 -5.25
N LEU A 579 -12.64 -37.44 -4.77
CA LEU A 579 -11.99 -37.31 -3.47
C LEU A 579 -11.04 -36.12 -3.46
N ALA A 580 -10.24 -36.00 -4.50
CA ALA A 580 -9.29 -34.91 -4.61
C ALA A 580 -10.01 -33.57 -4.62
N LYS A 581 -10.96 -33.44 -5.52
CA LYS A 581 -11.75 -32.24 -5.68
C LYS A 581 -12.28 -31.66 -4.36
N ARG A 582 -12.80 -32.53 -3.50
CA ARG A 582 -13.35 -32.11 -2.22
C ARG A 582 -12.29 -31.88 -1.16
N LEU A 583 -11.29 -32.75 -1.11
CA LEU A 583 -10.24 -32.60 -0.11
C LEU A 583 -9.45 -31.31 -0.21
N GLU A 584 -9.41 -30.70 -1.39
CA GLU A 584 -8.65 -29.47 -1.55
C GLU A 584 -9.32 -28.27 -0.90
N GLN A 585 -10.63 -28.33 -0.71
CA GLN A 585 -11.36 -27.24 -0.08
C GLN A 585 -11.94 -27.68 1.24
N THR A 586 -11.24 -28.58 1.92
CA THR A 586 -11.69 -29.10 3.18
C THR A 586 -10.49 -29.29 4.12
N ASN A 587 -9.41 -28.63 3.74
CA ASN A 587 -8.15 -28.70 4.48
C ASN A 587 -8.20 -28.00 5.83
N SER A 588 -9.34 -27.45 6.19
CA SER A 588 -9.50 -26.77 7.47
C SER A 588 -10.19 -27.70 8.47
N TYR A 589 -10.75 -28.79 7.96
CA TYR A 589 -11.45 -29.78 8.76
C TYR A 589 -10.50 -30.59 9.64
N ASP A 590 -10.95 -31.01 10.81
CA ASP A 590 -10.10 -31.84 11.66
C ASP A 590 -10.07 -33.19 10.94
N LEU A 591 -9.12 -34.03 11.30
CA LEU A 591 -8.97 -35.34 10.65
C LEU A 591 -10.22 -36.19 10.42
N VAL A 592 -10.86 -36.64 11.50
CA VAL A 592 -12.04 -37.49 11.38
C VAL A 592 -13.16 -36.95 10.49
N PRO A 593 -13.74 -35.79 10.83
CA PRO A 593 -14.82 -35.22 10.02
C PRO A 593 -14.46 -35.05 8.55
N ARG A 594 -13.23 -34.62 8.30
CA ARG A 594 -12.76 -34.40 6.95
C ARG A 594 -12.89 -35.64 6.05
N TRP A 595 -12.42 -36.77 6.55
CA TRP A 595 -12.49 -37.99 5.76
C TRP A 595 -13.89 -38.57 5.62
N HIS A 596 -14.71 -38.46 6.65
CA HIS A 596 -16.08 -38.96 6.54
C HIS A 596 -16.81 -38.05 5.56
N ASP A 597 -16.35 -36.81 5.45
CA ASP A 597 -16.97 -35.85 4.54
C ASP A 597 -16.53 -36.18 3.13
N ALA A 598 -15.28 -36.61 3.01
CA ALA A 598 -14.69 -36.96 1.72
C ALA A 598 -15.40 -38.12 1.06
N PHE A 599 -15.29 -39.30 1.65
CA PHE A 599 -15.93 -40.48 1.07
C PHE A 599 -17.44 -40.38 1.07
N SER A 600 -18.00 -39.57 1.97
CA SER A 600 -19.44 -39.40 1.99
C SER A 600 -19.79 -38.87 0.61
N PHE A 601 -18.98 -37.94 0.13
CA PHE A 601 -19.17 -37.35 -1.20
C PHE A 601 -18.79 -38.40 -2.23
N ALA A 602 -17.82 -39.25 -1.89
CA ALA A 602 -17.37 -40.30 -2.79
C ALA A 602 -18.47 -41.33 -3.00
N ALA A 603 -19.25 -41.58 -1.95
CA ALA A 603 -20.35 -42.52 -2.03
C ALA A 603 -21.28 -42.06 -3.14
N GLY A 604 -21.74 -40.81 -3.03
CA GLY A 604 -22.63 -40.26 -4.04
C GLY A 604 -22.12 -40.45 -5.45
N THR A 605 -20.83 -40.74 -5.58
CA THR A 605 -20.23 -40.95 -6.90
C THR A 605 -20.34 -42.42 -7.28
N VAL A 606 -20.32 -43.31 -6.29
CA VAL A 606 -20.44 -44.73 -6.57
C VAL A 606 -21.86 -45.01 -7.03
N VAL A 607 -22.80 -44.34 -6.39
CA VAL A 607 -24.21 -44.50 -6.70
C VAL A 607 -24.47 -44.16 -8.17
N GLU A 608 -23.60 -43.35 -8.77
CA GLU A 608 -23.77 -42.97 -10.15
C GLU A 608 -23.11 -43.95 -11.12
N VAL A 609 -21.90 -44.41 -10.79
CA VAL A 609 -21.22 -45.37 -11.65
C VAL A 609 -21.82 -46.76 -11.50
N LEU A 610 -22.13 -47.14 -10.27
CA LEU A 610 -22.74 -48.44 -10.00
C LEU A 610 -24.24 -48.30 -9.80
N SER A 611 -24.91 -47.73 -10.80
CA SER A 611 -26.35 -47.54 -10.75
C SER A 611 -27.04 -48.87 -11.00
N SER A 612 -26.52 -49.62 -11.97
CA SER A 612 -27.08 -50.92 -12.30
C SER A 612 -26.36 -52.02 -11.53
N THR A 613 -26.66 -52.11 -10.24
CA THR A 613 -26.04 -53.12 -9.39
C THR A 613 -26.89 -53.39 -8.16
N SER A 614 -26.73 -54.60 -7.60
CA SER A 614 -27.48 -55.01 -6.43
C SER A 614 -26.69 -54.76 -5.15
N LEU A 615 -26.93 -53.61 -4.51
CA LEU A 615 -26.23 -53.27 -3.28
C LEU A 615 -27.10 -52.40 -2.37
N SER A 616 -27.11 -52.76 -1.09
CA SER A 616 -27.89 -52.01 -0.11
C SER A 616 -27.17 -50.72 0.25
N LEU A 617 -27.93 -49.74 0.70
CA LEU A 617 -27.35 -48.45 1.08
C LEU A 617 -26.46 -48.62 2.30
N ALA A 618 -26.58 -49.77 2.95
CA ALA A 618 -25.77 -50.07 4.12
C ALA A 618 -24.52 -50.79 3.67
N ALA A 619 -24.54 -51.25 2.42
CA ALA A 619 -23.41 -51.97 1.84
C ALA A 619 -22.42 -50.98 1.24
N VAL A 620 -22.84 -49.72 1.16
CA VAL A 620 -21.99 -48.67 0.62
C VAL A 620 -21.54 -47.81 1.79
N ASN A 621 -22.45 -47.59 2.73
CA ASN A 621 -22.17 -46.81 3.92
C ASN A 621 -21.05 -47.50 4.69
N ALA A 622 -20.91 -48.80 4.46
CA ALA A 622 -19.89 -49.59 5.13
C ALA A 622 -18.56 -49.34 4.42
N TRP A 623 -18.63 -49.10 3.11
CA TRP A 623 -17.45 -48.84 2.30
C TRP A 623 -16.95 -47.42 2.59
N LYS A 624 -17.90 -46.55 2.95
CA LYS A 624 -17.61 -45.16 3.26
C LYS A 624 -16.93 -45.04 4.62
N VAL A 625 -17.48 -45.72 5.63
CA VAL A 625 -16.93 -45.68 6.97
C VAL A 625 -15.61 -46.43 7.07
N ALA A 626 -15.38 -47.35 6.12
CA ALA A 626 -14.15 -48.14 6.12
C ALA A 626 -13.05 -47.38 5.39
N ALA A 627 -13.42 -46.67 4.33
CA ALA A 627 -12.48 -45.89 3.55
C ALA A 627 -11.94 -44.75 4.41
N ALA A 628 -12.84 -44.04 5.07
CA ALA A 628 -12.48 -42.94 5.93
C ALA A 628 -11.65 -43.46 7.10
N GLU A 629 -12.12 -44.57 7.68
CA GLU A 629 -11.45 -45.19 8.81
C GLU A 629 -9.99 -45.49 8.48
N SER A 630 -9.75 -45.99 7.27
CA SER A 630 -8.41 -46.32 6.82
C SER A 630 -7.60 -45.06 6.63
N ALA A 631 -8.24 -44.03 6.07
CA ALA A 631 -7.60 -42.75 5.84
C ALA A 631 -7.16 -42.11 7.15
N ILE A 632 -8.05 -42.04 8.12
CA ILE A 632 -7.71 -41.45 9.40
C ILE A 632 -6.63 -42.24 10.13
N SER A 633 -6.60 -43.55 9.91
CA SER A 633 -5.60 -44.39 10.56
C SER A 633 -4.28 -44.28 9.82
N LEU A 634 -4.38 -44.18 8.49
CA LEU A 634 -3.20 -44.04 7.66
C LEU A 634 -2.50 -42.74 8.03
N THR A 635 -3.21 -41.63 7.83
CA THR A 635 -2.68 -40.31 8.14
C THR A 635 -2.02 -40.25 9.50
N ARG A 636 -2.61 -40.89 10.50
CA ARG A 636 -2.04 -40.90 11.83
C ARG A 636 -0.77 -41.73 11.89
N GLN A 637 -0.65 -42.69 10.98
CA GLN A 637 0.53 -43.55 10.92
C GLN A 637 1.67 -42.74 10.33
N VAL A 638 1.47 -42.24 9.11
CA VAL A 638 2.47 -41.44 8.43
C VAL A 638 3.02 -40.34 9.34
N ARG A 639 2.12 -39.71 10.10
CA ARG A 639 2.52 -38.64 11.00
C ARG A 639 3.45 -39.09 12.10
N GLU A 640 3.14 -40.21 12.74
CA GLU A 640 4.00 -40.69 13.83
C GLU A 640 5.35 -41.11 13.28
N THR A 641 5.37 -41.64 12.06
CA THR A 641 6.62 -42.05 11.45
C THR A 641 7.52 -40.83 11.34
N PHE A 642 6.96 -39.75 10.80
CA PHE A 642 7.67 -38.50 10.60
C PHE A 642 8.28 -37.95 11.89
N TRP A 643 7.43 -37.74 12.89
CA TRP A 643 7.87 -37.19 14.16
C TRP A 643 8.78 -38.11 14.95
N SER A 644 8.98 -39.33 14.45
CA SER A 644 9.84 -40.30 15.12
C SER A 644 11.26 -40.24 14.55
N ALA A 645 11.35 -40.06 13.23
CA ALA A 645 12.64 -39.98 12.55
C ALA A 645 13.27 -38.61 12.70
N ALA A 646 14.60 -38.58 12.89
CA ALA A 646 15.29 -37.30 13.03
C ALA A 646 15.13 -36.54 11.71
N SER A 647 15.20 -35.21 11.78
CA SER A 647 15.05 -34.39 10.58
C SER A 647 16.05 -34.76 9.48
N THR A 648 17.20 -35.31 9.84
CA THR A 648 18.17 -35.69 8.84
C THR A 648 17.62 -36.85 8.01
N SER A 649 16.47 -37.38 8.43
CA SER A 649 15.85 -38.47 7.71
C SER A 649 14.46 -38.09 7.23
N SER A 650 14.12 -36.82 7.34
CA SER A 650 12.82 -36.31 6.91
C SER A 650 12.41 -36.80 5.52
N PRO A 651 11.10 -37.05 5.32
CA PRO A 651 10.54 -37.51 4.04
C PRO A 651 10.61 -36.41 3.00
N ALA A 652 10.85 -35.18 3.46
CA ALA A 652 10.96 -34.04 2.58
C ALA A 652 12.25 -34.13 1.77
N LEU A 653 13.28 -34.70 2.38
CA LEU A 653 14.57 -34.84 1.72
C LEU A 653 14.52 -35.76 0.50
N SER A 654 13.36 -36.31 0.16
CA SER A 654 13.26 -37.19 -1.00
C SER A 654 12.35 -36.60 -2.07
N TYR A 655 11.94 -35.36 -1.86
CA TYR A 655 11.07 -34.67 -2.79
C TYR A 655 11.67 -33.31 -3.15
N LEU A 656 12.36 -32.76 -2.15
CA LEU A 656 13.03 -31.47 -2.26
C LEU A 656 14.17 -31.52 -3.26
N SER A 657 14.30 -30.48 -4.08
CA SER A 657 15.36 -30.45 -5.07
C SER A 657 16.68 -30.56 -4.32
N PRO A 658 17.72 -31.08 -4.99
CA PRO A 658 19.04 -31.22 -4.35
C PRO A 658 19.59 -29.89 -3.82
N ARG A 659 19.30 -28.80 -4.53
CA ARG A 659 19.77 -27.46 -4.12
C ARG A 659 18.94 -26.80 -3.00
N THR A 660 17.61 -26.83 -3.08
CA THR A 660 16.79 -26.23 -2.03
C THR A 660 16.90 -27.06 -0.75
N GLN A 661 17.32 -28.29 -0.94
CA GLN A 661 17.50 -29.26 0.14
C GLN A 661 18.64 -28.79 1.04
N ILE A 662 19.47 -27.91 0.49
CA ILE A 662 20.61 -27.34 1.21
C ILE A 662 20.18 -26.31 2.25
N LEU A 663 19.14 -25.53 1.95
CA LEU A 663 18.67 -24.52 2.87
C LEU A 663 17.86 -25.21 3.96
N TYR A 664 17.10 -26.23 3.57
CA TYR A 664 16.29 -27.02 4.48
C TYR A 664 17.19 -27.57 5.58
N ALA A 665 18.26 -28.24 5.17
CA ALA A 665 19.22 -28.81 6.11
C ALA A 665 19.89 -27.74 6.95
N PHE A 666 20.18 -26.58 6.37
CA PHE A 666 20.81 -25.52 7.13
C PHE A 666 19.92 -25.09 8.29
N VAL A 667 18.66 -24.82 8.00
CA VAL A 667 17.74 -24.39 9.03
C VAL A 667 17.34 -25.51 10.00
N ARG A 668 17.02 -26.68 9.45
CA ARG A 668 16.60 -27.82 10.26
C ARG A 668 17.73 -28.46 11.07
N GLU A 669 18.92 -28.56 10.51
CA GLU A 669 20.05 -29.18 11.20
C GLU A 669 20.95 -28.22 11.97
N GLU A 670 21.60 -27.33 11.24
CA GLU A 670 22.51 -26.37 11.84
C GLU A 670 21.85 -25.35 12.76
N LEU A 671 20.64 -24.89 12.47
CA LEU A 671 20.02 -23.89 13.34
C LEU A 671 19.11 -24.50 14.40
N GLY A 672 18.89 -25.82 14.32
CA GLY A 672 18.07 -26.50 15.29
C GLY A 672 16.58 -26.23 15.29
N VAL A 673 16.11 -25.38 14.38
CA VAL A 673 14.68 -25.10 14.34
C VAL A 673 14.00 -26.19 13.52
N LYS A 674 13.20 -27.01 14.21
CA LYS A 674 12.49 -28.12 13.60
C LYS A 674 11.03 -27.80 13.28
N ALA A 675 10.34 -28.75 12.65
CA ALA A 675 8.93 -28.57 12.36
C ALA A 675 8.23 -28.55 13.72
N ARG A 676 7.06 -27.94 13.80
CA ARG A 676 6.33 -27.84 15.05
C ARG A 676 5.04 -28.66 15.05
N ARG A 677 4.92 -29.57 16.02
CA ARG A 677 3.75 -30.44 16.16
C ARG A 677 2.51 -29.68 16.62
N GLY A 678 2.69 -28.87 17.67
CA GLY A 678 1.58 -28.10 18.21
C GLY A 678 1.44 -28.27 19.70
N ASP A 679 1.69 -27.19 20.44
CA ASP A 679 1.59 -27.21 21.90
C ASP A 679 0.45 -28.09 22.40
N VAL A 680 -0.77 -27.76 22.01
CA VAL A 680 -1.94 -28.51 22.43
C VAL A 680 -1.73 -30.01 22.36
N PHE A 681 -1.56 -30.54 21.15
CA PHE A 681 -1.35 -31.97 20.94
C PHE A 681 -0.31 -32.52 21.92
N LEU A 682 0.89 -31.96 21.85
CA LEU A 682 1.98 -32.38 22.71
C LEU A 682 1.64 -32.22 24.19
N GLY A 683 0.63 -31.40 24.49
CA GLY A 683 0.27 -31.17 25.88
C GLY A 683 1.44 -30.49 26.56
N LYS A 684 2.19 -29.71 25.79
CA LYS A 684 3.35 -29.01 26.31
C LYS A 684 3.56 -27.70 25.56
N GLN A 685 4.09 -26.70 26.26
CA GLN A 685 4.36 -25.41 25.66
C GLN A 685 5.85 -25.35 25.34
N GLU A 686 6.21 -25.69 24.11
CA GLU A 686 7.61 -25.69 23.69
C GLU A 686 8.11 -24.30 23.42
N VAL A 687 9.40 -24.19 23.15
CA VAL A 687 10.01 -22.91 22.83
C VAL A 687 9.14 -22.28 21.75
N THR A 688 8.81 -21.01 21.95
CA THR A 688 7.95 -20.30 21.02
C THR A 688 8.41 -20.27 19.58
N ILE A 689 7.44 -20.03 18.71
CA ILE A 689 7.69 -19.91 17.28
C ILE A 689 8.65 -18.74 17.09
N GLY A 690 8.38 -17.63 17.78
CA GLY A 690 9.22 -16.45 17.68
C GLY A 690 10.68 -16.74 18.02
N SER A 691 10.91 -17.53 19.06
CA SER A 691 12.27 -17.87 19.47
C SER A 691 12.97 -18.57 18.31
N ASN A 692 12.21 -19.35 17.56
CA ASN A 692 12.73 -20.08 16.42
C ASN A 692 12.92 -19.19 15.21
N VAL A 693 11.95 -18.30 14.94
CA VAL A 693 12.09 -17.41 13.81
C VAL A 693 13.31 -16.53 14.11
N SER A 694 13.43 -16.12 15.37
CA SER A 694 14.54 -15.28 15.79
C SER A 694 15.88 -15.90 15.43
N LYS A 695 15.99 -17.22 15.52
CA LYS A 695 17.22 -17.92 15.18
C LYS A 695 17.51 -17.87 13.68
N ILE A 696 16.46 -17.89 12.85
CA ILE A 696 16.65 -17.81 11.40
C ILE A 696 17.09 -16.39 11.07
N TYR A 697 16.43 -15.44 11.73
CA TYR A 697 16.70 -14.02 11.57
C TYR A 697 18.16 -13.71 11.88
N GLU A 698 18.64 -14.23 13.00
CA GLU A 698 20.00 -14.02 13.42
C GLU A 698 21.01 -14.66 12.45
N ALA A 699 20.64 -15.76 11.80
CA ALA A 699 21.56 -16.37 10.84
C ALA A 699 21.71 -15.47 9.62
N ILE A 700 20.64 -14.73 9.30
CA ILE A 700 20.67 -13.80 8.17
C ILE A 700 21.48 -12.54 8.49
N LYS A 701 21.25 -11.96 9.67
CA LYS A 701 21.96 -10.75 10.07
C LYS A 701 23.45 -10.99 10.29
N SER A 702 23.82 -12.18 10.75
CA SER A 702 25.23 -12.47 10.98
C SER A 702 25.88 -12.83 9.65
N GLY A 703 25.05 -13.19 8.68
CA GLY A 703 25.57 -13.54 7.37
C GLY A 703 25.84 -15.04 7.24
N ARG A 704 25.67 -15.77 8.33
CA ARG A 704 25.91 -17.19 8.30
C ARG A 704 25.27 -17.86 7.09
N ILE A 705 24.04 -17.46 6.77
CA ILE A 705 23.31 -18.02 5.65
C ILE A 705 23.92 -17.70 4.28
N ASN A 706 24.70 -16.62 4.18
CA ASN A 706 25.29 -16.23 2.91
C ASN A 706 25.92 -17.39 2.13
N ASN A 707 26.84 -18.15 2.73
CA ASN A 707 27.46 -19.26 2.02
C ASN A 707 26.45 -20.34 1.60
N VAL A 708 25.37 -20.48 2.35
CA VAL A 708 24.35 -21.48 2.00
C VAL A 708 23.73 -21.04 0.69
N LEU A 709 23.38 -19.75 0.62
CA LEU A 709 22.79 -19.18 -0.57
C LEU A 709 23.75 -19.34 -1.75
N LEU A 710 25.01 -19.00 -1.54
CA LEU A 710 26.00 -19.13 -2.60
C LEU A 710 26.09 -20.58 -3.07
N LYS A 711 26.18 -21.52 -2.13
CA LYS A 711 26.29 -22.93 -2.47
C LYS A 711 25.12 -23.51 -3.26
N MSE A 712 23.90 -23.07 -2.96
CA MSE A 712 22.75 -23.61 -3.68
C MSE A 712 22.53 -22.95 -5.04
O MSE A 712 21.84 -23.51 -5.88
CB MSE A 712 21.49 -23.49 -2.81
CG MSE A 712 21.04 -22.08 -2.46
SE MSE A 712 19.78 -22.08 -0.98
CE MSE A 712 18.26 -22.85 -1.88
N LEU A 713 23.14 -21.78 -5.26
CA LEU A 713 23.00 -21.05 -6.53
C LEU A 713 24.25 -21.08 -7.39
N ALA A 714 25.38 -21.46 -6.81
CA ALA A 714 26.63 -21.51 -7.56
C ALA A 714 26.48 -22.41 -8.78
N THR B 39 -17.77 15.85 19.44
CA THR B 39 -18.95 15.86 20.34
C THR B 39 -20.17 15.21 19.68
N THR B 40 -21.06 14.67 20.49
CA THR B 40 -22.26 14.01 20.00
C THR B 40 -23.31 14.97 19.41
N GLN B 41 -22.97 16.26 19.35
CA GLN B 41 -23.86 17.25 18.76
C GLN B 41 -23.32 17.59 17.38
N VAL B 42 -24.20 17.60 16.38
CA VAL B 42 -23.80 17.88 15.02
C VAL B 42 -23.07 16.69 14.44
N THR B 43 -23.62 16.15 13.37
CA THR B 43 -23.05 15.01 12.68
C THR B 43 -22.73 15.43 11.26
N GLN B 44 -22.08 14.56 10.49
CA GLN B 44 -21.75 14.89 9.12
C GLN B 44 -23.04 15.10 8.33
N VAL B 45 -24.07 14.29 8.59
CA VAL B 45 -25.34 14.45 7.88
C VAL B 45 -25.97 15.80 8.21
N ASP B 46 -25.87 16.23 9.46
CA ASP B 46 -26.40 17.53 9.87
C ASP B 46 -25.76 18.63 9.02
N ILE B 47 -24.48 18.47 8.76
CA ILE B 47 -23.73 19.43 7.97
C ILE B 47 -24.12 19.36 6.50
N VAL B 48 -24.22 18.15 5.95
CA VAL B 48 -24.61 17.97 4.56
C VAL B 48 -26.00 18.56 4.33
N GLU B 49 -26.93 18.23 5.23
CA GLU B 49 -28.29 18.73 5.13
C GLU B 49 -28.26 20.25 5.06
N LYS B 50 -27.49 20.86 5.96
CA LYS B 50 -27.35 22.31 6.00
C LYS B 50 -26.79 22.83 4.67
N MSE B 51 -25.78 22.14 4.11
CA MSE B 51 -25.19 22.59 2.85
C MSE B 51 -26.18 22.47 1.69
O MSE B 51 -26.32 23.41 0.90
CB MSE B 51 -23.92 21.80 2.51
CG MSE B 51 -22.71 22.11 3.39
SE MSE B 51 -21.05 21.37 2.66
CE MSE B 51 -21.68 19.58 2.27
N LEU B 52 -26.85 21.33 1.57
CA LEU B 52 -27.79 21.12 0.50
C LEU B 52 -29.04 22.01 0.63
N ALA B 53 -29.06 22.83 1.66
CA ALA B 53 -30.17 23.74 1.92
C ALA B 53 -29.82 25.14 1.46
N ALA B 54 -28.65 25.29 0.84
CA ALA B 54 -28.23 26.58 0.35
C ALA B 54 -28.96 26.91 -0.95
N PRO B 55 -29.80 27.95 -0.92
CA PRO B 55 -30.57 28.39 -2.10
C PRO B 55 -29.68 28.67 -3.30
N THR B 56 -30.20 28.41 -4.50
CA THR B 56 -29.46 28.66 -5.73
C THR B 56 -30.06 29.85 -6.46
N ASP B 57 -31.35 30.10 -6.21
CA ASP B 57 -32.07 31.21 -6.85
C ASP B 57 -32.03 32.45 -5.97
N SER B 58 -32.43 32.30 -4.70
CA SER B 58 -32.43 33.42 -3.77
C SER B 58 -31.04 34.04 -3.75
N THR B 59 -30.95 35.37 -3.85
CA THR B 59 -29.67 36.04 -3.86
C THR B 59 -28.93 35.87 -2.55
N LEU B 60 -27.61 35.74 -2.64
CA LEU B 60 -26.76 35.58 -1.48
C LEU B 60 -26.13 36.92 -1.10
N GLU B 61 -26.35 37.36 0.13
CA GLU B 61 -25.81 38.65 0.60
C GLU B 61 -24.62 38.44 1.51
N LEU B 62 -23.46 38.96 1.08
CA LEU B 62 -22.21 38.84 1.83
C LEU B 62 -22.12 39.96 2.86
N ASP B 63 -21.86 39.61 4.13
CA ASP B 63 -21.74 40.61 5.18
C ASP B 63 -20.47 40.43 6.01
N GLY B 64 -19.55 39.62 5.50
CA GLY B 64 -18.27 39.41 6.17
C GLY B 64 -18.24 38.47 7.36
N TYR B 65 -19.38 37.86 7.71
CA TYR B 65 -19.39 36.95 8.86
C TYR B 65 -20.36 35.76 8.74
N SER B 66 -21.38 35.87 7.89
CA SER B 66 -22.35 34.79 7.79
C SER B 66 -22.16 33.78 6.67
N LEU B 67 -21.28 34.06 5.72
CA LEU B 67 -21.04 33.15 4.60
C LEU B 67 -20.83 31.70 5.05
N ASN B 68 -21.61 30.76 4.50
CA ASN B 68 -21.51 29.34 4.84
C ASN B 68 -20.70 28.64 3.75
N LEU B 69 -20.38 27.37 3.96
CA LEU B 69 -19.68 26.59 2.95
C LEU B 69 -20.71 26.13 1.93
N GLY B 70 -21.97 26.09 2.36
CA GLY B 70 -23.04 25.72 1.45
C GLY B 70 -23.24 26.91 0.54
N ASP B 71 -23.11 28.11 1.11
CA ASP B 71 -23.26 29.34 0.35
C ASP B 71 -22.17 29.36 -0.71
N VAL B 72 -20.92 29.46 -0.27
CA VAL B 72 -19.79 29.52 -1.19
C VAL B 72 -19.97 28.58 -2.39
N VAL B 73 -20.36 27.34 -2.12
CA VAL B 73 -20.55 26.35 -3.17
C VAL B 73 -21.68 26.69 -4.14
N SER B 74 -22.81 27.17 -3.62
CA SER B 74 -23.93 27.52 -4.49
C SER B 74 -23.53 28.64 -5.45
N ALA B 75 -22.76 29.60 -4.94
CA ALA B 75 -22.33 30.73 -5.76
C ALA B 75 -21.22 30.40 -6.75
N ALA B 76 -20.57 29.25 -6.58
CA ALA B 76 -19.48 28.88 -7.46
C ALA B 76 -19.86 27.79 -8.45
N ARG B 77 -20.80 26.93 -8.06
CA ARG B 77 -21.21 25.83 -8.90
C ARG B 77 -22.69 25.89 -9.31
N LYS B 78 -23.45 26.74 -8.64
CA LYS B 78 -24.87 26.87 -8.92
C LYS B 78 -25.26 28.28 -9.39
N GLY B 79 -24.32 28.97 -10.04
CA GLY B 79 -24.59 30.32 -10.53
C GLY B 79 -25.62 31.09 -9.71
N ARG B 80 -25.49 31.04 -8.39
CA ARG B 80 -26.41 31.74 -7.52
C ARG B 80 -25.98 33.19 -7.45
N PRO B 81 -26.96 34.12 -7.54
CA PRO B 81 -26.65 35.55 -7.48
C PRO B 81 -25.98 35.93 -6.17
N VAL B 82 -24.96 36.78 -6.25
CA VAL B 82 -24.27 37.23 -5.04
C VAL B 82 -24.30 38.75 -5.01
N ARG B 83 -24.10 39.30 -3.82
CA ARG B 83 -24.08 40.73 -3.63
C ARG B 83 -23.63 41.08 -2.23
N VAL B 84 -23.02 42.25 -2.09
CA VAL B 84 -22.58 42.72 -0.80
C VAL B 84 -23.84 43.22 -0.10
N LYS B 85 -24.29 42.49 0.91
CA LYS B 85 -25.49 42.85 1.66
C LYS B 85 -25.76 44.35 1.71
N ASP B 86 -27.00 44.70 1.39
CA ASP B 86 -27.43 46.10 1.38
C ASP B 86 -27.60 46.58 2.82
N SER B 87 -26.54 47.11 3.39
CA SER B 87 -26.57 47.61 4.77
C SER B 87 -25.75 48.89 4.86
N ASP B 88 -26.10 49.75 5.82
CA ASP B 88 -25.37 51.00 6.01
C ASP B 88 -24.10 50.70 6.79
N GLU B 89 -24.22 49.77 7.74
CA GLU B 89 -23.09 49.37 8.56
C GLU B 89 -21.96 48.96 7.65
N ILE B 90 -22.22 47.97 6.80
CA ILE B 90 -21.23 47.49 5.86
C ILE B 90 -20.63 48.67 5.12
N ARG B 91 -21.45 49.38 4.36
CA ARG B 91 -21.00 50.55 3.59
C ARG B 91 -20.25 51.56 4.43
N SER B 92 -20.62 51.68 5.71
CA SER B 92 -19.97 52.62 6.60
C SER B 92 -18.52 52.24 6.84
N LYS B 93 -18.29 51.10 7.49
CA LYS B 93 -16.93 50.66 7.78
C LYS B 93 -16.08 50.56 6.51
N ILE B 94 -16.70 50.23 5.38
CA ILE B 94 -15.97 50.15 4.13
C ILE B 94 -15.43 51.54 3.80
N ASP B 95 -16.35 52.50 3.67
CA ASP B 95 -15.97 53.87 3.37
C ASP B 95 -14.97 54.42 4.39
N LYS B 96 -15.16 54.05 5.66
CA LYS B 96 -14.26 54.54 6.71
C LYS B 96 -12.85 53.98 6.55
N SER B 97 -12.72 52.70 6.22
CA SER B 97 -11.41 52.11 6.05
C SER B 97 -10.67 52.86 4.96
N VAL B 98 -11.38 53.20 3.88
CA VAL B 98 -10.79 53.94 2.78
C VAL B 98 -10.39 55.33 3.26
N GLU B 99 -11.35 56.05 3.83
CA GLU B 99 -11.12 57.39 4.34
C GLU B 99 -9.92 57.46 5.28
N PHE B 100 -9.73 56.43 6.09
CA PHE B 100 -8.61 56.38 7.03
C PHE B 100 -7.30 56.39 6.25
N LEU B 101 -7.27 55.61 5.18
CA LEU B 101 -6.10 55.49 4.33
C LEU B 101 -5.83 56.80 3.60
N ARG B 102 -6.86 57.30 2.90
CA ARG B 102 -6.76 58.54 2.14
C ARG B 102 -6.13 59.67 2.94
N SER B 103 -6.16 59.55 4.27
CA SER B 103 -5.59 60.56 5.14
C SER B 103 -4.33 60.01 5.80
N GLN B 104 -3.68 59.07 5.12
CA GLN B 104 -2.47 58.45 5.63
C GLN B 104 -2.69 57.80 6.99
N THR B 124 -0.97 60.27 -4.10
CA THR B 124 -1.29 61.17 -5.20
C THR B 124 -0.84 60.63 -6.54
N GLU B 125 0.45 60.32 -6.66
CA GLU B 125 0.98 59.81 -7.92
C GLU B 125 1.38 58.34 -7.94
N ASP B 126 2.62 58.05 -7.54
CA ASP B 126 3.14 56.70 -7.54
C ASP B 126 2.21 55.68 -6.88
N ALA B 127 1.18 56.17 -6.18
CA ALA B 127 0.23 55.30 -5.52
C ALA B 127 -0.36 54.29 -6.50
N ILE B 128 -0.79 54.78 -7.66
CA ILE B 128 -1.36 53.92 -8.69
C ILE B 128 -0.27 53.17 -9.45
N SER B 129 0.86 53.85 -9.66
CA SER B 129 1.98 53.27 -10.37
C SER B 129 2.45 51.98 -9.69
N LEU B 130 2.72 52.09 -8.39
CA LEU B 130 3.18 50.96 -7.60
C LEU B 130 2.28 49.74 -7.78
N GLN B 131 0.98 49.99 -7.91
CA GLN B 131 0.01 48.92 -8.09
C GLN B 131 -0.01 48.37 -9.50
N LYS B 132 0.70 49.05 -10.39
CA LYS B 132 0.81 48.60 -11.77
C LYS B 132 2.11 47.83 -11.83
N ALA B 133 2.84 47.87 -10.72
CA ALA B 133 4.11 47.17 -10.57
C ALA B 133 3.82 45.89 -9.78
N LEU B 134 2.98 46.01 -8.75
CA LEU B 134 2.60 44.88 -7.91
C LEU B 134 1.47 44.08 -8.55
N LEU B 135 1.44 44.10 -9.87
CA LEU B 135 0.43 43.38 -10.64
C LEU B 135 1.12 42.89 -11.90
N GLU B 136 2.24 43.55 -12.22
CA GLU B 136 3.03 43.20 -13.38
C GLU B 136 3.78 41.89 -13.13
N HIS B 137 4.56 41.87 -12.06
CA HIS B 137 5.34 40.70 -11.72
C HIS B 137 4.49 39.51 -11.27
N GLN B 138 3.23 39.76 -10.90
CA GLN B 138 2.35 38.69 -10.46
C GLN B 138 1.65 37.94 -11.59
N LEU B 139 1.55 38.57 -12.75
CA LEU B 139 0.90 37.95 -13.91
C LEU B 139 2.00 37.18 -14.64
N CYS B 140 2.55 36.20 -13.94
CA CYS B 140 3.65 35.39 -14.44
C CYS B 140 3.32 33.91 -14.65
N GLY B 141 2.06 33.54 -14.53
CA GLY B 141 1.69 32.15 -14.72
C GLY B 141 1.70 31.74 -16.18
N VAL B 142 1.53 30.45 -16.45
CA VAL B 142 1.50 29.95 -17.81
C VAL B 142 0.09 29.54 -18.22
N LEU B 143 -0.25 29.83 -19.47
CA LEU B 143 -1.58 29.53 -19.98
C LEU B 143 -1.44 29.48 -21.50
N PRO B 144 -2.36 28.82 -22.21
CA PRO B 144 -2.21 28.78 -23.68
C PRO B 144 -2.04 30.17 -24.30
N SER B 145 -0.92 30.37 -24.99
CA SER B 145 -0.62 31.65 -25.62
C SER B 145 -1.62 31.98 -26.72
N SER B 146 -2.17 30.95 -27.35
CA SER B 146 -3.14 31.14 -28.42
C SER B 146 -4.22 30.07 -28.36
N PHE B 147 -5.14 30.15 -29.30
CA PHE B 147 -6.24 29.19 -29.36
C PHE B 147 -5.93 28.09 -30.38
N ASP B 148 -4.80 28.22 -31.06
CA ASP B 148 -4.40 27.22 -32.05
C ASP B 148 -3.98 25.94 -31.35
N SER B 149 -3.79 26.04 -30.03
CA SER B 149 -3.40 24.89 -29.23
C SER B 149 -4.63 24.04 -28.89
N PHE B 150 -5.71 24.71 -28.53
CA PHE B 150 -6.95 24.04 -28.17
C PHE B 150 -7.31 22.93 -29.14
N ARG B 151 -7.88 21.88 -28.58
CA ARG B 151 -8.29 20.72 -29.36
C ARG B 151 -9.61 20.23 -28.81
N LEU B 152 -10.11 19.15 -29.39
CA LEU B 152 -11.36 18.57 -28.95
C LEU B 152 -11.21 18.06 -27.53
N GLY B 153 -12.01 18.60 -26.60
CA GLY B 153 -11.93 18.17 -25.22
C GLY B 153 -10.61 18.45 -24.53
N ARG B 154 -9.84 19.40 -25.06
CA ARG B 154 -8.54 19.76 -24.52
C ARG B 154 -8.31 21.26 -24.69
N GLY B 155 -7.36 21.82 -23.96
CA GLY B 155 -7.08 23.24 -24.12
C GLY B 155 -6.86 24.08 -22.87
N LEU B 156 -7.65 23.84 -21.84
CA LEU B 156 -7.56 24.62 -20.60
C LEU B 156 -7.01 23.86 -19.38
N GLU B 157 -6.22 22.82 -19.61
CA GLU B 157 -5.67 22.05 -18.50
C GLU B 157 -4.83 22.89 -17.56
N ASN B 158 -4.16 23.91 -18.11
CA ASN B 158 -3.31 24.78 -17.31
C ASN B 158 -4.02 25.99 -16.72
N SER B 159 -5.35 25.95 -16.69
CA SER B 159 -6.14 27.04 -16.13
C SER B 159 -6.89 26.52 -14.91
N LEU B 160 -7.18 27.40 -13.97
CA LEU B 160 -7.89 27.03 -12.75
C LEU B 160 -9.36 26.76 -13.05
N PRO B 161 -9.93 25.70 -12.47
CA PRO B 161 -11.33 25.39 -12.72
C PRO B 161 -12.20 26.62 -12.56
N LEU B 162 -13.26 26.71 -13.37
CA LEU B 162 -14.16 27.86 -13.31
C LEU B 162 -14.73 28.08 -11.93
N GLU B 163 -15.40 27.05 -11.40
CA GLU B 163 -16.02 27.15 -10.09
C GLU B 163 -15.05 27.63 -9.02
N VAL B 164 -13.78 27.24 -9.11
CA VAL B 164 -12.80 27.68 -8.12
C VAL B 164 -12.68 29.19 -8.19
N VAL B 165 -12.62 29.73 -9.41
CA VAL B 165 -12.49 31.17 -9.59
C VAL B 165 -13.73 31.92 -9.08
N ARG B 166 -14.90 31.38 -9.34
CA ARG B 166 -16.13 32.02 -8.88
C ARG B 166 -16.16 32.04 -7.36
N GLY B 167 -15.74 30.92 -6.76
CA GLY B 167 -15.73 30.82 -5.31
C GLY B 167 -14.74 31.78 -4.72
N ALA B 168 -13.56 31.85 -5.31
CA ALA B 168 -12.54 32.76 -4.83
C ALA B 168 -13.10 34.18 -4.91
N MSE B 169 -13.78 34.46 -6.01
CA MSE B 169 -14.39 35.76 -6.24
C MSE B 169 -15.35 36.09 -5.09
O MSE B 169 -15.29 37.16 -4.48
CB MSE B 169 -15.12 35.73 -7.58
CG MSE B 169 -15.20 37.05 -8.33
SE MSE B 169 -14.57 36.96 -10.17
CE MSE B 169 -15.73 35.55 -10.82
N THR B 170 -16.22 35.13 -4.78
CA THR B 170 -17.20 35.28 -3.72
C THR B 170 -16.55 35.51 -2.36
N ILE B 171 -15.55 34.69 -2.04
CA ILE B 171 -14.84 34.78 -0.77
C ILE B 171 -14.05 36.09 -0.67
N ARG B 172 -13.44 36.51 -1.78
CA ARG B 172 -12.68 37.76 -1.82
C ARG B 172 -13.55 38.91 -1.31
N VAL B 173 -14.72 39.05 -1.94
CA VAL B 173 -15.68 40.09 -1.60
C VAL B 173 -16.10 40.07 -0.13
N ASN B 174 -16.57 38.92 0.34
CA ASN B 174 -17.00 38.78 1.72
C ASN B 174 -15.97 39.32 2.69
N SER B 175 -14.73 38.86 2.55
CA SER B 175 -13.66 39.32 3.45
C SER B 175 -13.43 40.82 3.35
N LEU B 176 -13.67 41.40 2.17
CA LEU B 176 -13.46 42.83 1.98
C LEU B 176 -14.52 43.66 2.72
N THR B 177 -15.71 43.10 2.91
CA THR B 177 -16.79 43.80 3.58
C THR B 177 -16.50 44.06 5.06
N ARG B 178 -15.50 43.40 5.61
CA ARG B 178 -15.15 43.55 7.01
C ARG B 178 -14.45 44.88 7.31
N GLY B 179 -14.18 45.66 6.27
CA GLY B 179 -13.54 46.95 6.48
C GLY B 179 -12.13 46.95 7.04
N HIS B 180 -11.43 45.82 6.95
CA HIS B 180 -10.05 45.74 7.45
C HIS B 180 -9.09 45.98 6.28
N SER B 181 -9.64 45.78 5.09
CA SER B 181 -8.92 45.92 3.83
C SER B 181 -8.63 47.34 3.36
N ALA B 182 -9.65 48.19 3.34
CA ALA B 182 -9.52 49.57 2.88
C ALA B 182 -9.55 49.64 1.35
N VAL B 183 -10.57 49.01 0.78
CA VAL B 183 -10.78 48.99 -0.66
C VAL B 183 -12.18 49.51 -0.96
N ARG B 184 -12.30 50.34 -1.99
CA ARG B 184 -13.58 50.93 -2.37
C ARG B 184 -14.67 49.90 -2.66
N LEU B 185 -15.90 50.30 -2.33
CA LEU B 185 -17.08 49.46 -2.53
C LEU B 185 -17.31 49.18 -4.00
N VAL B 186 -16.96 50.13 -4.86
CA VAL B 186 -17.13 49.96 -6.29
C VAL B 186 -16.31 48.77 -6.77
N VAL B 187 -15.18 48.52 -6.12
CA VAL B 187 -14.33 47.40 -6.48
C VAL B 187 -15.01 46.08 -6.15
N LEU B 188 -15.58 46.00 -4.95
CA LEU B 188 -16.28 44.79 -4.54
C LEU B 188 -17.41 44.52 -5.53
N GLU B 189 -18.03 45.59 -6.02
CA GLU B 189 -19.12 45.45 -6.97
C GLU B 189 -18.63 45.00 -8.34
N ALA B 190 -17.38 45.31 -8.63
CA ALA B 190 -16.79 44.90 -9.89
C ALA B 190 -16.84 43.37 -9.95
N LEU B 191 -16.45 42.74 -8.85
CA LEU B 191 -16.44 41.28 -8.73
C LEU B 191 -17.83 40.67 -8.71
N THR B 192 -18.74 41.27 -7.95
CA THR B 192 -20.11 40.76 -7.88
C THR B 192 -20.75 40.76 -9.25
N ASN B 193 -20.65 41.89 -9.95
CA ASN B 193 -21.21 41.97 -11.30
C ASN B 193 -20.66 40.83 -12.13
N PHE B 194 -19.34 40.68 -12.12
CA PHE B 194 -18.68 39.61 -12.86
C PHE B 194 -19.33 38.27 -12.59
N LEU B 195 -19.52 37.97 -11.30
CA LEU B 195 -20.15 36.73 -10.89
C LEU B 195 -21.60 36.65 -11.38
N ASN B 196 -22.34 37.75 -11.21
CA ASN B 196 -23.73 37.78 -11.63
C ASN B 196 -23.92 37.64 -13.14
N HIS B 197 -22.94 38.10 -13.92
CA HIS B 197 -23.03 38.02 -15.37
C HIS B 197 -22.30 36.82 -15.97
N GLY B 198 -21.88 35.89 -15.13
CA GLY B 198 -21.17 34.73 -15.63
C GLY B 198 -19.81 35.06 -16.22
N ILE B 199 -19.19 36.14 -15.72
CA ILE B 199 -17.89 36.54 -16.22
C ILE B 199 -16.82 36.00 -15.29
N THR B 200 -16.20 34.89 -15.68
CA THR B 200 -15.17 34.25 -14.88
C THR B 200 -13.81 34.30 -15.57
N PRO B 201 -12.87 35.07 -14.99
CA PRO B 201 -11.52 35.18 -15.58
C PRO B 201 -10.77 33.87 -15.67
N ILE B 202 -9.87 33.79 -16.65
CA ILE B 202 -9.05 32.62 -16.85
C ILE B 202 -7.80 32.85 -16.02
N VAL B 203 -7.45 31.93 -15.14
CA VAL B 203 -6.26 32.10 -14.32
C VAL B 203 -5.43 30.82 -14.36
N PRO B 204 -4.10 30.95 -14.42
CA PRO B 204 -3.25 29.76 -14.45
C PRO B 204 -3.40 28.84 -13.23
N LEU B 205 -3.41 27.55 -13.52
CA LEU B 205 -3.54 26.49 -12.54
C LEU B 205 -2.43 26.49 -11.49
N ARG B 206 -1.19 26.65 -11.93
CA ARG B 206 -0.05 26.63 -11.01
C ARG B 206 0.71 27.94 -10.91
N GLY B 207 1.53 28.06 -9.87
CA GLY B 207 2.31 29.28 -9.68
C GLY B 207 2.39 29.79 -8.27
N THR B 208 1.32 29.62 -7.49
CA THR B 208 1.29 30.10 -6.12
C THR B 208 1.75 29.11 -5.03
N ILE B 209 2.28 29.65 -3.95
CA ILE B 209 2.73 28.85 -2.83
C ILE B 209 1.81 29.13 -1.65
N SER B 210 0.68 29.73 -1.98
CA SER B 210 -0.36 30.06 -1.02
C SER B 210 0.09 30.76 0.25
N 175 B 211 0.86 31.82 0.06
CA 175 B 211 1.32 32.69 1.11
C2 175 B 211 1.31 34.21 0.85
CB 175 B 211 2.71 32.22 1.58
N2 175 B 211 2.25 35.02 0.77
C3 175 B 211 1.77 36.37 0.41
C5 175 B 211 0.32 36.07 0.33
O6 175 B 211 -0.55 36.93 0.05
C4 175 B 211 2.48 37.62 0.19
N0 175 B 211 0.02 34.80 0.60
C0 175 B 211 -1.12 34.11 0.04
N5 175 B 211 1.88 38.72 1.01
C 175 B 211 -1.08 33.72 -1.43
O 175 B 211 0.00 33.53 -2.01
N ASP B 212 -2.26 33.61 -2.04
CA ASP B 212 -2.40 33.24 -3.44
C ASP B 212 -2.25 34.50 -4.32
N LEU B 213 -1.13 35.18 -4.15
CA LEU B 213 -0.85 36.41 -4.88
C LEU B 213 -1.09 36.37 -6.40
N SER B 214 -0.47 35.44 -7.11
CA SER B 214 -0.62 35.37 -8.57
C SER B 214 -2.04 35.11 -9.07
N PRO B 215 -2.68 34.02 -8.62
CA PRO B 215 -4.05 33.69 -9.04
C PRO B 215 -5.00 34.88 -8.89
N LEU B 216 -4.91 35.55 -7.75
CA LEU B 216 -5.76 36.69 -7.47
C LEU B 216 -5.45 37.85 -8.43
N SER B 217 -4.16 38.09 -8.69
CA SER B 217 -3.78 39.16 -9.60
C SER B 217 -4.52 39.04 -10.94
N TYR B 218 -4.64 37.82 -11.44
CA TYR B 218 -5.32 37.59 -12.71
C TYR B 218 -6.81 37.90 -12.58
N ILE B 219 -7.28 38.05 -11.34
CA ILE B 219 -8.68 38.37 -11.11
C ILE B 219 -8.82 39.88 -11.06
N ALA B 220 -7.81 40.53 -10.49
CA ALA B 220 -7.81 41.98 -10.37
C ALA B 220 -7.65 42.58 -11.77
N ALA B 221 -6.62 42.14 -12.47
CA ALA B 221 -6.34 42.62 -13.81
C ALA B 221 -7.52 42.40 -14.76
N ALA B 222 -8.42 41.50 -14.41
CA ALA B 222 -9.56 41.21 -15.25
C ALA B 222 -10.68 42.23 -15.07
N ILE B 223 -10.84 42.73 -13.84
CA ILE B 223 -11.87 43.71 -13.55
C ILE B 223 -11.25 45.10 -13.51
N SER B 224 -9.94 45.14 -13.71
CA SER B 224 -9.19 46.39 -13.72
C SER B 224 -8.91 46.72 -15.18
N GLY B 225 -9.46 45.90 -16.06
CA GLY B 225 -9.27 46.08 -17.48
C GLY B 225 -7.80 46.12 -17.86
N HIS B 226 -7.23 44.94 -18.08
CA HIS B 226 -5.83 44.82 -18.46
C HIS B 226 -5.85 44.39 -19.93
N PRO B 227 -4.96 44.95 -20.77
CA PRO B 227 -4.94 44.57 -22.19
C PRO B 227 -4.73 43.08 -22.44
N ASP B 228 -3.78 42.49 -21.71
CA ASP B 228 -3.48 41.08 -21.85
C ASP B 228 -4.08 40.29 -20.68
N SER B 229 -5.38 40.48 -20.46
CA SER B 229 -6.09 39.83 -19.39
C SER B 229 -7.39 39.17 -19.85
N LYS B 230 -7.29 37.97 -20.39
CA LYS B 230 -8.45 37.23 -20.90
C LYS B 230 -9.45 36.82 -19.82
N VAL B 231 -10.67 36.49 -20.25
CA VAL B 231 -11.72 36.05 -19.33
C VAL B 231 -12.63 35.05 -20.02
N HIS B 232 -13.54 34.46 -19.26
CA HIS B 232 -14.47 33.48 -19.79
C HIS B 232 -15.91 33.86 -19.48
N VAL B 233 -16.79 33.69 -20.47
CA VAL B 233 -18.20 34.01 -20.31
C VAL B 233 -19.02 33.27 -21.36
N VAL B 234 -20.34 33.22 -21.15
CA VAL B 234 -21.24 32.56 -22.08
C VAL B 234 -22.13 33.60 -22.75
N HIS B 235 -21.97 33.80 -24.05
CA HIS B 235 -22.78 34.75 -24.77
C HIS B 235 -23.91 34.03 -25.50
N GLU B 236 -25.08 34.00 -24.88
CA GLU B 236 -26.27 33.35 -25.42
C GLU B 236 -25.99 32.19 -26.38
N GLY B 237 -26.11 30.97 -25.87
CA GLY B 237 -25.89 29.81 -26.72
C GLY B 237 -24.55 29.11 -26.56
N LYS B 238 -23.46 29.86 -26.70
CA LYS B 238 -22.13 29.27 -26.60
C LYS B 238 -21.18 30.11 -25.74
N GLU B 239 -20.18 29.44 -25.17
CA GLU B 239 -19.20 30.12 -24.32
C GLU B 239 -18.02 30.59 -25.16
N LYS B 240 -17.36 31.66 -24.72
CA LYS B 240 -16.22 32.20 -25.43
C LYS B 240 -15.18 32.74 -24.47
N ILE B 241 -14.01 33.03 -25.01
CA ILE B 241 -12.92 33.57 -24.22
C ILE B 241 -12.50 34.90 -24.85
N LEU B 242 -13.00 35.98 -24.26
CA LEU B 242 -12.72 37.33 -24.73
C LEU B 242 -11.68 37.98 -23.82
N TYR B 243 -11.43 39.26 -24.06
CA TYR B 243 -10.50 40.01 -23.25
C TYR B 243 -11.29 40.75 -22.18
N ALA B 244 -10.61 41.32 -21.20
CA ALA B 244 -11.26 42.04 -20.13
C ALA B 244 -12.28 43.06 -20.63
N ARG B 245 -11.80 44.24 -21.01
CA ARG B 245 -12.69 45.28 -21.51
C ARG B 245 -13.58 44.85 -22.66
N GLU B 246 -13.19 43.80 -23.38
CA GLU B 246 -13.97 43.31 -24.50
C GLU B 246 -15.17 42.48 -24.05
N ALA B 247 -15.25 42.18 -22.76
CA ALA B 247 -16.36 41.41 -22.22
C ALA B 247 -17.21 42.32 -21.35
N MSE B 248 -16.56 43.25 -20.67
CA MSE B 248 -17.25 44.20 -19.80
C MSE B 248 -18.03 45.20 -20.64
O MSE B 248 -19.01 45.79 -20.17
CB MSE B 248 -16.25 44.94 -18.91
CG MSE B 248 -15.58 44.06 -17.87
SE MSE B 248 -14.44 45.07 -16.68
CE MSE B 248 -15.72 45.57 -15.33
N ALA B 249 -17.59 45.41 -21.87
CA ALA B 249 -18.24 46.34 -22.78
C ALA B 249 -19.31 45.59 -23.58
N LEU B 250 -19.71 44.45 -23.04
CA LEU B 250 -20.74 43.62 -23.66
C LEU B 250 -21.87 43.47 -22.65
N PHE B 251 -21.57 43.79 -21.39
CA PHE B 251 -22.54 43.72 -20.33
C PHE B 251 -22.73 45.08 -19.68
N ASN B 252 -22.21 46.12 -20.32
CA ASN B 252 -22.34 47.49 -19.83
C ASN B 252 -21.46 47.75 -18.59
N LEU B 253 -20.62 46.78 -18.24
CA LEU B 253 -19.75 46.93 -17.07
C LEU B 253 -18.58 47.87 -17.36
N GLU B 254 -18.17 48.61 -16.33
CA GLU B 254 -17.07 49.58 -16.44
C GLU B 254 -15.85 49.17 -15.64
N PRO B 255 -14.71 48.91 -16.31
CA PRO B 255 -13.47 48.50 -15.64
C PRO B 255 -13.00 49.52 -14.59
N VAL B 256 -12.75 49.02 -13.39
CA VAL B 256 -12.31 49.85 -12.27
C VAL B 256 -10.82 50.17 -12.30
N VAL B 257 -10.43 51.24 -11.60
CA VAL B 257 -9.03 51.67 -11.54
C VAL B 257 -8.57 51.68 -10.08
N LEU B 258 -7.65 50.79 -9.75
CA LEU B 258 -7.14 50.65 -8.39
C LEU B 258 -6.31 51.82 -7.86
N GLY B 259 -6.74 52.33 -6.71
CA GLY B 259 -6.05 53.44 -6.07
C GLY B 259 -5.11 52.97 -4.96
N PRO B 260 -4.55 53.88 -4.16
CA PRO B 260 -3.62 53.61 -3.05
C PRO B 260 -3.83 52.32 -2.28
N LYS B 261 -2.77 51.50 -2.24
CA LYS B 261 -2.79 50.21 -1.54
C LYS B 261 -4.08 49.42 -1.75
N GLU B 262 -4.82 49.76 -2.80
CA GLU B 262 -6.07 49.09 -3.11
C GLU B 262 -5.78 47.89 -3.99
N GLY B 263 -4.51 47.56 -4.11
CA GLY B 263 -4.10 46.42 -4.92
C GLY B 263 -3.71 45.28 -4.01
N LEU B 264 -2.92 45.61 -2.99
CA LEU B 264 -2.47 44.63 -2.01
C LEU B 264 -3.67 44.10 -1.24
N GLY B 265 -4.62 44.99 -0.97
CA GLY B 265 -5.81 44.59 -0.24
C GLY B 265 -6.73 43.78 -1.12
N LEU B 266 -6.32 43.61 -2.38
CA LEU B 266 -7.10 42.85 -3.33
C LEU B 266 -6.37 41.56 -3.69
N VAL B 267 -5.05 41.61 -3.73
CA VAL B 267 -4.25 40.45 -4.07
C VAL B 267 -3.64 39.71 -2.87
N ASN B 268 -3.83 40.24 -1.67
CA ASN B 268 -3.29 39.57 -0.48
C ASN B 268 -4.38 38.74 0.18
N GLY B 269 -4.30 37.43 0.07
CA GLY B 269 -5.32 36.60 0.68
C GLY B 269 -5.28 35.12 0.37
N THR B 270 -6.23 34.41 0.96
CA THR B 270 -6.38 32.96 0.86
C THR B 270 -7.53 32.58 -0.06
N ALA B 271 -8.32 33.57 -0.47
CA ALA B 271 -9.49 33.35 -1.31
C ALA B 271 -9.46 32.16 -2.27
N VAL B 272 -8.45 32.08 -3.14
CA VAL B 272 -8.34 30.98 -4.09
C VAL B 272 -8.23 29.59 -3.43
N SER B 273 -7.39 29.48 -2.41
CA SER B 273 -7.23 28.20 -1.72
C SER B 273 -8.49 27.84 -0.97
N ALA B 274 -8.97 28.79 -0.18
CA ALA B 274 -10.18 28.57 0.60
C ALA B 274 -11.33 28.13 -0.29
N SER B 275 -11.36 28.66 -1.51
CA SER B 275 -12.42 28.32 -2.45
C SER B 275 -12.33 26.86 -2.89
N MSE B 276 -11.18 26.47 -3.42
CA MSE B 276 -11.01 25.10 -3.89
C MSE B 276 -11.13 24.11 -2.75
O MSE B 276 -11.70 23.03 -2.93
CB MSE B 276 -9.67 24.94 -4.61
CG MSE B 276 -9.48 23.57 -5.23
SE MSE B 276 -8.13 23.55 -6.63
CE MSE B 276 -9.05 22.36 -7.85
N ALA B 277 -10.63 24.47 -1.58
CA ALA B 277 -10.72 23.61 -0.41
C ALA B 277 -12.18 23.42 -0.01
N THR B 278 -12.97 24.47 -0.09
CA THR B 278 -14.39 24.38 0.27
C THR B 278 -15.11 23.42 -0.65
N LEU B 279 -14.82 23.50 -1.95
CA LEU B 279 -15.46 22.61 -2.91
C LEU B 279 -15.00 21.16 -2.71
N ALA B 280 -13.75 20.97 -2.33
CA ALA B 280 -13.21 19.64 -2.13
C ALA B 280 -13.76 19.01 -0.85
N LEU B 281 -13.88 19.80 0.22
CA LEU B 281 -14.41 19.28 1.47
C LEU B 281 -15.89 18.93 1.29
N HIS B 282 -16.58 19.73 0.48
CA HIS B 282 -18.00 19.52 0.20
C HIS B 282 -18.19 18.17 -0.48
N ASP B 283 -17.38 17.93 -1.50
CA ASP B 283 -17.47 16.69 -2.25
C ASP B 283 -17.08 15.51 -1.37
N ALA B 284 -16.07 15.72 -0.53
CA ALA B 284 -15.61 14.68 0.37
C ALA B 284 -16.68 14.29 1.39
N HIS B 285 -17.53 15.23 1.81
CA HIS B 285 -18.60 14.90 2.76
C HIS B 285 -19.56 13.91 2.10
N MSE B 286 -19.90 14.16 0.84
CA MSE B 286 -20.81 13.29 0.11
C MSE B 286 -20.21 11.90 -0.04
O MSE B 286 -20.85 10.88 0.25
CB MSE B 286 -21.10 13.87 -1.29
CG MSE B 286 -21.58 15.32 -1.33
SE MSE B 286 -22.97 15.83 -0.05
CE MSE B 286 -23.92 14.15 0.03
N LEU B 287 -18.95 11.84 -0.50
CA LEU B 287 -18.26 10.57 -0.69
C LEU B 287 -18.23 9.77 0.60
N SER B 288 -18.06 10.50 1.70
CA SER B 288 -18.04 9.90 3.02
C SER B 288 -19.37 9.26 3.39
N LEU B 289 -20.47 9.84 2.92
CA LEU B 289 -21.79 9.29 3.21
C LEU B 289 -22.09 8.11 2.28
N LEU B 290 -21.65 8.26 1.03
CA LEU B 290 -21.84 7.23 0.03
C LEU B 290 -21.10 5.96 0.45
N SER B 291 -19.96 6.15 1.11
CA SER B 291 -19.16 5.03 1.57
C SER B 291 -19.87 4.23 2.65
N GLN B 292 -20.67 4.93 3.47
CA GLN B 292 -21.40 4.27 4.53
C GLN B 292 -22.60 3.56 3.93
N SER B 293 -23.19 4.18 2.91
CA SER B 293 -24.33 3.60 2.21
C SER B 293 -23.87 2.32 1.55
N LEU B 294 -22.72 2.39 0.89
CA LEU B 294 -22.13 1.25 0.20
C LEU B 294 -21.85 0.14 1.19
N THR B 295 -21.42 0.52 2.39
CA THR B 295 -21.13 -0.46 3.43
C THR B 295 -22.40 -1.23 3.76
N ALA B 296 -23.48 -0.50 4.01
CA ALA B 296 -24.75 -1.13 4.36
C ALA B 296 -25.21 -2.08 3.26
N MSE B 297 -25.18 -1.62 2.02
CA MSE B 297 -25.63 -2.42 0.89
C MSE B 297 -24.78 -3.67 0.67
O MSE B 297 -25.29 -4.69 0.19
CB MSE B 297 -25.67 -1.57 -0.37
CG MSE B 297 -26.66 -0.43 -0.24
SE MSE B 297 -26.81 0.61 -1.82
CE MSE B 297 -27.93 -0.58 -2.86
N THR B 298 -23.51 -3.58 1.01
CA THR B 298 -22.62 -4.73 0.87
C THR B 298 -22.95 -5.72 1.97
N VAL B 299 -23.37 -5.22 3.14
CA VAL B 299 -23.72 -6.14 4.23
C VAL B 299 -24.95 -6.92 3.78
N GLU B 300 -25.82 -6.27 3.02
CA GLU B 300 -27.02 -6.90 2.51
C GLU B 300 -26.65 -7.94 1.47
N ALA B 301 -25.99 -7.49 0.42
CA ALA B 301 -25.56 -8.37 -0.66
C ALA B 301 -24.76 -9.57 -0.14
N MSE B 302 -24.01 -9.38 0.94
CA MSE B 302 -23.21 -10.45 1.55
C MSE B 302 -24.00 -11.25 2.57
O MSE B 302 -23.47 -12.21 3.13
CB MSE B 302 -21.98 -9.86 2.25
CG MSE B 302 -20.90 -9.27 1.36
SE MSE B 302 -19.95 -10.62 0.37
CE MSE B 302 -19.16 -11.59 1.85
N VAL B 303 -25.23 -10.84 2.85
CA VAL B 303 -26.06 -11.52 3.84
C VAL B 303 -25.27 -11.55 5.15
N GLY B 304 -24.68 -10.39 5.47
CA GLY B 304 -23.88 -10.25 6.68
C GLY B 304 -24.71 -9.99 7.91
N HIS B 305 -24.06 -9.50 8.97
CA HIS B 305 -24.71 -9.22 10.24
C HIS B 305 -24.83 -7.74 10.58
N ALA B 306 -26.00 -7.33 11.05
CA ALA B 306 -26.25 -5.94 11.43
C ALA B 306 -25.76 -5.71 12.86
N GLY B 307 -25.55 -6.80 13.59
CA GLY B 307 -25.09 -6.70 14.97
C GLY B 307 -23.81 -5.89 15.16
N SER B 308 -22.98 -5.81 14.12
CA SER B 308 -21.73 -5.05 14.21
C SER B 308 -22.03 -3.57 14.38
N PHE B 309 -23.28 -3.19 14.19
CA PHE B 309 -23.63 -1.79 14.32
C PHE B 309 -24.55 -1.50 15.49
N HIS B 310 -24.60 -2.45 16.42
CA HIS B 310 -25.43 -2.32 17.61
C HIS B 310 -24.81 -1.25 18.52
N PRO B 311 -25.66 -0.38 19.10
CA PRO B 311 -25.19 0.70 19.98
C PRO B 311 -24.28 0.30 21.14
N PHE B 312 -24.39 -0.93 21.62
CA PHE B 312 -23.54 -1.38 22.71
C PHE B 312 -22.07 -1.47 22.29
N LEU B 313 -21.83 -1.81 21.02
CA LEU B 313 -20.45 -1.93 20.53
C LEU B 313 -19.84 -0.59 20.15
N HIS B 314 -20.55 0.51 20.45
CA HIS B 314 -20.03 1.82 20.11
C HIS B 314 -20.40 2.81 21.19
N ASP B 315 -21.68 3.19 21.26
CA ASP B 315 -22.16 4.13 22.26
C ASP B 315 -21.71 3.75 23.67
N VAL B 316 -21.79 2.46 24.00
CA VAL B 316 -21.42 2.00 25.33
C VAL B 316 -19.96 1.62 25.57
N THR B 317 -19.38 0.85 24.67
CA THR B 317 -18.01 0.36 24.84
C THR B 317 -16.86 1.22 24.32
N ARG B 318 -17.06 1.96 23.23
CA ARG B 318 -16.00 2.83 22.71
C ARG B 318 -16.68 4.09 22.21
N PRO B 319 -17.12 4.96 23.14
CA PRO B 319 -17.82 6.23 22.89
C PRO B 319 -17.21 7.32 22.01
N HIS B 320 -16.53 6.97 20.93
CA HIS B 320 -15.99 7.99 20.04
C HIS B 320 -17.19 8.55 19.29
N PRO B 321 -17.52 9.84 19.49
CA PRO B 321 -18.67 10.44 18.80
C PRO B 321 -18.85 10.02 17.36
N THR B 322 -17.79 10.10 16.54
CA THR B 322 -17.93 9.72 15.15
C THR B 322 -18.07 8.23 14.89
N GLN B 323 -17.62 7.38 15.81
CA GLN B 323 -17.78 5.94 15.62
C GLN B 323 -19.25 5.65 15.87
N ILE B 324 -19.83 6.37 16.83
CA ILE B 324 -21.24 6.24 17.19
C ILE B 324 -22.06 6.79 16.03
N GLU B 325 -21.63 7.93 15.49
CA GLU B 325 -22.31 8.58 14.38
C GLU B 325 -22.38 7.69 13.14
N VAL B 326 -21.25 7.06 12.79
CA VAL B 326 -21.19 6.17 11.62
C VAL B 326 -21.93 4.87 11.87
N ALA B 327 -21.79 4.33 13.07
CA ALA B 327 -22.45 3.09 13.42
C ALA B 327 -23.95 3.32 13.33
N GLY B 328 -24.39 4.46 13.84
CA GLY B 328 -25.80 4.81 13.81
C GLY B 328 -26.30 4.88 12.39
N ASN B 329 -25.58 5.60 11.54
CA ASN B 329 -25.98 5.74 10.15
C ASN B 329 -26.15 4.40 9.46
N ILE B 330 -25.20 3.50 9.67
CA ILE B 330 -25.27 2.19 9.05
C ILE B 330 -26.40 1.34 9.66
N ARG B 331 -26.56 1.42 10.97
CA ARG B 331 -27.60 0.69 11.69
C ARG B 331 -28.96 1.07 11.09
N LYS B 332 -29.12 2.37 10.89
CA LYS B 332 -30.33 2.94 10.33
C LYS B 332 -30.62 2.34 8.97
N LEU B 333 -29.71 2.57 8.02
CA LEU B 333 -29.87 2.07 6.67
C LEU B 333 -30.18 0.58 6.66
N LEU B 334 -29.70 -0.15 7.66
CA LEU B 334 -29.92 -1.58 7.73
C LEU B 334 -31.25 -1.98 8.38
N GLU B 335 -31.92 -1.06 9.06
CA GLU B 335 -33.20 -1.35 9.72
C GLU B 335 -34.21 -1.92 8.72
N GLY B 336 -34.85 -3.03 9.09
CA GLY B 336 -35.85 -3.63 8.21
C GLY B 336 -35.33 -4.25 6.94
N SER B 337 -34.10 -4.73 6.95
CA SER B 337 -33.51 -5.37 5.78
C SER B 337 -33.82 -6.87 5.86
N ARG B 338 -34.13 -7.47 4.73
CA ARG B 338 -34.44 -8.88 4.70
C ARG B 338 -33.16 -9.63 4.34
N PHE B 339 -32.22 -8.90 3.75
CA PHE B 339 -30.94 -9.46 3.35
C PHE B 339 -30.02 -9.69 4.55
N ALA B 340 -29.80 -8.64 5.33
CA ALA B 340 -28.92 -8.73 6.49
C ALA B 340 -29.52 -9.52 7.65
N VAL B 341 -28.65 -10.21 8.39
CA VAL B 341 -29.07 -10.98 9.54
C VAL B 341 -29.23 -10.05 10.74
N HIS B 342 -30.26 -10.27 11.55
CA HIS B 342 -30.50 -9.42 12.72
C HIS B 342 -30.34 -10.12 14.06
N HIS B 343 -30.14 -11.44 14.04
CA HIS B 343 -29.94 -12.21 15.27
C HIS B 343 -29.82 -13.72 15.04
N GLU B 344 -28.89 -14.34 15.78
CA GLU B 344 -28.63 -15.76 15.66
C GLU B 344 -29.30 -16.57 16.78
N GLU B 345 -29.08 -17.89 16.73
CA GLU B 345 -29.62 -18.80 17.72
C GLU B 345 -28.92 -20.16 17.64
N GLU B 346 -27.94 -20.35 18.53
CA GLU B 346 -27.18 -21.59 18.55
C GLU B 346 -27.51 -22.41 19.80
N ARG B 357 -20.49 -18.36 12.03
CA ARG B 357 -20.47 -16.96 11.61
C ARG B 357 -19.04 -16.43 11.61
N GLN B 358 -18.87 -15.16 11.23
CA GLN B 358 -17.54 -14.53 11.18
C GLN B 358 -17.43 -13.41 10.13
N ASP B 359 -18.21 -12.33 10.25
CA ASP B 359 -18.11 -11.24 9.28
C ASP B 359 -16.68 -10.70 9.28
N ARG B 360 -16.15 -10.39 8.10
CA ARG B 360 -14.79 -9.86 8.04
C ARG B 360 -14.73 -8.38 8.36
N TYR B 361 -13.53 -7.92 8.73
CA TYR B 361 -13.28 -6.53 9.09
C TYR B 361 -13.78 -5.45 8.15
N PRO B 362 -13.77 -5.71 6.83
CA PRO B 362 -14.25 -4.67 5.92
C PRO B 362 -15.66 -4.25 6.29
N LEU B 363 -16.47 -5.21 6.66
CA LEU B 363 -17.84 -4.93 7.06
C LEU B 363 -17.97 -4.67 8.55
N ARG B 364 -17.46 -5.61 9.34
CA ARG B 364 -17.53 -5.54 10.80
C ARG B 364 -16.77 -4.40 11.49
N THR B 365 -15.66 -3.90 10.94
CA THR B 365 -14.93 -2.81 11.60
C THR B 365 -15.10 -1.46 10.90
N SER B 366 -16.06 -1.36 9.99
CA SER B 366 -16.27 -0.12 9.25
C SER B 366 -16.55 1.13 10.10
N PRO B 367 -17.26 1.00 11.25
CA PRO B 367 -17.49 2.21 12.03
C PRO B 367 -16.21 2.75 12.65
N GLN B 368 -15.37 1.85 13.16
CA GLN B 368 -14.14 2.25 13.78
C GLN B 368 -13.06 2.60 12.78
N TRP B 369 -13.33 2.30 11.52
CA TRP B 369 -12.41 2.62 10.43
C TRP B 369 -12.80 4.00 9.87
N LEU B 370 -14.09 4.23 9.63
CA LEU B 370 -14.54 5.51 9.07
C LEU B 370 -14.70 6.61 10.12
N GLY B 371 -15.00 6.22 11.36
CA GLY B 371 -15.19 7.19 12.41
C GLY B 371 -14.10 8.25 12.54
N PRO B 372 -12.83 7.85 12.63
CA PRO B 372 -11.74 8.82 12.75
C PRO B 372 -11.67 9.81 11.59
N LEU B 373 -11.86 9.30 10.38
CA LEU B 373 -11.84 10.12 9.16
C LEU B 373 -12.98 11.13 9.18
N VAL B 374 -14.15 10.67 9.62
CA VAL B 374 -15.32 11.54 9.68
C VAL B 374 -15.09 12.74 10.58
N SER B 375 -14.46 12.52 11.73
CA SER B 375 -14.17 13.59 12.69
C SER B 375 -13.25 14.66 12.09
N ASP B 376 -12.37 14.26 11.17
CA ASP B 376 -11.44 15.19 10.52
C ASP B 376 -12.19 16.03 9.53
N LEU B 377 -13.14 15.43 8.82
CA LEU B 377 -13.92 16.17 7.86
C LEU B 377 -14.78 17.20 8.60
N ILE B 378 -15.25 16.83 9.80
CA ILE B 378 -16.08 17.71 10.59
C ILE B 378 -15.21 18.80 11.22
N HIS B 379 -13.97 18.45 11.55
CA HIS B 379 -13.04 19.39 12.12
C HIS B 379 -12.64 20.35 11.00
N ALA B 380 -12.45 19.80 9.80
CA ALA B 380 -12.07 20.57 8.63
C ALA B 380 -13.16 21.59 8.28
N HIS B 381 -14.41 21.19 8.47
CA HIS B 381 -15.54 22.07 8.17
C HIS B 381 -15.45 23.27 9.09
N ALA B 382 -15.19 23.02 10.36
CA ALA B 382 -15.10 24.10 11.33
C ALA B 382 -13.98 25.06 10.96
N VAL B 383 -12.85 24.51 10.50
CA VAL B 383 -11.73 25.35 10.12
C VAL B 383 -12.07 26.18 8.90
N LEU B 384 -12.54 25.52 7.84
CA LEU B 384 -12.89 26.21 6.60
C LEU B 384 -14.01 27.25 6.72
N THR B 385 -15.06 26.98 7.48
CA THR B 385 -16.15 27.96 7.59
C THR B 385 -15.60 29.26 8.17
N ILE B 386 -14.78 29.15 9.21
CA ILE B 386 -14.18 30.34 9.83
C ILE B 386 -13.24 31.02 8.84
N GLU B 387 -12.50 30.22 8.08
CA GLU B 387 -11.55 30.74 7.12
C GLU B 387 -12.22 31.44 5.95
N ALA B 388 -13.13 30.72 5.29
CA ALA B 388 -13.83 31.25 4.14
C ALA B 388 -14.88 32.33 4.47
N GLY B 389 -15.52 32.24 5.62
CA GLY B 389 -16.56 33.21 5.96
C GLY B 389 -16.38 34.21 7.09
N GLN B 390 -15.25 34.19 7.81
CA GLN B 390 -15.06 35.14 8.90
C GLN B 390 -13.62 35.58 9.12
N SER B 391 -12.79 35.54 8.08
CA SER B 391 -11.40 35.93 8.24
C SER B 391 -10.86 36.86 7.17
N THR B 392 -10.06 37.84 7.57
CA THR B 392 -9.44 38.75 6.63
C THR B 392 -8.01 38.25 6.49
N THR B 393 -7.72 37.61 5.37
CA THR B 393 -6.41 37.04 5.14
C THR B 393 -5.47 37.91 4.33
N ASP B 394 -5.65 39.22 4.45
CA ASP B 394 -4.85 40.20 3.72
C ASP B 394 -3.77 40.77 4.65
N ASN B 395 -2.96 41.67 4.12
CA ASN B 395 -1.91 42.30 4.92
C ASN B 395 -1.33 43.51 4.18
N PRO B 396 -1.16 44.63 4.88
CA PRO B 396 -1.48 44.82 6.30
C PRO B 396 -2.98 44.80 6.55
N LEU B 397 -3.36 45.10 7.79
CA LEU B 397 -4.76 45.13 8.17
C LEU B 397 -4.98 46.39 8.98
N ILE B 398 -6.14 47.02 8.80
CA ILE B 398 -6.42 48.25 9.50
C ILE B 398 -7.49 48.15 10.58
N ASP B 399 -7.17 48.75 11.71
CA ASP B 399 -8.08 48.81 12.85
C ASP B 399 -8.51 50.28 12.89
N VAL B 400 -9.49 50.61 12.05
CA VAL B 400 -10.01 51.97 11.96
C VAL B 400 -10.37 52.56 13.32
N GLU B 401 -11.29 51.92 14.04
CA GLU B 401 -11.72 52.41 15.34
C GLU B 401 -10.61 52.27 16.39
N ASN B 402 -9.38 52.56 15.96
CA ASN B 402 -8.23 52.50 16.85
C ASN B 402 -7.10 53.26 16.17
N LYS B 403 -7.37 53.74 14.97
CA LYS B 403 -6.39 54.49 14.20
C LYS B 403 -5.04 53.78 14.13
N THR B 404 -5.01 52.54 13.64
CA THR B 404 -3.74 51.84 13.54
C THR B 404 -3.71 50.73 12.50
N SER B 405 -2.56 50.62 11.84
CA SER B 405 -2.35 49.61 10.82
C SER B 405 -1.54 48.47 11.45
N HIS B 406 -1.89 47.24 11.12
CA HIS B 406 -1.20 46.08 11.67
C HIS B 406 -0.54 45.21 10.60
N HIS B 407 0.71 44.82 10.85
CA HIS B 407 1.47 43.99 9.93
C HIS B 407 1.63 42.58 10.50
N GLY B 408 0.86 41.64 9.97
CA GLY B 408 0.93 40.27 10.44
C GLY B 408 1.16 39.26 9.34
N GLY B 409 0.37 38.20 9.33
CA GLY B 409 0.54 37.19 8.30
C GLY B 409 -0.64 36.27 8.15
N ASN B 410 -1.82 36.83 8.06
CA ASN B 410 -3.02 36.03 7.92
C ASN B 410 -3.18 35.46 6.52
N PHE B 411 -2.15 35.66 5.68
CA PHE B 411 -2.17 35.13 4.32
C PHE B 411 -1.52 33.74 4.28
N GLN B 412 -0.96 33.32 5.41
CA GLN B 412 -0.33 32.01 5.50
C GLN B 412 -1.45 30.99 5.62
N ALA B 413 -1.91 30.47 4.48
CA ALA B 413 -3.02 29.53 4.45
C ALA B 413 -2.77 28.13 5.04
N ALA B 414 -1.93 28.04 6.07
CA ALA B 414 -1.65 26.75 6.66
C ALA B 414 -2.95 26.07 7.10
N ALA B 415 -3.90 26.88 7.57
CA ALA B 415 -5.19 26.37 8.00
C ALA B 415 -5.89 25.55 6.93
N VAL B 416 -6.03 26.08 5.71
CA VAL B 416 -6.70 25.35 4.64
C VAL B 416 -5.88 24.19 4.11
N ALA B 417 -4.55 24.31 4.10
CA ALA B 417 -3.70 23.22 3.62
C ALA B 417 -3.88 22.03 4.59
N ASN B 418 -3.95 22.34 5.88
CA ASN B 418 -4.13 21.34 6.93
C ASN B 418 -5.38 20.53 6.62
N THR B 419 -6.50 21.20 6.34
CA THR B 419 -7.74 20.50 6.04
C THR B 419 -7.57 19.60 4.82
N MSE B 420 -6.94 20.13 3.79
CA MSE B 420 -6.73 19.38 2.55
C MSE B 420 -5.82 18.16 2.70
O MSE B 420 -6.06 17.12 2.10
CB MSE B 420 -6.17 20.32 1.49
CG MSE B 420 -7.17 21.40 1.10
SE MSE B 420 -8.69 20.56 0.29
CE MSE B 420 -9.92 20.58 1.78
N GLU B 421 -4.78 18.30 3.51
CA GLU B 421 -3.82 17.23 3.74
C GLU B 421 -4.54 16.08 4.45
N LYS B 422 -5.29 16.41 5.50
CA LYS B 422 -6.00 15.40 6.26
C LYS B 422 -7.17 14.80 5.47
N THR B 423 -7.79 15.60 4.61
CA THR B 423 -8.90 15.13 3.80
C THR B 423 -8.41 14.14 2.75
N ARG B 424 -7.26 14.41 2.13
CA ARG B 424 -6.74 13.52 1.12
C ARG B 424 -6.38 12.17 1.71
N LEU B 425 -5.87 12.16 2.94
CA LEU B 425 -5.52 10.91 3.58
C LEU B 425 -6.81 10.16 3.86
N GLY B 426 -7.82 10.89 4.32
CA GLY B 426 -9.11 10.28 4.61
C GLY B 426 -9.70 9.63 3.36
N LEU B 427 -9.63 10.33 2.23
CA LEU B 427 -10.14 9.81 0.98
C LEU B 427 -9.49 8.46 0.64
N ALA B 428 -8.21 8.30 0.94
CA ALA B 428 -7.50 7.05 0.68
C ALA B 428 -7.97 5.97 1.66
N GLN B 429 -8.20 6.34 2.91
CA GLN B 429 -8.69 5.37 3.89
C GLN B 429 -10.08 4.90 3.51
N ILE B 430 -10.91 5.81 3.00
CA ILE B 430 -12.26 5.45 2.59
C ILE B 430 -12.15 4.47 1.41
N GLY B 431 -11.42 4.89 0.38
CA GLY B 431 -11.25 4.06 -0.79
C GLY B 431 -10.78 2.65 -0.47
N LYS B 432 -9.81 2.54 0.44
CA LYS B 432 -9.27 1.26 0.85
C LYS B 432 -10.36 0.38 1.46
N LEU B 433 -11.14 0.95 2.36
CA LEU B 433 -12.21 0.22 3.02
C LEU B 433 -13.21 -0.34 2.00
N ASN B 434 -13.78 0.54 1.17
CA ASN B 434 -14.75 0.13 0.19
C ASN B 434 -14.19 -0.83 -0.84
N PHE B 435 -12.89 -0.71 -1.10
CA PHE B 435 -12.23 -1.60 -2.05
C PHE B 435 -12.20 -3.00 -1.46
N THR B 436 -11.78 -3.10 -0.20
CA THR B 436 -11.70 -4.39 0.46
C THR B 436 -13.07 -5.03 0.57
N GLN B 437 -14.10 -4.20 0.72
CA GLN B 437 -15.45 -4.72 0.82
C GLN B 437 -15.83 -5.27 -0.56
N LEU B 438 -15.69 -4.43 -1.57
CA LEU B 438 -16.01 -4.77 -2.95
C LEU B 438 -15.25 -6.00 -3.47
N THR B 439 -13.94 -6.01 -3.30
CA THR B 439 -13.16 -7.13 -3.81
C THR B 439 -13.52 -8.43 -3.08
N GLU B 440 -13.95 -8.34 -1.84
CA GLU B 440 -14.36 -9.52 -1.09
C GLU B 440 -15.67 -10.06 -1.68
N MSE B 441 -16.56 -9.13 -2.00
CA MSE B 441 -17.85 -9.45 -2.58
C MSE B 441 -17.68 -10.06 -3.96
O MSE B 441 -18.54 -10.80 -4.43
CB MSE B 441 -18.72 -8.19 -2.64
CG MSE B 441 -20.10 -8.41 -3.22
SE MSE B 441 -21.18 -6.81 -3.09
CE MSE B 441 -20.50 -5.86 -4.62
N LEU B 442 -16.58 -9.73 -4.63
CA LEU B 442 -16.32 -10.25 -5.97
C LEU B 442 -15.51 -11.55 -5.94
N ASN B 443 -15.12 -12.00 -4.75
CA ASN B 443 -14.36 -13.21 -4.63
C ASN B 443 -15.27 -14.41 -4.35
N ALA B 444 -15.46 -15.23 -5.37
CA ALA B 444 -16.30 -16.41 -5.28
C ALA B 444 -16.03 -17.22 -4.02
N GLY B 445 -14.78 -17.24 -3.58
CA GLY B 445 -14.45 -18.00 -2.39
C GLY B 445 -14.75 -17.31 -1.07
N MSE B 446 -15.14 -16.04 -1.14
CA MSE B 446 -15.44 -15.27 0.06
C MSE B 446 -16.82 -14.63 0.11
O MSE B 446 -17.30 -14.33 1.20
CB MSE B 446 -14.40 -14.16 0.25
CG MSE B 446 -12.96 -14.62 0.38
SE MSE B 446 -11.73 -13.10 0.36
CE MSE B 446 -11.84 -12.63 2.22
N ASN B 447 -17.46 -14.45 -1.05
CA ASN B 447 -18.76 -13.79 -1.12
C ASN B 447 -20.01 -14.60 -0.77
N ARG B 448 -19.86 -15.62 0.08
CA ARG B 448 -20.98 -16.44 0.50
C ARG B 448 -21.97 -16.89 -0.57
N GLY B 449 -21.52 -17.48 -1.67
CA GLY B 449 -22.44 -17.98 -2.68
C GLY B 449 -22.84 -17.15 -3.89
N LEU B 450 -22.37 -15.91 -4.00
CA LEU B 450 -22.71 -15.09 -5.15
C LEU B 450 -22.02 -15.65 -6.40
N PRO B 451 -22.62 -15.44 -7.58
CA PRO B 451 -22.04 -15.95 -8.84
C PRO B 451 -20.66 -15.38 -9.18
N SER B 452 -19.75 -16.29 -9.50
CA SER B 452 -18.36 -16.02 -9.87
C SER B 452 -17.93 -14.55 -9.98
N CYS B 453 -18.32 -13.87 -11.06
CA CYS B 453 -17.95 -12.48 -11.26
C CYS B 453 -19.20 -11.63 -11.28
N LEU B 454 -20.21 -12.05 -10.52
CA LEU B 454 -21.49 -11.35 -10.49
C LEU B 454 -22.17 -11.46 -11.85
N ALA B 455 -21.86 -12.55 -12.55
CA ALA B 455 -22.44 -12.82 -13.86
C ALA B 455 -23.84 -13.39 -13.66
N ALA B 456 -24.81 -12.92 -14.46
CA ALA B 456 -26.19 -13.39 -14.36
C ALA B 456 -26.32 -14.85 -14.80
N GLU B 457 -25.73 -15.17 -15.95
CA GLU B 457 -25.80 -16.52 -16.50
C GLU B 457 -24.56 -17.34 -16.18
N ASP B 458 -24.29 -18.37 -16.99
CA ASP B 458 -23.14 -19.23 -16.77
C ASP B 458 -21.81 -18.48 -16.76
N PRO B 459 -20.97 -18.77 -15.75
CA PRO B 459 -19.65 -18.17 -15.56
C PRO B 459 -18.69 -18.46 -16.71
N SER B 460 -18.81 -19.65 -17.29
CA SER B 460 -17.97 -20.05 -18.40
C SER B 460 -17.76 -18.93 -19.40
N LEU B 461 -18.85 -18.34 -19.87
CA LEU B 461 -18.75 -17.26 -20.84
C LEU B 461 -19.19 -15.93 -20.25
N SER B 462 -18.94 -15.72 -18.96
CA SER B 462 -19.33 -14.48 -18.33
C SER B 462 -18.44 -14.15 -17.14
N TYR B 463 -17.74 -13.02 -17.24
CA TYR B 463 -16.84 -12.57 -16.18
C TYR B 463 -17.18 -11.12 -15.86
N HIS B 464 -18.48 -10.86 -15.90
CA HIS B 464 -19.09 -9.56 -15.66
C HIS B 464 -18.22 -8.48 -15.01
N CYS B 465 -17.97 -8.60 -13.71
CA CYS B 465 -17.20 -7.59 -13.00
C CYS B 465 -15.72 -7.88 -12.80
N LYS B 466 -15.13 -8.73 -13.63
CA LYS B 466 -13.72 -9.05 -13.52
C LYS B 466 -12.91 -7.77 -13.70
N GLY B 467 -13.20 -7.05 -14.78
CA GLY B 467 -12.50 -5.81 -15.05
C GLY B 467 -12.67 -4.75 -13.98
N LEU B 468 -13.84 -4.72 -13.36
CA LEU B 468 -14.10 -3.72 -12.32
C LEU B 468 -13.36 -4.03 -11.02
N ASP B 469 -13.11 -5.30 -10.74
CA ASP B 469 -12.38 -5.64 -9.53
C ASP B 469 -10.99 -5.06 -9.69
N ILE B 470 -10.44 -5.28 -10.89
CA ILE B 470 -9.11 -4.80 -11.24
C ILE B 470 -9.05 -3.27 -11.30
N ALA B 471 -10.10 -2.64 -11.81
CA ALA B 471 -10.14 -1.19 -11.89
C ALA B 471 -10.19 -0.63 -10.47
N ALA B 472 -10.90 -1.33 -9.60
CA ALA B 472 -11.05 -0.94 -8.20
C ALA B 472 -9.69 -0.84 -7.51
N ALA B 473 -8.84 -1.82 -7.79
CA ALA B 473 -7.53 -1.88 -7.20
C ALA B 473 -6.72 -0.74 -7.78
N ALA B 474 -6.91 -0.47 -9.07
CA ALA B 474 -6.20 0.59 -9.76
C ALA B 474 -6.48 1.94 -9.13
N TYR B 475 -7.76 2.21 -8.88
CA TYR B 475 -8.16 3.49 -8.30
C TYR B 475 -7.64 3.61 -6.87
N THR B 476 -7.69 2.50 -6.13
CA THR B 476 -7.23 2.49 -4.76
C THR B 476 -5.71 2.75 -4.71
N SER B 477 -4.94 2.11 -5.58
CA SER B 477 -3.50 2.33 -5.56
C SER B 477 -3.18 3.80 -5.78
N GLU B 478 -3.87 4.40 -6.74
CA GLU B 478 -3.67 5.80 -7.06
C GLU B 478 -3.99 6.66 -5.84
N LEU B 479 -5.06 6.32 -5.14
CA LEU B 479 -5.43 7.06 -3.93
C LEU B 479 -4.31 7.05 -2.90
N GLY B 480 -3.58 5.95 -2.84
CA GLY B 480 -2.50 5.83 -1.86
C GLY B 480 -1.35 6.79 -2.04
N HIS B 481 -0.85 6.87 -3.27
CA HIS B 481 0.24 7.76 -3.63
C HIS B 481 -0.22 9.21 -3.51
N LEU B 482 -1.46 9.49 -3.87
CA LEU B 482 -2.00 10.84 -3.79
C LEU B 482 -2.01 11.34 -2.36
N ALA B 483 -2.29 10.44 -1.43
CA ALA B 483 -2.38 10.79 -0.01
C ALA B 483 -1.10 11.23 0.69
N ASN B 484 0.07 11.09 0.08
CA ASN B 484 1.27 11.55 0.74
C ASN B 484 1.14 13.06 0.90
N PRO B 485 1.73 13.65 1.95
CA PRO B 485 1.65 15.09 2.19
C PRO B 485 2.34 16.00 1.19
N VAL B 486 1.82 17.22 1.09
CA VAL B 486 2.39 18.21 0.19
C VAL B 486 3.12 19.26 1.01
N THR B 487 2.65 19.49 2.23
CA THR B 487 3.22 20.51 3.11
C THR B 487 4.65 20.26 3.59
N THR B 488 5.19 19.08 3.32
CA THR B 488 6.56 18.79 3.72
C THR B 488 7.54 19.17 2.61
N HIS B 489 7.03 19.72 1.51
CA HIS B 489 7.91 20.09 0.42
C HIS B 489 8.09 21.59 0.24
N VAL B 490 8.01 22.31 1.36
CA VAL B 490 8.16 23.75 1.36
C VAL B 490 9.55 24.19 0.94
N GLN B 491 9.63 25.19 0.06
CA GLN B 491 10.93 25.69 -0.41
C GLN B 491 11.19 27.10 0.10
N PRO B 492 12.47 27.50 0.22
CA PRO B 492 12.87 28.84 0.69
C PRO B 492 12.50 29.94 -0.29
N ALA B 493 11.24 29.95 -0.70
CA ALA B 493 10.75 30.92 -1.66
C ALA B 493 11.06 32.39 -1.39
N GLU B 494 10.93 33.15 -2.47
CA GLU B 494 11.14 34.59 -2.51
C GLU B 494 12.30 35.14 -1.69
N MSE B 495 13.53 34.86 -2.13
CA MSE B 495 14.71 35.37 -1.46
C MSE B 495 14.71 34.99 0.04
O MSE B 495 15.34 35.67 0.86
CB MSE B 495 14.79 36.89 -1.65
CG MSE B 495 15.02 37.39 -3.11
SE MSE B 495 13.53 37.33 -4.46
CE MSE B 495 13.36 39.24 -4.80
N ALA B 496 14.02 33.91 0.37
CA ALA B 496 13.92 33.40 1.75
C ALA B 496 12.95 34.16 2.65
N ASN B 497 12.39 35.26 2.16
CA ASN B 497 11.45 36.03 2.95
C ASN B 497 10.23 35.14 3.22
N GLN B 498 9.90 34.30 2.25
CA GLN B 498 8.78 33.37 2.36
C GLN B 498 9.29 31.95 2.62
N ALA B 499 10.24 31.84 3.54
CA ALA B 499 10.88 30.56 3.92
C ALA B 499 9.88 29.46 4.33
N VAL B 500 8.67 29.84 4.74
CA VAL B 500 7.63 28.89 5.07
C VAL B 500 6.39 29.37 4.34
N ASN B 501 5.75 28.47 3.59
CA ASN B 501 4.56 28.81 2.83
C ASN B 501 3.65 27.61 2.88
N SER B 502 2.34 27.83 2.94
CA SER B 502 1.36 26.76 3.08
C SER B 502 1.16 25.73 1.95
N LEU B 503 1.33 26.14 0.70
CA LEU B 503 1.14 25.20 -0.42
C LEU B 503 -0.31 24.72 -0.45
N ALA B 504 -1.19 25.54 0.12
CA ALA B 504 -2.62 25.23 0.21
C ALA B 504 -3.30 24.87 -1.10
N LEU B 505 -3.14 25.70 -2.13
CA LEU B 505 -3.78 25.43 -3.41
C LEU B 505 -3.28 24.13 -4.00
N ILE B 506 -1.97 23.91 -3.98
CA ILE B 506 -1.45 22.67 -4.52
C ILE B 506 -2.07 21.49 -3.78
N SER B 507 -2.18 21.58 -2.45
CA SER B 507 -2.77 20.50 -1.68
C SER B 507 -4.24 20.37 -2.05
N ALA B 508 -4.94 21.50 -2.15
CA ALA B 508 -6.35 21.48 -2.52
C ALA B 508 -6.52 20.77 -3.86
N ARG B 509 -5.65 21.10 -4.80
CA ARG B 509 -5.69 20.49 -6.12
C ARG B 509 -5.56 18.97 -6.05
N ARG B 510 -4.63 18.50 -5.24
CA ARG B 510 -4.43 17.06 -5.10
C ARG B 510 -5.62 16.38 -4.44
N THR B 511 -6.19 17.02 -3.41
CA THR B 511 -7.33 16.46 -2.70
C THR B 511 -8.50 16.34 -3.66
N THR B 512 -8.64 17.33 -4.53
CA THR B 512 -9.70 17.35 -5.54
C THR B 512 -9.54 16.16 -6.46
N GLU B 513 -8.31 15.81 -6.84
CA GLU B 513 -8.10 14.67 -7.70
C GLU B 513 -8.49 13.39 -6.97
N SER B 514 -8.26 13.33 -5.67
CA SER B 514 -8.62 12.15 -4.90
C SER B 514 -10.15 12.04 -4.82
N ASN B 515 -10.82 13.19 -4.76
CA ASN B 515 -12.28 13.19 -4.72
C ASN B 515 -12.70 12.46 -5.98
N ASP B 516 -12.09 12.91 -7.07
CA ASP B 516 -12.36 12.38 -8.40
C ASP B 516 -12.14 10.87 -8.49
N VAL B 517 -10.95 10.41 -8.14
CA VAL B 517 -10.67 8.98 -8.23
C VAL B 517 -11.49 8.15 -7.24
N LEU B 518 -11.88 8.73 -6.10
CA LEU B 518 -12.70 7.98 -5.16
C LEU B 518 -14.07 7.84 -5.79
N SER B 519 -14.50 8.89 -6.47
CA SER B 519 -15.79 8.87 -7.14
C SER B 519 -15.81 7.72 -8.13
N LEU B 520 -14.70 7.52 -8.83
CA LEU B 520 -14.58 6.44 -9.81
C LEU B 520 -14.71 5.11 -9.08
N LEU B 521 -14.03 4.99 -7.94
CA LEU B 521 -14.06 3.76 -7.16
C LEU B 521 -15.46 3.50 -6.60
N LEU B 522 -16.07 4.51 -5.98
CA LEU B 522 -17.41 4.34 -5.40
C LEU B 522 -18.48 4.11 -6.47
N ALA B 523 -18.33 4.72 -7.62
CA ALA B 523 -19.28 4.55 -8.71
C ALA B 523 -19.19 3.10 -9.16
N THR B 524 -17.98 2.57 -9.18
CA THR B 524 -17.75 1.19 -9.56
C THR B 524 -18.30 0.23 -8.50
N HIS B 525 -18.16 0.60 -7.23
CA HIS B 525 -18.66 -0.20 -6.13
C HIS B 525 -20.19 -0.23 -6.17
N LEU B 526 -20.80 0.94 -6.37
CA LEU B 526 -22.25 1.06 -6.43
C LEU B 526 -22.78 0.13 -7.54
N TYR B 527 -22.21 0.26 -8.72
CA TYR B 527 -22.60 -0.57 -9.85
C TYR B 527 -22.60 -2.04 -9.46
N CYS B 528 -21.47 -2.49 -8.90
CA CYS B 528 -21.32 -3.89 -8.51
C CYS B 528 -22.24 -4.40 -7.39
N VAL B 529 -22.48 -3.58 -6.37
CA VAL B 529 -23.34 -4.02 -5.26
C VAL B 529 -24.79 -4.21 -5.75
N LEU B 530 -25.20 -3.36 -6.68
CA LEU B 530 -26.54 -3.42 -7.26
C LEU B 530 -26.79 -4.75 -7.95
N GLN B 531 -25.84 -5.11 -8.81
CA GLN B 531 -25.91 -6.35 -9.56
C GLN B 531 -25.90 -7.52 -8.59
N ALA B 532 -25.14 -7.38 -7.51
CA ALA B 532 -25.02 -8.42 -6.51
C ALA B 532 -26.32 -8.71 -5.76
N ILE B 533 -27.01 -7.67 -5.30
CA ILE B 533 -28.25 -7.88 -4.58
C ILE B 533 -29.37 -8.41 -5.46
N ASP B 534 -29.35 -8.09 -6.75
CA ASP B 534 -30.37 -8.62 -7.65
C ASP B 534 -30.13 -10.12 -7.68
N LEU B 535 -28.87 -10.49 -7.87
CA LEU B 535 -28.48 -11.88 -7.92
C LEU B 535 -28.78 -12.57 -6.60
N ARG B 536 -28.75 -11.79 -5.52
CA ARG B 536 -29.05 -12.33 -4.21
C ARG B 536 -30.57 -12.53 -4.12
N ALA B 537 -31.29 -11.57 -4.68
CA ALA B 537 -32.74 -11.62 -4.70
C ALA B 537 -33.19 -12.87 -5.43
N ILE B 538 -32.55 -13.15 -6.55
CA ILE B 538 -32.88 -14.33 -7.34
C ILE B 538 -32.59 -15.59 -6.54
N GLU B 539 -31.48 -15.61 -5.81
CA GLU B 539 -31.12 -16.77 -5.00
C GLU B 539 -32.19 -17.01 -3.95
N PHE B 540 -32.70 -15.90 -3.40
CA PHE B 540 -33.73 -15.96 -2.38
C PHE B 540 -35.04 -16.50 -2.94
N GLU B 541 -35.49 -15.96 -4.06
CA GLU B 541 -36.72 -16.42 -4.69
C GLU B 541 -36.59 -17.91 -4.99
N PHE B 542 -35.42 -18.32 -5.47
CA PHE B 542 -35.18 -19.71 -5.78
C PHE B 542 -35.27 -20.57 -4.52
N LYS B 543 -34.52 -20.17 -3.49
CA LYS B 543 -34.49 -20.92 -2.24
C LYS B 543 -35.89 -21.01 -1.62
N LYS B 544 -36.75 -20.07 -1.98
CA LYS B 544 -38.10 -20.02 -1.46
C LYS B 544 -38.92 -21.20 -1.98
N GLN B 545 -38.85 -21.41 -3.28
CA GLN B 545 -39.58 -22.48 -3.94
C GLN B 545 -38.87 -23.83 -3.93
N PHE B 546 -37.54 -23.81 -3.85
CA PHE B 546 -36.78 -25.04 -3.85
C PHE B 546 -36.83 -25.76 -2.52
N GLY B 547 -36.95 -25.00 -1.44
CA GLY B 547 -37.02 -25.60 -0.12
C GLY B 547 -38.04 -26.72 -0.09
N PRO B 548 -39.33 -26.40 -0.36
CA PRO B 548 -40.40 -27.39 -0.35
C PRO B 548 -40.22 -28.45 -1.44
N ALA B 549 -39.77 -28.03 -2.61
CA ALA B 549 -39.57 -28.95 -3.71
C ALA B 549 -38.70 -30.10 -3.26
N ILE B 550 -37.67 -29.79 -2.46
CA ILE B 550 -36.77 -30.82 -1.96
C ILE B 550 -37.55 -31.78 -1.07
N VAL B 551 -38.39 -31.21 -0.20
CA VAL B 551 -39.22 -31.99 0.71
C VAL B 551 -40.26 -32.80 -0.06
N SER B 552 -40.52 -32.38 -1.29
CA SER B 552 -41.50 -33.06 -2.13
C SER B 552 -40.88 -34.27 -2.81
N LEU B 553 -39.91 -34.02 -3.68
CA LEU B 553 -39.24 -35.08 -4.41
C LEU B 553 -38.63 -36.12 -3.47
N ILE B 554 -38.39 -35.73 -2.22
CA ILE B 554 -37.81 -36.65 -1.26
C ILE B 554 -38.81 -37.75 -0.92
N ASP B 555 -40.07 -37.38 -0.74
CA ASP B 555 -41.11 -38.35 -0.41
C ASP B 555 -41.44 -39.19 -1.64
N GLN B 556 -41.65 -38.50 -2.76
CA GLN B 556 -41.97 -39.14 -4.02
C GLN B 556 -41.03 -40.29 -4.35
N HIS B 557 -39.76 -40.16 -3.96
CA HIS B 557 -38.77 -41.19 -4.21
C HIS B 557 -38.48 -42.05 -2.98
N PHE B 558 -38.53 -41.43 -1.81
CA PHE B 558 -38.30 -42.12 -0.56
C PHE B 558 -39.67 -42.23 0.10
N GLY B 559 -39.82 -41.85 1.37
CA GLY B 559 -41.13 -41.94 2.00
C GLY B 559 -41.61 -43.38 2.09
N SER B 560 -41.98 -43.94 0.94
CA SER B 560 -42.44 -45.32 0.88
C SER B 560 -41.24 -46.20 1.19
N ALA B 561 -40.08 -45.78 0.71
CA ALA B 561 -38.83 -46.49 0.91
C ALA B 561 -38.64 -46.90 2.36
N MSE B 562 -39.14 -46.07 3.28
CA MSE B 562 -39.01 -46.36 4.70
C MSE B 562 -40.05 -45.61 5.53
O MSE B 562 -39.81 -44.47 5.94
CB MSE B 562 -37.61 -46.02 5.20
CG MSE B 562 -37.08 -46.96 6.28
SE MSE B 562 -38.14 -47.09 7.75
CE MSE B 562 -39.06 -48.61 7.38
N THR B 563 -41.19 -46.25 5.75
CA THR B 563 -42.26 -45.66 6.53
C THR B 563 -42.29 -46.25 7.93
N GLY B 564 -42.73 -45.45 8.90
CA GLY B 564 -42.80 -45.93 10.27
C GLY B 564 -41.57 -45.54 11.08
N SER B 565 -40.57 -44.96 10.43
CA SER B 565 -39.35 -44.55 11.10
C SER B 565 -39.24 -43.03 11.19
N ASN B 566 -38.04 -42.53 11.50
CA ASN B 566 -37.80 -41.10 11.60
C ASN B 566 -37.04 -40.56 10.39
N LEU B 567 -36.80 -41.43 9.40
CA LEU B 567 -36.10 -41.04 8.19
C LEU B 567 -36.97 -40.09 7.37
N ARG B 568 -37.15 -38.90 7.93
CA ARG B 568 -37.95 -37.85 7.33
C ARG B 568 -37.38 -36.50 7.78
N ASP B 569 -37.66 -36.14 9.03
CA ASP B 569 -37.18 -34.88 9.57
C ASP B 569 -35.66 -34.83 9.49
N GLU B 570 -35.01 -35.98 9.64
CA GLU B 570 -33.57 -36.07 9.59
C GLU B 570 -33.02 -35.97 8.18
N LEU B 571 -33.55 -36.79 7.28
CA LEU B 571 -33.09 -36.80 5.90
C LEU B 571 -33.25 -35.42 5.26
N VAL B 572 -34.32 -34.72 5.59
CA VAL B 572 -34.58 -33.40 5.03
C VAL B 572 -33.64 -32.33 5.59
N GLU B 573 -33.22 -32.52 6.83
CA GLU B 573 -32.31 -31.59 7.48
C GLU B 573 -30.90 -31.75 6.93
N LYS B 574 -30.34 -32.95 7.13
CA LYS B 574 -29.00 -33.27 6.68
C LYS B 574 -28.77 -33.05 5.19
N VAL B 575 -29.76 -33.36 4.35
CA VAL B 575 -29.61 -33.17 2.92
C VAL B 575 -29.56 -31.68 2.61
N ASN B 576 -30.46 -30.92 3.23
CA ASN B 576 -30.50 -29.49 3.02
C ASN B 576 -29.17 -28.90 3.50
N LYS B 577 -28.72 -29.34 4.66
CA LYS B 577 -27.47 -28.87 5.24
C LYS B 577 -26.26 -29.16 4.36
N THR B 578 -26.09 -30.40 3.93
CA THR B 578 -24.96 -30.75 3.10
C THR B 578 -25.09 -30.14 1.71
N LEU B 579 -26.32 -29.79 1.35
CA LEU B 579 -26.59 -29.21 0.05
C LEU B 579 -26.12 -27.77 0.04
N ALA B 580 -26.23 -27.11 1.19
CA ALA B 580 -25.82 -25.72 1.32
C ALA B 580 -24.31 -25.57 1.47
N LYS B 581 -23.69 -26.48 2.21
CA LYS B 581 -22.25 -26.41 2.43
C LYS B 581 -21.48 -26.58 1.13
N ARG B 582 -22.01 -27.39 0.21
CA ARG B 582 -21.33 -27.61 -1.07
C ARG B 582 -21.64 -26.53 -2.08
N LEU B 583 -22.80 -25.89 -1.97
CA LEU B 583 -23.15 -24.83 -2.90
C LEU B 583 -22.34 -23.56 -2.62
N GLU B 584 -21.98 -23.36 -1.36
CA GLU B 584 -21.19 -22.20 -0.96
C GLU B 584 -19.92 -22.08 -1.80
N GLN B 585 -19.22 -23.20 -1.96
CA GLN B 585 -17.97 -23.23 -2.71
C GLN B 585 -18.08 -23.69 -4.16
N THR B 586 -19.29 -23.80 -4.69
CA THR B 586 -19.47 -24.25 -6.06
C THR B 586 -20.10 -23.17 -6.94
N ASN B 587 -20.18 -21.96 -6.40
CA ASN B 587 -20.76 -20.84 -7.12
C ASN B 587 -19.98 -20.39 -8.36
N SER B 588 -18.98 -21.16 -8.76
CA SER B 588 -18.19 -20.82 -9.94
C SER B 588 -18.52 -21.79 -11.07
N TYR B 589 -19.33 -22.79 -10.76
CA TYR B 589 -19.76 -23.78 -11.75
C TYR B 589 -20.89 -23.17 -12.59
N ASP B 590 -21.07 -23.69 -13.80
CA ASP B 590 -22.10 -23.21 -14.70
C ASP B 590 -23.51 -23.24 -14.11
N LEU B 591 -24.18 -24.38 -14.21
CA LEU B 591 -25.52 -24.54 -13.65
C LEU B 591 -25.88 -26.01 -13.61
N VAL B 592 -25.72 -26.68 -14.74
CA VAL B 592 -26.04 -28.09 -14.83
C VAL B 592 -25.10 -28.93 -13.97
N PRO B 593 -23.78 -28.89 -14.22
CA PRO B 593 -22.82 -29.68 -13.43
C PRO B 593 -22.84 -29.29 -11.95
N ARG B 594 -23.12 -28.01 -11.72
CA ARG B 594 -23.20 -27.46 -10.39
C ARG B 594 -24.25 -28.24 -9.59
N TRP B 595 -25.47 -28.27 -10.11
CA TRP B 595 -26.54 -28.98 -9.44
C TRP B 595 -26.35 -30.50 -9.37
N HIS B 596 -25.74 -31.09 -10.38
CA HIS B 596 -25.49 -32.53 -10.35
C HIS B 596 -24.41 -32.79 -9.31
N ASP B 597 -23.52 -31.82 -9.15
CA ASP B 597 -22.45 -31.93 -8.17
C ASP B 597 -23.07 -31.90 -6.79
N ALA B 598 -24.00 -30.97 -6.60
CA ALA B 598 -24.68 -30.79 -5.33
C ALA B 598 -25.37 -32.06 -4.83
N PHE B 599 -26.41 -32.51 -5.54
CA PHE B 599 -27.14 -33.69 -5.10
C PHE B 599 -26.30 -34.96 -5.17
N SER B 600 -25.26 -34.95 -5.98
CA SER B 600 -24.38 -36.11 -6.08
C SER B 600 -23.80 -36.28 -4.68
N PHE B 601 -23.43 -35.15 -4.09
CA PHE B 601 -22.87 -35.11 -2.74
C PHE B 601 -23.98 -35.47 -1.77
N ALA B 602 -25.18 -34.96 -2.08
CA ALA B 602 -26.36 -35.21 -1.24
C ALA B 602 -26.65 -36.71 -1.18
N ALA B 603 -26.59 -37.36 -2.33
CA ALA B 603 -26.85 -38.79 -2.42
C ALA B 603 -25.97 -39.54 -1.43
N GLY B 604 -24.78 -39.02 -1.19
CA GLY B 604 -23.87 -39.64 -0.26
C GLY B 604 -24.43 -39.54 1.15
N THR B 605 -25.14 -38.44 1.41
CA THR B 605 -25.74 -38.24 2.72
C THR B 605 -26.94 -39.18 2.86
N VAL B 606 -27.63 -39.41 1.75
CA VAL B 606 -28.79 -40.30 1.76
C VAL B 606 -28.35 -41.70 2.19
N VAL B 607 -27.26 -42.17 1.61
CA VAL B 607 -26.72 -43.48 1.91
C VAL B 607 -26.41 -43.65 3.40
N GLU B 608 -26.19 -42.54 4.10
CA GLU B 608 -25.89 -42.59 5.52
C GLU B 608 -27.17 -42.67 6.34
N VAL B 609 -28.08 -41.74 6.09
CA VAL B 609 -29.34 -41.70 6.81
C VAL B 609 -30.15 -42.96 6.50
N LEU B 610 -30.35 -43.24 5.22
CA LEU B 610 -31.10 -44.41 4.79
C LEU B 610 -30.18 -45.62 4.67
N SER B 611 -29.44 -45.90 5.73
CA SER B 611 -28.53 -47.03 5.74
C SER B 611 -29.36 -48.31 5.83
N SER B 612 -30.34 -48.29 6.73
CA SER B 612 -31.22 -49.43 6.93
C SER B 612 -32.49 -49.29 6.09
N THR B 613 -32.38 -49.59 4.80
CA THR B 613 -33.52 -49.50 3.90
C THR B 613 -33.25 -50.24 2.60
N SER B 614 -34.31 -50.75 1.99
CA SER B 614 -34.21 -51.49 0.74
C SER B 614 -34.37 -50.57 -0.46
N LEU B 615 -33.25 -50.14 -1.03
CA LEU B 615 -33.27 -49.26 -2.18
C LEU B 615 -32.05 -49.51 -3.07
N SER B 616 -32.27 -49.52 -4.39
CA SER B 616 -31.20 -49.75 -5.34
C SER B 616 -30.38 -48.49 -5.55
N LEU B 617 -29.15 -48.65 -6.04
CA LEU B 617 -28.29 -47.50 -6.27
C LEU B 617 -28.85 -46.66 -7.41
N ALA B 618 -29.68 -47.29 -8.23
CA ALA B 618 -30.30 -46.60 -9.36
C ALA B 618 -31.55 -45.90 -8.85
N ALA B 619 -32.01 -46.33 -7.68
CA ALA B 619 -33.20 -45.74 -7.08
C ALA B 619 -32.84 -44.34 -6.60
N VAL B 620 -31.68 -44.22 -5.98
CA VAL B 620 -31.21 -42.93 -5.47
C VAL B 620 -30.67 -42.09 -6.62
N ASN B 621 -29.95 -42.71 -7.54
CA ASN B 621 -29.39 -41.99 -8.68
C ASN B 621 -30.53 -41.32 -9.43
N ALA B 622 -31.73 -41.89 -9.31
CA ALA B 622 -32.90 -41.34 -9.96
C ALA B 622 -33.35 -40.10 -9.20
N TRP B 623 -33.23 -40.17 -7.88
CA TRP B 623 -33.58 -39.06 -7.01
C TRP B 623 -32.64 -37.90 -7.30
N LYS B 624 -31.35 -38.20 -7.35
CA LYS B 624 -30.32 -37.21 -7.62
C LYS B 624 -30.60 -36.44 -8.91
N VAL B 625 -30.59 -37.14 -10.04
CA VAL B 625 -30.84 -36.52 -11.33
C VAL B 625 -32.13 -35.71 -11.30
N ALA B 626 -33.15 -36.28 -10.67
CA ALA B 626 -34.45 -35.61 -10.57
C ALA B 626 -34.32 -34.29 -9.85
N ALA B 627 -33.67 -34.32 -8.69
CA ALA B 627 -33.46 -33.14 -7.87
C ALA B 627 -32.71 -32.07 -8.66
N ALA B 628 -31.56 -32.44 -9.21
CA ALA B 628 -30.74 -31.52 -9.99
C ALA B 628 -31.52 -30.95 -11.16
N GLU B 629 -32.28 -31.79 -11.86
CA GLU B 629 -33.08 -31.36 -12.99
C GLU B 629 -34.09 -30.32 -12.53
N SER B 630 -34.68 -30.57 -11.36
CA SER B 630 -35.65 -29.68 -10.78
C SER B 630 -35.02 -28.32 -10.50
N ALA B 631 -33.86 -28.35 -9.86
CA ALA B 631 -33.12 -27.15 -9.52
C ALA B 631 -32.72 -26.37 -10.77
N ILE B 632 -32.17 -27.06 -11.77
CA ILE B 632 -31.76 -26.41 -13.00
C ILE B 632 -32.94 -25.69 -13.63
N SER B 633 -34.07 -26.39 -13.71
CA SER B 633 -35.27 -25.82 -14.29
C SER B 633 -35.76 -24.65 -13.45
N LEU B 634 -35.83 -24.87 -12.14
CA LEU B 634 -36.28 -23.86 -11.20
C LEU B 634 -35.50 -22.56 -11.35
N THR B 635 -34.18 -22.64 -11.23
CA THR B 635 -33.34 -21.46 -11.33
C THR B 635 -33.57 -20.73 -12.65
N ARG B 636 -33.65 -21.49 -13.73
CA ARG B 636 -33.88 -20.92 -15.04
C ARG B 636 -35.23 -20.22 -15.10
N GLN B 637 -36.16 -20.70 -14.28
CA GLN B 637 -37.50 -20.14 -14.22
C GLN B 637 -37.50 -18.81 -13.46
N VAL B 638 -36.94 -18.85 -12.25
CA VAL B 638 -36.88 -17.64 -11.44
C VAL B 638 -36.08 -16.56 -12.16
N ARG B 639 -35.14 -16.96 -13.01
CA ARG B 639 -34.34 -15.99 -13.75
C ARG B 639 -35.22 -15.24 -14.75
N GLU B 640 -35.84 -15.97 -15.67
CA GLU B 640 -36.70 -15.34 -16.68
C GLU B 640 -37.80 -14.51 -16.05
N THR B 641 -38.28 -14.92 -14.88
CA THR B 641 -39.32 -14.18 -14.20
C THR B 641 -38.75 -12.82 -13.82
N PHE B 642 -37.47 -12.81 -13.45
CA PHE B 642 -36.79 -11.59 -13.06
C PHE B 642 -36.53 -10.67 -14.26
N TRP B 643 -35.94 -11.22 -15.32
CA TRP B 643 -35.64 -10.42 -16.49
C TRP B 643 -36.85 -9.99 -17.31
N SER B 644 -38.02 -10.56 -17.02
CA SER B 644 -39.23 -10.21 -17.75
C SER B 644 -39.92 -9.02 -17.10
N ALA B 645 -39.78 -8.91 -15.78
CA ALA B 645 -40.40 -7.82 -15.04
C ALA B 645 -39.50 -6.57 -15.04
N ALA B 646 -40.13 -5.41 -15.16
CA ALA B 646 -39.39 -4.15 -15.16
C ALA B 646 -38.64 -4.04 -13.83
N SER B 647 -37.56 -3.25 -13.80
CA SER B 647 -36.80 -3.10 -12.58
C SER B 647 -37.68 -2.58 -11.46
N THR B 648 -38.65 -1.75 -11.80
CA THR B 648 -39.58 -1.19 -10.82
C THR B 648 -40.36 -2.29 -10.10
N SER B 649 -40.14 -3.53 -10.53
CA SER B 649 -40.82 -4.67 -9.92
C SER B 649 -39.82 -5.77 -9.57
N SER B 650 -38.54 -5.39 -9.50
CA SER B 650 -37.48 -6.33 -9.18
C SER B 650 -37.69 -6.93 -7.79
N PRO B 651 -37.52 -8.26 -7.66
CA PRO B 651 -37.70 -8.94 -6.38
C PRO B 651 -36.76 -8.40 -5.30
N ALA B 652 -35.77 -7.62 -5.72
CA ALA B 652 -34.80 -7.02 -4.81
C ALA B 652 -35.50 -6.06 -3.85
N LEU B 653 -36.50 -5.35 -4.37
CA LEU B 653 -37.27 -4.39 -3.59
C LEU B 653 -37.99 -5.05 -2.41
N SER B 654 -38.10 -6.38 -2.45
CA SER B 654 -38.76 -7.12 -1.40
C SER B 654 -37.82 -7.46 -0.24
N TYR B 655 -36.52 -7.40 -0.50
CA TYR B 655 -35.54 -7.72 0.53
C TYR B 655 -34.71 -6.52 0.99
N LEU B 656 -34.41 -5.60 0.08
CA LEU B 656 -33.62 -4.43 0.42
C LEU B 656 -34.28 -3.61 1.51
N SER B 657 -33.47 -2.95 2.33
CA SER B 657 -33.99 -2.11 3.39
C SER B 657 -34.70 -0.95 2.69
N PRO B 658 -35.69 -0.34 3.37
CA PRO B 658 -36.45 0.79 2.82
C PRO B 658 -35.53 1.91 2.34
N ARG B 659 -34.56 2.25 3.18
CA ARG B 659 -33.60 3.31 2.91
C ARG B 659 -32.58 3.02 1.80
N THR B 660 -32.05 1.80 1.74
CA THR B 660 -31.09 1.49 0.70
C THR B 660 -31.81 1.35 -0.64
N GLN B 661 -33.08 0.97 -0.59
CA GLN B 661 -33.90 0.83 -1.80
C GLN B 661 -33.89 2.13 -2.58
N ILE B 662 -33.79 3.24 -1.85
CA ILE B 662 -33.75 4.56 -2.45
C ILE B 662 -32.57 4.71 -3.41
N LEU B 663 -31.42 4.16 -3.04
CA LEU B 663 -30.26 4.27 -3.90
C LEU B 663 -30.45 3.35 -5.10
N TYR B 664 -30.94 2.15 -4.84
CA TYR B 664 -31.19 1.18 -5.89
C TYR B 664 -32.14 1.77 -6.94
N ALA B 665 -33.19 2.43 -6.49
CA ALA B 665 -34.16 3.05 -7.39
C ALA B 665 -33.53 4.22 -8.15
N PHE B 666 -32.69 4.99 -7.46
CA PHE B 666 -32.05 6.13 -8.09
C PHE B 666 -31.17 5.69 -9.25
N VAL B 667 -30.51 4.54 -9.09
CA VAL B 667 -29.64 4.02 -10.13
C VAL B 667 -30.40 3.20 -11.17
N ARG B 668 -31.17 2.22 -10.72
CA ARG B 668 -31.91 1.37 -11.62
C ARG B 668 -32.97 2.09 -12.43
N GLU B 669 -33.54 3.17 -11.90
CA GLU B 669 -34.57 3.93 -12.60
C GLU B 669 -34.09 5.24 -13.22
N GLU B 670 -33.89 6.24 -12.38
CA GLU B 670 -33.47 7.57 -12.82
C GLU B 670 -32.19 7.58 -13.66
N LEU B 671 -31.28 6.64 -13.41
CA LEU B 671 -30.03 6.57 -14.16
C LEU B 671 -30.13 5.65 -15.37
N GLY B 672 -31.07 4.71 -15.33
CA GLY B 672 -31.23 3.80 -16.46
C GLY B 672 -30.28 2.61 -16.43
N VAL B 673 -29.27 2.67 -15.57
CA VAL B 673 -28.32 1.59 -15.46
C VAL B 673 -29.02 0.39 -14.84
N LYS B 674 -29.28 -0.63 -15.66
CA LYS B 674 -29.97 -1.84 -15.22
C LYS B 674 -28.97 -2.94 -14.93
N ALA B 675 -29.47 -4.04 -14.40
CA ALA B 675 -28.62 -5.19 -14.13
C ALA B 675 -28.13 -5.62 -15.51
N ARG B 676 -27.16 -6.51 -15.57
CA ARG B 676 -26.66 -6.96 -16.86
C ARG B 676 -26.77 -8.47 -16.93
N ARG B 677 -27.33 -8.99 -18.01
CA ARG B 677 -27.50 -10.43 -18.13
C ARG B 677 -26.29 -11.09 -18.79
N GLY B 678 -25.64 -10.39 -19.72
CA GLY B 678 -24.48 -10.96 -20.37
C GLY B 678 -24.51 -10.90 -21.88
N ASP B 679 -23.46 -10.29 -22.46
CA ASP B 679 -23.36 -10.16 -23.90
C ASP B 679 -23.46 -11.48 -24.63
N VAL B 680 -22.76 -12.51 -24.15
CA VAL B 680 -22.79 -13.81 -24.79
C VAL B 680 -24.21 -14.36 -24.81
N PHE B 681 -24.76 -14.63 -23.63
CA PHE B 681 -26.11 -15.16 -23.50
C PHE B 681 -27.08 -14.44 -24.44
N LEU B 682 -27.22 -13.13 -24.24
CA LEU B 682 -28.11 -12.31 -25.04
C LEU B 682 -27.74 -12.30 -26.53
N GLY B 683 -26.63 -12.94 -26.88
CA GLY B 683 -26.20 -12.97 -28.26
C GLY B 683 -26.01 -11.60 -28.87
N LYS B 684 -25.70 -10.61 -28.03
CA LYS B 684 -25.47 -9.24 -28.52
C LYS B 684 -24.51 -8.46 -27.62
N GLN B 685 -24.02 -7.33 -28.13
CA GLN B 685 -23.10 -6.50 -27.39
C GLN B 685 -23.77 -5.17 -27.00
N GLU B 686 -24.44 -5.15 -25.86
CA GLU B 686 -25.12 -3.94 -25.40
C GLU B 686 -24.16 -2.95 -24.76
N VAL B 687 -24.62 -1.71 -24.58
CA VAL B 687 -23.79 -0.66 -23.98
C VAL B 687 -22.88 -1.26 -22.91
N THR B 688 -21.60 -0.97 -23.04
CA THR B 688 -20.58 -1.48 -22.13
C THR B 688 -20.78 -1.17 -20.65
N ILE B 689 -20.15 -2.02 -19.84
CA ILE B 689 -20.16 -1.88 -18.40
C ILE B 689 -19.70 -0.46 -18.07
N GLY B 690 -18.58 -0.09 -18.67
CA GLY B 690 -18.01 1.23 -18.45
C GLY B 690 -18.97 2.38 -18.68
N SER B 691 -19.63 2.38 -19.84
CA SER B 691 -20.57 3.44 -20.16
C SER B 691 -21.61 3.57 -19.05
N ASN B 692 -21.93 2.45 -18.41
CA ASN B 692 -22.89 2.44 -17.32
C ASN B 692 -22.24 3.03 -16.05
N VAL B 693 -21.07 2.53 -15.69
CA VAL B 693 -20.36 3.03 -14.51
C VAL B 693 -20.18 4.54 -14.64
N SER B 694 -19.88 4.97 -15.86
CA SER B 694 -19.70 6.39 -16.13
C SER B 694 -20.95 7.18 -15.76
N LYS B 695 -22.12 6.59 -15.94
CA LYS B 695 -23.37 7.26 -15.61
C LYS B 695 -23.40 7.53 -14.12
N ILE B 696 -23.16 6.48 -13.33
CA ILE B 696 -23.14 6.59 -11.89
C ILE B 696 -22.08 7.61 -11.47
N TYR B 697 -20.92 7.56 -12.10
CA TYR B 697 -19.83 8.49 -11.83
C TYR B 697 -20.30 9.92 -12.09
N GLU B 698 -20.90 10.12 -13.26
CA GLU B 698 -21.40 11.43 -13.63
C GLU B 698 -22.46 11.94 -12.66
N ALA B 699 -23.18 11.03 -12.01
CA ALA B 699 -24.22 11.40 -11.06
C ALA B 699 -23.58 11.92 -9.77
N ILE B 700 -22.40 11.40 -9.47
CA ILE B 700 -21.67 11.80 -8.27
C ILE B 700 -21.01 13.16 -8.48
N LYS B 701 -20.36 13.32 -9.63
CA LYS B 701 -19.66 14.57 -9.94
C LYS B 701 -20.59 15.77 -10.05
N SER B 702 -21.77 15.57 -10.63
CA SER B 702 -22.73 16.65 -10.80
C SER B 702 -23.38 17.01 -9.45
N GLY B 703 -23.40 16.04 -8.54
CA GLY B 703 -23.99 16.26 -7.23
C GLY B 703 -25.45 15.88 -7.18
N ARG B 704 -25.90 15.15 -8.19
CA ARG B 704 -27.28 14.71 -8.28
C ARG B 704 -27.61 13.69 -7.20
N ILE B 705 -26.63 12.84 -6.90
CA ILE B 705 -26.82 11.80 -5.90
C ILE B 705 -26.85 12.37 -4.48
N ASN B 706 -26.40 13.60 -4.31
CA ASN B 706 -26.36 14.21 -2.99
C ASN B 706 -27.67 14.19 -2.22
N ASN B 707 -28.77 14.58 -2.85
CA ASN B 707 -30.05 14.56 -2.14
C ASN B 707 -30.57 13.15 -1.89
N VAL B 708 -30.22 12.20 -2.74
CA VAL B 708 -30.68 10.84 -2.51
C VAL B 708 -29.90 10.25 -1.34
N LEU B 709 -28.75 10.83 -1.05
CA LEU B 709 -27.95 10.36 0.08
C LEU B 709 -28.57 10.92 1.35
N LEU B 710 -28.89 12.22 1.32
CA LEU B 710 -29.51 12.86 2.47
C LEU B 710 -30.85 12.20 2.75
N LYS B 711 -31.58 11.90 1.68
CA LYS B 711 -32.90 11.29 1.76
C LYS B 711 -32.87 9.95 2.51
N MSE B 712 -31.90 9.09 2.19
CA MSE B 712 -31.81 7.80 2.84
C MSE B 712 -31.18 7.85 4.23
O MSE B 712 -31.36 6.91 5.02
CB MSE B 712 -31.05 6.81 1.93
CG MSE B 712 -29.67 7.26 1.48
SE MSE B 712 -28.90 6.14 0.06
CE MSE B 712 -28.76 4.50 1.06
N LEU B 713 -30.49 8.94 4.55
CA LEU B 713 -29.86 9.08 5.85
C LEU B 713 -30.57 10.08 6.75
N ALA B 714 -31.29 11.02 6.17
CA ALA B 714 -32.02 12.01 6.95
C ALA B 714 -33.20 11.37 7.65
C1 CIN C . -5.29 -15.52 -17.88
C2 CIN C . -4.43 -14.93 -18.86
C3 CIN C . -3.67 -15.74 -19.74
C4 CIN C . -3.75 -17.15 -19.66
C5 CIN C . -4.60 -17.75 -18.70
C6 CIN C . -5.36 -16.95 -17.81
C1' CIN C . -6.10 -14.73 -16.94
C2' CIN C . -6.17 -13.39 -16.84
C3' CIN C . -7.01 -12.69 -15.86
O1' CIN C . -7.74 -13.40 -15.04
O2' CIN C . -7.01 -11.43 -15.85
#